data_2HV7
#
_entry.id   2HV7
#
_cell.length_a   80.041
_cell.length_b   86.096
_cell.length_c   95.099
_cell.angle_alpha   73.91
_cell.angle_beta   89.97
_cell.angle_gamma   73.31
#
_symmetry.space_group_name_H-M   'P 1'
#
loop_
_entity.id
_entity.type
_entity.pdbx_description
1 polymer 'Protein phosphatase 2A, regulatory subunit B'
2 non-polymer "ADENOSINE-5'-DIPHOSPHATE"
#
_entity_poly.entity_id   1
_entity_poly.type   'polypeptide(L)'
_entity_poly.pdbx_seq_one_letter_code
;MAEGERQPPPDSSEEAPPATQNFIIPKKEIHTVPDMGKWKRSQAYADYIGFILTLNEGVKGKKLTFEYRVSEAIEKLVAL
LNTLDRWIDETPPVDQPSRFGNKAYRTWYAKLDEEAENLVATVVPTHLAAAVPEVAVYLKESVGNSTRIDYGTGHEAAFA
AFLCCLCKIGVLRVDDQIAIVFKVFNRYLEVMRKLQKTYRMEPAGSQGVWGLDDFQFLPFIWGSSQLIDHPYLEPRHFVD
EKAVNENHKDYMFLECILFITEMKTGPFAEHSNQLWNISAVPSWSKVNQGLIRMYKAECLEKFPVIQHFKFGSLLPIHPV
TSG
;
_entity_poly.pdbx_strand_id   A,B,C,D,E,F,G,H
#
# COMPACT_ATOMS: atom_id res chain seq x y z
N ASN A 22 -14.16 -11.64 44.83
CA ASN A 22 -15.46 -11.41 44.15
C ASN A 22 -15.55 -10.21 43.17
N PHE A 23 -14.42 -9.55 42.90
CA PHE A 23 -14.38 -8.43 41.95
C PHE A 23 -14.76 -8.89 40.55
N ILE A 24 -15.26 -7.97 39.72
CA ILE A 24 -15.66 -8.27 38.33
C ILE A 24 -15.34 -7.10 37.39
N ILE A 25 -15.23 -7.40 36.10
CA ILE A 25 -15.03 -6.39 35.07
C ILE A 25 -16.27 -5.48 35.03
N PRO A 26 -16.12 -4.17 35.30
CA PRO A 26 -17.28 -3.28 35.29
C PRO A 26 -17.88 -3.20 33.90
N LYS A 27 -19.20 -3.20 33.82
CA LYS A 27 -19.90 -3.22 32.53
C LYS A 27 -20.93 -2.11 32.47
N LYS A 28 -21.40 -1.83 31.25
CA LYS A 28 -22.37 -0.80 31.00
C LYS A 28 -23.78 -1.24 31.41
N GLU A 29 -24.51 -0.34 32.08
CA GLU A 29 -25.84 -0.63 32.65
C GLU A 29 -26.96 0.33 32.23
N ILE A 30 -26.54 1.47 31.69
CA ILE A 30 -27.46 2.53 31.28
C ILE A 30 -27.55 2.50 29.76
N HIS A 31 -28.53 1.75 29.26
CA HIS A 31 -28.70 1.49 27.84
C HIS A 31 -29.78 2.36 27.21
N THR A 32 -30.75 2.74 28.03
CA THR A 32 -31.87 3.54 27.56
C THR A 32 -32.08 4.71 28.51
N VAL A 33 -32.97 5.63 28.14
CA VAL A 33 -33.29 6.78 28.97
C VAL A 33 -34.10 6.40 30.23
N PRO A 34 -35.02 5.43 30.12
CA PRO A 34 -35.62 4.88 31.35
C PRO A 34 -34.61 4.27 32.34
N ASP A 35 -33.41 3.91 31.90
CA ASP A 35 -32.41 3.32 32.80
C ASP A 35 -31.84 4.31 33.83
N MET A 36 -31.99 5.61 33.56
CA MET A 36 -31.47 6.65 34.46
C MET A 36 -32.05 6.54 35.88
N GLY A 37 -33.22 5.94 35.99
CA GLY A 37 -33.84 5.62 37.27
C GLY A 37 -32.96 4.78 38.16
N LYS A 38 -32.64 3.55 37.72
CA LYS A 38 -31.90 2.60 38.56
C LYS A 38 -30.48 3.06 38.87
N TRP A 39 -29.98 3.96 38.03
CA TRP A 39 -28.72 4.64 38.26
C TRP A 39 -28.87 5.51 39.49
N LYS A 40 -29.85 6.42 39.46
CA LYS A 40 -30.02 7.37 40.55
C LYS A 40 -30.36 6.69 41.88
N ARG A 41 -30.65 5.39 41.85
CA ARG A 41 -30.91 4.62 43.08
C ARG A 41 -29.88 3.51 43.28
N SER A 42 -28.86 3.51 42.43
CA SER A 42 -27.73 2.59 42.58
C SER A 42 -26.84 2.97 43.73
N GLN A 43 -26.24 1.94 44.33
CA GLN A 43 -25.24 2.11 45.37
C GLN A 43 -24.13 3.00 44.85
N ALA A 44 -23.63 2.65 43.66
CA ALA A 44 -22.66 3.41 42.93
C ALA A 44 -22.96 4.88 42.95
N TYR A 45 -24.19 5.24 42.58
CA TYR A 45 -24.56 6.64 42.52
C TYR A 45 -24.32 7.26 43.86
N ALA A 46 -24.95 6.69 44.87
CA ALA A 46 -24.81 7.17 46.25
C ALA A 46 -23.34 7.21 46.64
N ASP A 47 -22.60 6.16 46.30
CA ASP A 47 -21.19 6.06 46.65
C ASP A 47 -20.42 7.19 45.98
N TYR A 48 -20.59 7.31 44.66
CA TYR A 48 -19.97 8.36 43.85
C TYR A 48 -20.19 9.78 44.40
N ILE A 49 -21.44 10.17 44.64
CA ILE A 49 -21.72 11.55 45.00
C ILE A 49 -21.19 11.88 46.38
N GLY A 50 -21.35 10.95 47.31
CA GLY A 50 -20.88 11.12 48.69
C GLY A 50 -19.39 11.27 48.67
N PHE A 51 -18.74 10.46 47.84
CA PHE A 51 -17.31 10.55 47.65
C PHE A 51 -16.91 11.91 47.11
N ILE A 52 -17.68 12.39 46.14
CA ILE A 52 -17.49 13.71 45.58
C ILE A 52 -17.58 14.80 46.66
N LEU A 53 -18.63 14.74 47.47
CA LEU A 53 -18.84 15.73 48.51
C LEU A 53 -17.86 15.56 49.67
N THR A 54 -17.43 14.33 49.93
CA THR A 54 -16.44 14.04 50.99
C THR A 54 -15.14 14.79 50.73
N LEU A 55 -14.72 14.80 49.48
CA LEU A 55 -13.49 15.46 49.09
C LEU A 55 -13.73 16.95 48.99
N ASN A 56 -14.94 17.31 48.59
CA ASN A 56 -15.29 18.70 48.47
C ASN A 56 -15.13 19.41 49.80
N GLU A 57 -15.61 18.77 50.87
CA GLU A 57 -15.52 19.34 52.21
C GLU A 57 -14.08 19.41 52.71
N GLY A 58 -13.31 18.36 52.42
CA GLY A 58 -11.92 18.27 52.86
C GLY A 58 -11.03 19.39 52.35
N VAL A 59 -11.45 20.03 51.26
CA VAL A 59 -10.66 21.13 50.65
C VAL A 59 -11.04 22.59 51.02
N LYS A 60 -12.21 22.76 51.63
CA LYS A 60 -12.69 24.08 52.14
C LYS A 60 -11.61 25.08 52.60
N GLY A 61 -11.60 26.27 52.01
CA GLY A 61 -10.69 27.36 52.38
C GLY A 61 -9.18 27.13 52.33
N LYS A 62 -8.74 26.09 51.65
CA LYS A 62 -7.33 25.70 51.72
C LYS A 62 -6.59 25.84 50.39
N LYS A 63 -5.48 26.57 50.43
CA LYS A 63 -4.63 26.80 49.26
C LYS A 63 -4.00 25.51 48.77
N LEU A 64 -3.67 25.45 47.49
CA LEU A 64 -2.98 24.30 46.93
C LEU A 64 -1.66 24.03 47.65
N THR A 65 -1.09 25.10 48.20
CA THR A 65 0.21 25.11 48.87
C THR A 65 0.11 24.70 50.34
N PHE A 66 -1.09 24.27 50.72
CA PHE A 66 -1.37 23.72 52.03
C PHE A 66 -0.48 22.53 52.39
N GLU A 67 -0.20 22.38 53.69
CA GLU A 67 0.56 21.25 54.18
C GLU A 67 -0.35 20.06 54.45
N TYR A 68 -0.35 19.09 53.54
CA TYR A 68 -1.20 17.90 53.70
C TYR A 68 -0.44 16.57 53.82
N ARG A 69 -1.16 15.55 54.29
CA ARG A 69 -0.67 14.17 54.34
C ARG A 69 -0.39 13.70 52.92
N VAL A 70 0.85 13.35 52.66
CA VAL A 70 1.17 12.63 51.44
C VAL A 70 1.60 11.21 51.80
N SER A 71 0.88 10.25 51.24
CA SER A 71 1.09 8.84 51.54
C SER A 71 1.70 8.19 50.31
N GLU A 72 2.60 7.24 50.54
CA GLU A 72 3.21 6.40 49.49
C GLU A 72 2.25 6.04 48.34
N ALA A 73 0.99 5.72 48.65
CA ALA A 73 -0.02 5.48 47.61
C ALA A 73 -0.24 6.68 46.68
N ILE A 74 -0.28 7.88 47.25
CA ILE A 74 -0.34 9.11 46.45
C ILE A 74 0.88 9.19 45.55
N GLU A 75 2.06 9.00 46.13
CA GLU A 75 3.33 9.02 45.38
C GLU A 75 3.28 8.03 44.21
N LYS A 76 2.85 6.79 44.48
CA LYS A 76 2.72 5.78 43.42
C LYS A 76 1.67 6.12 42.34
N LEU A 77 0.64 6.91 42.70
CA LEU A 77 -0.35 7.40 41.71
C LEU A 77 0.18 8.52 40.84
N VAL A 78 0.86 9.49 41.46
CA VAL A 78 1.52 10.55 40.72
C VAL A 78 2.52 9.94 39.77
N ALA A 79 3.23 8.91 40.22
CA ALA A 79 4.13 8.16 39.34
C ALA A 79 3.34 7.47 38.22
N LEU A 80 2.15 6.95 38.52
CA LEU A 80 1.32 6.35 37.47
C LEU A 80 1.00 7.42 36.42
N LEU A 81 0.52 8.58 36.87
CA LEU A 81 0.22 9.68 35.95
C LEU A 81 1.44 10.17 35.15
N ASN A 82 2.60 10.22 35.80
CA ASN A 82 3.84 10.66 35.14
C ASN A 82 4.25 9.77 33.97
N THR A 83 4.02 8.47 34.12
CA THR A 83 4.16 7.53 33.00
C THR A 83 3.21 7.91 31.85
N LEU A 84 2.01 8.36 32.18
CA LEU A 84 1.05 8.74 31.15
C LEU A 84 1.56 9.98 30.44
N ASP A 85 2.05 10.92 31.22
CA ASP A 85 2.67 12.11 30.68
C ASP A 85 3.80 11.71 29.73
N ARG A 86 4.73 10.88 30.21
CA ARG A 86 5.87 10.40 29.42
C ARG A 86 5.48 9.82 28.07
N TRP A 87 4.46 8.95 28.05
CA TRP A 87 4.08 8.34 26.78
C TRP A 87 3.71 9.37 25.71
N ILE A 88 3.19 10.52 26.14
CA ILE A 88 2.81 11.57 25.20
C ILE A 88 4.04 12.05 24.46
N ASP A 89 5.13 12.25 25.22
CA ASP A 89 6.44 12.62 24.65
C ASP A 89 6.98 11.52 23.79
N GLU A 90 6.78 10.28 24.21
CA GLU A 90 7.17 9.16 23.37
C GLU A 90 6.31 9.03 22.09
N THR A 91 5.18 9.74 22.07
CA THR A 91 4.25 9.61 20.96
C THR A 91 3.94 10.98 20.38
N PRO A 92 4.89 11.55 19.60
CA PRO A 92 4.67 12.87 19.03
C PRO A 92 3.59 12.84 17.94
N PRO A 93 2.77 13.91 17.86
CA PRO A 93 1.68 14.08 16.89
C PRO A 93 2.13 13.84 15.46
N VAL A 94 1.27 13.25 14.63
CA VAL A 94 1.59 13.06 13.22
C VAL A 94 1.70 14.39 12.50
N ASP A 95 2.52 14.41 11.45
CA ASP A 95 2.78 15.59 10.62
C ASP A 95 1.83 15.70 9.42
N GLN A 96 0.87 14.77 9.31
CA GLN A 96 -0.19 14.83 8.30
C GLN A 96 -0.86 16.21 8.29
N PRO A 97 -1.39 16.63 7.14
CA PRO A 97 -2.40 17.67 7.07
C PRO A 97 -3.34 17.65 8.28
N SER A 98 -4.37 16.79 8.26
CA SER A 98 -5.34 16.57 9.39
C SER A 98 -6.10 17.79 9.92
N ARG A 99 -7.31 17.58 10.43
CA ARG A 99 -8.04 18.75 10.95
C ARG A 99 -8.74 18.72 12.32
N PHE A 100 -8.92 17.55 12.93
CA PHE A 100 -9.46 17.59 14.29
C PHE A 100 -8.42 17.04 15.25
N GLY A 101 -8.85 16.16 16.15
CA GLY A 101 -7.90 15.47 17.00
C GLY A 101 -6.88 14.78 16.14
N ASN A 102 -5.62 14.90 16.55
CA ASN A 102 -4.48 14.27 15.88
C ASN A 102 -4.55 12.77 16.13
N LYS A 103 -4.21 11.96 15.13
CA LYS A 103 -4.42 10.51 15.25
C LYS A 103 -3.32 9.77 16.03
N ALA A 104 -2.30 10.49 16.46
CA ALA A 104 -1.30 9.90 17.34
C ALA A 104 -1.88 9.68 18.76
N TYR A 105 -3.08 10.21 19.00
CA TYR A 105 -3.81 10.00 20.26
C TYR A 105 -4.16 8.52 20.40
N ARG A 106 -4.51 7.90 19.27
CA ARG A 106 -4.87 6.51 19.26
C ARG A 106 -3.69 5.64 19.64
N THR A 107 -2.50 6.10 19.27
CA THR A 107 -1.29 5.35 19.57
C THR A 107 -1.04 5.49 21.05
N TRP A 108 -1.17 6.70 21.57
CA TRP A 108 -1.14 6.91 23.02
C TRP A 108 -2.16 6.06 23.78
N TYR A 109 -3.44 6.23 23.47
CA TYR A 109 -4.49 5.44 24.10
C TYR A 109 -4.27 3.92 24.10
N ALA A 110 -3.73 3.42 23.00
CA ALA A 110 -3.46 2.01 22.89
C ALA A 110 -2.43 1.57 23.91
N LYS A 111 -1.41 2.40 24.12
CA LYS A 111 -0.34 2.07 25.06
C LYS A 111 -0.94 1.92 26.47
N LEU A 112 -1.84 2.83 26.84
CA LEU A 112 -2.59 2.72 28.08
C LEU A 112 -3.45 1.44 28.17
N ASP A 113 -4.15 1.09 27.09
CA ASP A 113 -5.05 -0.05 27.13
C ASP A 113 -4.27 -1.35 27.41
N GLU A 114 -3.10 -1.47 26.81
CA GLU A 114 -2.18 -2.57 27.09
C GLU A 114 -1.65 -2.50 28.53
N GLU A 115 -1.41 -1.30 29.02
CA GLU A 115 -0.62 -1.14 30.24
C GLU A 115 -1.38 -0.64 31.50
N ALA A 116 -2.71 -0.51 31.44
CA ALA A 116 -3.49 -0.02 32.60
C ALA A 116 -3.38 -0.94 33.81
N GLU A 117 -3.55 -2.24 33.56
CA GLU A 117 -3.48 -3.21 34.63
C GLU A 117 -2.09 -3.19 35.28
N ASN A 118 -1.04 -3.45 34.47
CA ASN A 118 0.33 -3.39 34.95
C ASN A 118 0.58 -2.16 35.84
N LEU A 119 -0.13 -1.08 35.57
CA LEU A 119 0.08 0.19 36.28
C LEU A 119 -0.65 0.26 37.62
N VAL A 120 -1.94 -0.05 37.61
CA VAL A 120 -2.72 -0.17 38.82
C VAL A 120 -2.02 -1.17 39.75
N ALA A 121 -1.46 -2.24 39.17
CA ALA A 121 -0.63 -3.20 39.92
C ALA A 121 0.50 -2.62 40.80
N THR A 122 1.03 -1.45 40.44
CA THR A 122 2.06 -0.80 41.25
C THR A 122 1.50 -0.17 42.53
N VAL A 123 0.17 -0.03 42.55
CA VAL A 123 -0.55 0.62 43.64
C VAL A 123 -1.36 -0.38 44.51
N VAL A 124 -1.69 -1.55 43.95
CA VAL A 124 -2.52 -2.54 44.65
C VAL A 124 -1.70 -3.71 45.25
N PRO A 125 -1.86 -3.99 46.57
CA PRO A 125 -1.18 -5.12 47.21
C PRO A 125 -1.58 -6.44 46.60
N THR A 126 -0.69 -7.42 46.68
CA THR A 126 -0.89 -8.73 46.07
C THR A 126 -2.15 -9.45 46.54
N HIS A 127 -2.46 -9.36 47.84
CA HIS A 127 -3.67 -10.01 48.36
C HIS A 127 -4.96 -9.43 47.76
N LEU A 128 -4.82 -8.36 46.98
CA LEU A 128 -5.95 -7.80 46.25
C LEU A 128 -5.72 -7.82 44.75
N ALA A 129 -4.83 -8.71 44.30
CA ALA A 129 -4.57 -8.87 42.88
C ALA A 129 -5.87 -8.85 42.07
N ALA A 130 -6.76 -9.81 42.34
CA ALA A 130 -8.06 -9.92 41.64
C ALA A 130 -8.82 -8.60 41.36
N ALA A 131 -8.56 -7.55 42.13
CA ALA A 131 -9.23 -6.26 41.96
C ALA A 131 -8.63 -5.42 40.81
N VAL A 132 -7.36 -5.65 40.49
CA VAL A 132 -6.68 -4.92 39.43
C VAL A 132 -7.53 -4.77 38.16
N PRO A 133 -8.02 -5.90 37.57
CA PRO A 133 -8.84 -5.75 36.36
C PRO A 133 -10.08 -4.86 36.55
N GLU A 134 -10.80 -5.04 37.65
CA GLU A 134 -11.95 -4.17 37.93
C GLU A 134 -11.54 -2.70 38.07
N VAL A 135 -10.43 -2.45 38.77
CA VAL A 135 -10.00 -1.08 39.07
C VAL A 135 -9.47 -0.37 37.84
N ALA A 136 -8.71 -1.10 37.02
CA ALA A 136 -8.08 -0.55 35.82
C ALA A 136 -9.11 -0.09 34.79
N VAL A 137 -10.28 -0.71 34.80
CA VAL A 137 -11.27 -0.33 33.81
C VAL A 137 -11.50 1.18 33.93
N TYR A 138 -11.86 1.64 35.13
CA TYR A 138 -12.13 3.06 35.31
C TYR A 138 -10.99 3.93 34.78
N LEU A 139 -9.75 3.47 35.03
CA LEU A 139 -8.56 4.17 34.54
C LEU A 139 -8.61 4.31 33.03
N LYS A 140 -9.01 3.24 32.35
CA LYS A 140 -9.07 3.21 30.88
C LYS A 140 -10.18 4.06 30.31
N GLU A 141 -11.12 4.43 31.17
CA GLU A 141 -12.26 5.21 30.74
C GLU A 141 -12.06 6.66 31.11
N SER A 142 -10.92 6.99 31.67
CA SER A 142 -10.78 8.35 32.18
C SER A 142 -9.97 9.34 31.34
N VAL A 143 -9.53 8.90 30.15
CA VAL A 143 -8.60 9.71 29.37
C VAL A 143 -9.12 10.17 28.03
N GLY A 144 -10.39 9.85 27.73
CA GLY A 144 -11.04 10.26 26.48
C GLY A 144 -11.27 9.13 25.48
N ASN A 145 -11.81 9.49 24.30
CA ASN A 145 -12.23 8.48 23.30
C ASN A 145 -11.30 8.27 22.10
N SER A 146 -10.75 7.06 22.01
CA SER A 146 -9.84 6.65 20.92
C SER A 146 -10.40 6.84 19.50
N THR A 147 -11.66 6.47 19.30
CA THR A 147 -12.27 6.57 17.97
C THR A 147 -12.45 8.03 17.59
N ARG A 148 -12.93 8.84 18.53
CA ARG A 148 -13.42 10.16 18.16
C ARG A 148 -12.45 11.27 18.56
N ILE A 149 -11.35 10.89 19.21
CA ILE A 149 -10.34 11.80 19.78
C ILE A 149 -10.96 12.99 20.51
N ASP A 150 -11.70 12.65 21.56
CA ASP A 150 -12.45 13.66 22.29
C ASP A 150 -12.51 13.30 23.75
N TYR A 151 -13.04 14.20 24.56
CA TYR A 151 -12.96 14.09 26.01
C TYR A 151 -13.96 15.00 26.64
N GLY A 152 -14.54 14.54 27.73
CA GLY A 152 -15.56 15.27 28.48
C GLY A 152 -15.71 14.79 29.91
N THR A 153 -16.64 15.41 30.63
CA THR A 153 -16.95 15.12 32.02
C THR A 153 -17.32 13.64 32.28
N GLY A 154 -17.71 12.92 31.23
CA GLY A 154 -17.97 11.49 31.29
C GLY A 154 -16.67 10.82 31.64
N HIS A 155 -15.58 11.29 31.06
CA HIS A 155 -14.28 10.68 31.34
C HIS A 155 -13.70 11.14 32.66
N GLU A 156 -13.89 12.41 32.96
CA GLU A 156 -13.52 12.95 34.25
C GLU A 156 -14.16 12.13 35.36
N ALA A 157 -15.47 11.89 35.25
CA ALA A 157 -16.21 11.11 36.22
C ALA A 157 -15.52 9.79 36.52
N ALA A 158 -15.19 9.01 35.49
CA ALA A 158 -14.45 7.76 35.63
C ALA A 158 -13.13 7.88 36.40
N PHE A 159 -12.43 9.01 36.27
CA PHE A 159 -11.19 9.15 37.04
C PHE A 159 -11.49 9.36 38.51
N ALA A 160 -12.57 10.04 38.81
CA ALA A 160 -13.03 10.09 40.19
C ALA A 160 -13.42 8.66 40.64
N ALA A 161 -14.12 7.93 39.76
CA ALA A 161 -14.62 6.63 40.14
C ALA A 161 -13.42 5.71 40.34
N PHE A 162 -12.42 5.90 39.49
CA PHE A 162 -11.11 5.26 39.65
C PHE A 162 -10.60 5.42 41.08
N LEU A 163 -10.65 6.66 41.60
CA LEU A 163 -10.06 6.99 42.91
C LEU A 163 -10.87 6.48 44.09
N CYS A 164 -12.19 6.56 43.94
CA CYS A 164 -13.16 6.00 44.86
C CYS A 164 -12.93 4.50 45.10
N CYS A 165 -12.79 3.75 44.02
CA CYS A 165 -12.48 2.33 44.08
C CYS A 165 -11.29 2.02 44.99
N LEU A 166 -10.22 2.81 44.84
CA LEU A 166 -9.02 2.71 45.67
C LEU A 166 -9.26 3.01 47.15
N CYS A 167 -10.25 3.85 47.43
CA CYS A 167 -10.69 4.06 48.82
C CYS A 167 -11.47 2.83 49.25
N LYS A 168 -12.45 2.42 48.42
CA LYS A 168 -13.29 1.26 48.71
C LYS A 168 -12.46 0.05 49.15
N ILE A 169 -11.26 -0.11 48.58
CA ILE A 169 -10.41 -1.25 48.93
C ILE A 169 -9.27 -0.88 49.88
N GLY A 170 -9.32 0.34 50.40
CA GLY A 170 -8.40 0.78 51.43
C GLY A 170 -6.96 0.89 50.97
N VAL A 171 -6.77 1.09 49.67
CA VAL A 171 -5.48 1.51 49.15
C VAL A 171 -5.36 3.02 49.40
N LEU A 172 -6.40 3.77 49.04
CA LEU A 172 -6.49 5.17 49.49
C LEU A 172 -7.20 5.30 50.85
N ARG A 173 -6.75 6.29 51.62
CA ARG A 173 -7.22 6.49 53.00
C ARG A 173 -7.93 7.84 53.23
N VAL A 174 -8.83 7.86 54.21
CA VAL A 174 -9.48 9.11 54.62
C VAL A 174 -8.46 10.23 54.90
N ASP A 175 -7.38 9.89 55.59
CA ASP A 175 -6.23 10.77 55.85
C ASP A 175 -5.66 11.44 54.58
N ASP A 176 -5.89 10.79 53.44
CA ASP A 176 -5.38 11.23 52.15
C ASP A 176 -6.34 12.15 51.40
N GLN A 177 -7.60 12.22 51.82
CA GLN A 177 -8.64 12.83 50.97
C GLN A 177 -8.46 14.33 50.63
N ILE A 178 -7.39 14.91 51.11
CA ILE A 178 -6.97 16.24 50.71
C ILE A 178 -5.95 16.13 49.56
N ALA A 179 -5.00 15.19 49.71
CA ALA A 179 -4.00 14.88 48.70
C ALA A 179 -4.57 14.21 47.44
N ILE A 180 -5.77 13.65 47.55
CA ILE A 180 -6.42 13.09 46.37
C ILE A 180 -6.73 14.24 45.40
N VAL A 181 -7.32 15.31 45.93
CA VAL A 181 -7.64 16.49 45.14
C VAL A 181 -6.37 17.31 44.78
N PHE A 182 -5.65 17.75 45.79
CA PHE A 182 -4.58 18.74 45.61
C PHE A 182 -3.36 18.17 44.93
N LYS A 183 -3.12 16.88 45.10
CA LYS A 183 -1.95 16.28 44.49
C LYS A 183 -2.25 15.42 43.27
N VAL A 184 -3.09 14.41 43.43
CA VAL A 184 -3.29 13.40 42.38
C VAL A 184 -4.20 13.91 41.28
N PHE A 185 -5.39 14.38 41.67
CA PHE A 185 -6.35 14.84 40.69
C PHE A 185 -5.78 16.09 40.01
N ASN A 186 -5.08 16.91 40.78
CA ASN A 186 -4.51 18.14 40.25
C ASN A 186 -3.44 17.86 39.22
N ARG A 187 -2.69 16.77 39.42
CA ARG A 187 -1.73 16.28 38.42
C ARG A 187 -2.44 15.70 37.18
N TYR A 188 -3.47 14.88 37.42
CA TYR A 188 -4.32 14.33 36.37
C TYR A 188 -4.82 15.44 35.43
N LEU A 189 -5.19 16.58 36.01
CA LEU A 189 -5.64 17.70 35.22
C LEU A 189 -4.55 18.25 34.33
N GLU A 190 -3.33 18.32 34.85
CA GLU A 190 -2.17 18.77 34.07
C GLU A 190 -1.92 17.81 32.91
N VAL A 191 -2.11 16.52 33.16
CA VAL A 191 -1.96 15.52 32.11
C VAL A 191 -3.11 15.60 31.06
N MET A 192 -4.32 15.89 31.49
CA MET A 192 -5.44 16.00 30.56
C MET A 192 -5.25 17.17 29.61
N ARG A 193 -4.86 18.31 30.17
CA ARG A 193 -4.61 19.50 29.40
C ARG A 193 -3.53 19.23 28.38
N LYS A 194 -2.50 18.51 28.77
CA LYS A 194 -1.39 18.22 27.89
C LYS A 194 -1.89 17.42 26.69
N LEU A 195 -2.72 16.41 26.93
CA LEU A 195 -3.35 15.62 25.86
C LEU A 195 -4.26 16.50 25.00
N GLN A 196 -4.86 17.51 25.62
CA GLN A 196 -5.78 18.39 24.91
C GLN A 196 -5.05 19.36 24.01
N LYS A 197 -3.89 19.86 24.46
CA LYS A 197 -3.01 20.71 23.65
C LYS A 197 -2.24 19.91 22.63
N THR A 198 -1.69 18.78 23.07
CA THR A 198 -0.78 18.02 22.24
C THR A 198 -1.51 17.40 21.06
N TYR A 199 -2.58 16.67 21.33
CA TYR A 199 -3.31 16.01 20.27
C TYR A 199 -4.54 16.79 19.76
N ARG A 200 -4.68 18.03 20.21
CA ARG A 200 -5.77 18.89 19.71
C ARG A 200 -7.13 18.20 19.83
N MET A 201 -7.36 17.61 21.00
CA MET A 201 -8.56 16.87 21.33
C MET A 201 -9.85 17.68 21.19
N GLU A 202 -10.92 17.03 20.76
CA GLU A 202 -12.20 17.71 20.68
C GLU A 202 -12.98 17.61 22.00
N PRO A 203 -13.84 18.60 22.30
CA PRO A 203 -14.77 18.41 23.42
C PRO A 203 -15.79 17.33 23.06
N ALA A 204 -16.14 16.49 24.02
CA ALA A 204 -17.05 15.37 23.76
C ALA A 204 -18.53 15.80 23.64
N GLY A 205 -19.13 15.52 22.49
CA GLY A 205 -20.51 15.93 22.21
C GLY A 205 -20.67 17.43 22.37
N SER A 206 -21.69 17.83 23.12
CA SER A 206 -22.00 19.27 23.21
C SER A 206 -21.43 19.94 24.48
N GLN A 207 -20.32 19.38 24.97
CA GLN A 207 -19.55 20.02 26.04
C GLN A 207 -19.23 21.49 25.68
N GLY A 208 -18.87 21.70 24.40
CA GLY A 208 -18.75 23.04 23.81
C GLY A 208 -20.02 23.62 23.19
N VAL A 209 -21.16 23.50 23.90
CA VAL A 209 -22.36 24.25 23.53
C VAL A 209 -22.99 24.93 24.76
N TRP A 210 -23.72 24.16 25.58
CA TRP A 210 -24.27 24.73 26.84
C TRP A 210 -23.37 24.49 28.09
N GLY A 211 -22.25 23.82 27.88
CA GLY A 211 -21.37 23.38 28.98
C GLY A 211 -20.76 24.50 29.81
N LEU A 212 -20.44 24.14 31.05
CA LEU A 212 -19.66 25.00 31.91
C LEU A 212 -18.25 25.18 31.32
N ASP A 213 -17.77 24.11 30.69
CA ASP A 213 -16.41 24.07 30.17
C ASP A 213 -16.34 23.09 29.01
N ASP A 214 -15.39 23.31 28.10
CA ASP A 214 -15.05 22.34 27.05
C ASP A 214 -14.82 20.92 27.59
N PHE A 215 -14.20 20.80 28.76
CA PHE A 215 -13.63 19.50 29.16
C PHE A 215 -13.88 19.03 30.58
N GLN A 216 -13.71 19.89 31.56
CA GLN A 216 -13.79 19.43 32.93
C GLN A 216 -15.04 19.99 33.58
N PHE A 217 -15.30 19.54 34.80
CA PHE A 217 -16.33 20.13 35.66
C PHE A 217 -15.90 20.11 37.14
N LEU A 218 -15.51 18.93 37.62
CA LEU A 218 -15.20 18.71 39.03
C LEU A 218 -14.21 19.70 39.64
N PRO A 219 -13.13 20.07 38.92
CA PRO A 219 -12.21 21.08 39.47
C PRO A 219 -12.85 22.44 39.79
N PHE A 220 -13.95 22.76 39.13
CA PHE A 220 -14.71 23.95 39.44
C PHE A 220 -15.45 23.79 40.79
N ILE A 221 -15.90 22.57 41.06
CA ILE A 221 -16.49 22.27 42.36
C ILE A 221 -15.39 22.41 43.43
N TRP A 222 -14.41 21.51 43.42
CA TRP A 222 -13.36 21.52 44.44
C TRP A 222 -12.53 22.78 44.38
N GLY A 223 -12.63 23.51 43.27
CA GLY A 223 -11.93 24.77 43.11
C GLY A 223 -12.61 25.87 43.89
N SER A 224 -13.93 25.97 43.76
CA SER A 224 -14.68 27.04 44.44
C SER A 224 -14.80 26.78 45.94
N SER A 225 -14.76 25.50 46.29
CA SER A 225 -14.66 25.05 47.67
C SER A 225 -13.39 25.62 48.33
N GLN A 226 -12.29 25.61 47.59
CA GLN A 226 -11.04 26.19 48.06
C GLN A 226 -11.22 27.65 48.47
N LEU A 227 -11.94 28.40 47.65
CA LEU A 227 -12.01 29.85 47.81
C LEU A 227 -13.06 30.33 48.80
N ILE A 228 -13.78 29.39 49.43
CA ILE A 228 -14.78 29.76 50.44
C ILE A 228 -14.14 30.61 51.55
N ASP A 229 -14.74 31.77 51.82
CA ASP A 229 -14.25 32.71 52.83
C ASP A 229 -12.94 33.42 52.44
N HIS A 230 -12.61 33.50 51.14
CA HIS A 230 -11.41 34.25 50.75
C HIS A 230 -11.60 35.74 51.08
N PRO A 231 -10.58 36.36 51.74
CA PRO A 231 -10.58 37.79 52.05
C PRO A 231 -10.81 38.74 50.87
N TYR A 232 -10.02 38.59 49.81
CA TYR A 232 -10.03 39.54 48.69
C TYR A 232 -10.69 39.02 47.41
N LEU A 233 -10.46 37.75 47.09
CA LEU A 233 -10.89 37.19 45.83
C LEU A 233 -12.34 36.75 45.83
N GLU A 234 -13.13 37.42 45.00
CA GLU A 234 -14.55 37.16 44.88
C GLU A 234 -14.86 36.48 43.56
N PRO A 235 -15.97 35.72 43.49
CA PRO A 235 -16.37 35.10 42.23
C PRO A 235 -16.31 36.07 41.05
N ARG A 236 -16.72 37.31 41.26
CA ARG A 236 -16.65 38.35 40.23
C ARG A 236 -15.22 38.65 39.72
N HIS A 237 -14.20 38.32 40.51
CA HIS A 237 -12.81 38.58 40.14
C HIS A 237 -12.17 37.60 39.14
N PHE A 238 -12.82 36.46 38.84
CA PHE A 238 -12.14 35.45 38.03
C PHE A 238 -12.15 35.71 36.54
N VAL A 239 -12.88 36.74 36.14
CA VAL A 239 -12.88 37.18 34.75
C VAL A 239 -11.77 38.23 34.50
N ASP A 240 -11.26 38.80 35.59
CA ASP A 240 -10.12 39.71 35.48
C ASP A 240 -8.83 38.88 35.33
N GLU A 241 -8.31 38.89 34.10
CA GLU A 241 -7.13 38.14 33.70
C GLU A 241 -5.91 38.54 34.52
N LYS A 242 -5.66 39.85 34.64
CA LYS A 242 -4.60 40.39 35.50
C LYS A 242 -4.58 39.71 36.89
N ALA A 243 -5.77 39.66 37.50
CA ALA A 243 -5.98 39.01 38.79
C ALA A 243 -5.81 37.49 38.74
N VAL A 244 -6.26 36.85 37.65
CA VAL A 244 -6.08 35.41 37.47
C VAL A 244 -4.59 35.02 37.49
N ASN A 245 -3.76 35.64 36.63
CA ASN A 245 -2.30 35.41 36.64
C ASN A 245 -1.66 35.52 38.03
N GLU A 246 -2.17 36.44 38.84
CA GLU A 246 -1.68 36.68 40.19
C GLU A 246 -1.86 35.46 41.10
N ASN A 247 -2.96 34.72 40.92
CA ASN A 247 -3.40 33.74 41.93
C ASN A 247 -3.58 32.26 41.55
N HIS A 248 -3.33 31.90 40.29
CA HIS A 248 -3.59 30.54 39.78
C HIS A 248 -2.80 29.40 40.45
N LYS A 249 -1.61 29.72 40.94
CA LYS A 249 -0.72 28.76 41.58
C LYS A 249 -1.35 28.13 42.82
N ASP A 250 -2.18 28.92 43.52
CA ASP A 250 -2.81 28.47 44.77
C ASP A 250 -4.15 27.77 44.58
N TYR A 251 -4.85 28.12 43.50
CA TYR A 251 -6.26 27.76 43.40
C TYR A 251 -6.64 27.04 42.11
N MET A 252 -7.30 25.90 42.30
CA MET A 252 -7.68 25.00 41.21
C MET A 252 -8.70 25.62 40.26
N PHE A 253 -9.65 26.37 40.80
CA PHE A 253 -10.65 27.07 40.01
C PHE A 253 -10.02 28.06 39.02
N LEU A 254 -8.99 28.79 39.45
CA LEU A 254 -8.40 29.81 38.58
C LEU A 254 -7.45 29.23 37.54
N GLU A 255 -6.80 28.11 37.87
CA GLU A 255 -5.94 27.41 36.92
C GLU A 255 -6.79 27.00 35.70
N CYS A 256 -7.95 26.37 35.97
CA CYS A 256 -8.98 26.12 34.95
C CYS A 256 -9.28 27.35 34.11
N ILE A 257 -9.57 28.47 34.78
CA ILE A 257 -9.87 29.72 34.08
C ILE A 257 -8.74 30.14 33.12
N LEU A 258 -7.49 30.09 33.59
CA LEU A 258 -6.30 30.47 32.80
C LEU A 258 -6.12 29.59 31.58
N PHE A 259 -6.35 28.29 31.78
CA PHE A 259 -6.38 27.35 30.71
C PHE A 259 -7.41 27.72 29.61
N ILE A 260 -8.62 28.08 30.01
CA ILE A 260 -9.61 28.50 29.03
C ILE A 260 -9.05 29.68 28.22
N THR A 261 -8.59 30.71 28.92
CA THR A 261 -8.06 31.90 28.25
C THR A 261 -6.81 31.65 27.40
N GLU A 262 -6.24 30.45 27.51
CA GLU A 262 -5.18 30.02 26.61
C GLU A 262 -5.67 29.30 25.35
N MET A 263 -6.95 28.93 25.33
CA MET A 263 -7.48 28.09 24.27
C MET A 263 -8.56 28.75 23.42
N LYS A 264 -9.11 29.86 23.89
CA LYS A 264 -10.28 30.42 23.22
C LYS A 264 -10.11 31.84 22.68
N THR A 265 -10.53 32.04 21.43
CA THR A 265 -10.52 33.35 20.79
C THR A 265 -11.62 34.20 21.39
N GLY A 266 -11.46 35.52 21.29
CA GLY A 266 -12.52 36.46 21.67
C GLY A 266 -12.72 36.73 23.14
N PRO A 267 -13.76 37.53 23.47
CA PRO A 267 -14.10 37.94 24.84
C PRO A 267 -14.72 36.81 25.64
N PHE A 268 -14.51 36.85 26.96
CA PHE A 268 -15.00 35.82 27.87
C PHE A 268 -16.48 35.44 27.66
N ALA A 269 -17.38 36.39 27.88
CA ALA A 269 -18.83 36.12 27.85
C ALA A 269 -19.31 35.38 26.58
N GLU A 270 -18.58 35.55 25.48
CA GLU A 270 -18.85 34.82 24.24
C GLU A 270 -18.44 33.34 24.35
N HIS A 271 -17.18 33.08 24.73
CA HIS A 271 -16.71 31.70 24.71
C HIS A 271 -17.00 30.87 25.96
N SER A 272 -17.24 31.52 27.09
CA SER A 272 -17.56 30.81 28.32
C SER A 272 -18.64 31.56 29.11
N ASN A 273 -19.80 31.72 28.45
CA ASN A 273 -20.93 32.43 29.02
C ASN A 273 -21.46 31.87 30.34
N GLN A 274 -21.61 30.56 30.45
CA GLN A 274 -22.10 29.94 31.71
C GLN A 274 -21.22 30.25 32.94
N LEU A 275 -19.90 30.27 32.75
CA LEU A 275 -18.96 30.72 33.80
C LEU A 275 -19.05 32.24 34.01
N TRP A 276 -19.20 32.97 32.91
CA TRP A 276 -19.32 34.43 32.96
C TRP A 276 -20.47 34.83 33.88
N ASN A 277 -21.59 34.12 33.78
CA ASN A 277 -22.77 34.40 34.62
C ASN A 277 -22.58 34.00 36.08
N ILE A 278 -21.67 33.05 36.30
CA ILE A 278 -21.35 32.56 37.63
C ILE A 278 -20.47 33.57 38.37
N SER A 279 -19.57 34.23 37.65
CA SER A 279 -18.78 35.32 38.25
C SER A 279 -19.65 36.41 38.90
N ALA A 280 -20.91 36.52 38.46
CA ALA A 280 -21.82 37.51 39.06
C ALA A 280 -22.30 37.09 40.46
N VAL A 281 -22.20 35.79 40.76
CA VAL A 281 -22.65 35.23 42.04
C VAL A 281 -21.86 35.83 43.24
N PRO A 282 -22.59 36.33 44.27
CA PRO A 282 -21.93 37.01 45.39
C PRO A 282 -20.75 36.28 46.08
N SER A 283 -20.89 34.98 46.34
CA SER A 283 -19.86 34.28 47.13
C SER A 283 -19.46 32.90 46.60
N TRP A 284 -18.21 32.54 46.87
CA TRP A 284 -17.65 31.23 46.55
C TRP A 284 -18.44 30.08 47.13
N SER A 285 -19.06 30.34 48.27
CA SER A 285 -19.96 29.41 48.95
C SER A 285 -21.17 29.09 48.06
N LYS A 286 -21.75 30.13 47.46
CA LYS A 286 -22.95 30.02 46.64
C LYS A 286 -22.61 29.40 45.29
N VAL A 287 -21.46 29.81 44.73
CA VAL A 287 -20.93 29.22 43.50
C VAL A 287 -20.84 27.71 43.69
N ASN A 288 -20.17 27.30 44.76
CA ASN A 288 -19.97 25.90 45.10
C ASN A 288 -21.28 25.13 45.31
N GLN A 289 -22.33 25.84 45.73
CA GLN A 289 -23.66 25.24 45.86
C GLN A 289 -24.33 25.16 44.50
N GLY A 290 -24.15 26.21 43.69
CA GLY A 290 -24.69 26.26 42.34
C GLY A 290 -24.04 25.25 41.39
N LEU A 291 -22.84 24.79 41.74
CA LEU A 291 -22.12 23.86 40.92
C LEU A 291 -22.39 22.42 41.31
N ILE A 292 -22.43 22.14 42.61
CA ILE A 292 -22.83 20.82 43.10
C ILE A 292 -24.12 20.40 42.40
N ARG A 293 -25.12 21.30 42.45
CA ARG A 293 -26.39 21.14 41.75
C ARG A 293 -26.22 21.00 40.22
N MET A 294 -25.51 21.94 39.62
CA MET A 294 -25.32 21.95 38.16
C MET A 294 -24.63 20.66 37.71
N TYR A 295 -23.80 20.08 38.58
CA TYR A 295 -23.08 18.86 38.27
C TYR A 295 -24.01 17.66 38.22
N LYS A 296 -25.01 17.66 39.09
CA LYS A 296 -26.05 16.63 39.06
C LYS A 296 -26.84 16.74 37.75
N ALA A 297 -27.42 17.91 37.50
CA ALA A 297 -28.29 18.13 36.34
C ALA A 297 -27.60 17.97 34.98
N GLU A 298 -26.50 18.69 34.78
CA GLU A 298 -25.89 18.85 33.45
C GLU A 298 -24.92 17.73 33.09
N CYS A 299 -24.74 16.81 34.02
CA CYS A 299 -23.69 15.83 33.89
C CYS A 299 -24.10 14.46 34.42
N LEU A 300 -24.43 14.33 35.70
CA LEU A 300 -24.66 13.00 36.28
C LEU A 300 -26.06 12.48 36.00
N GLU A 301 -26.94 13.40 35.65
CA GLU A 301 -28.33 13.07 35.37
C GLU A 301 -28.64 13.36 33.90
N LYS A 302 -27.57 13.51 33.11
CA LYS A 302 -27.70 13.63 31.67
C LYS A 302 -27.37 12.31 30.96
N PHE A 303 -28.39 11.67 30.39
CA PHE A 303 -28.16 10.41 29.67
C PHE A 303 -26.96 10.44 28.73
N PRO A 304 -26.91 11.42 27.81
CA PRO A 304 -25.82 11.45 26.82
C PRO A 304 -24.42 11.52 27.43
N VAL A 305 -24.26 12.27 28.52
CA VAL A 305 -22.95 12.41 29.17
C VAL A 305 -22.50 11.17 29.95
N ILE A 306 -23.46 10.46 30.57
CA ILE A 306 -23.15 9.52 31.68
C ILE A 306 -23.43 8.03 31.41
N GLN A 307 -24.09 7.71 30.30
CA GLN A 307 -24.43 6.33 29.96
C GLN A 307 -23.21 5.41 29.88
N HIS A 308 -22.04 5.98 29.66
CA HIS A 308 -20.82 5.17 29.54
C HIS A 308 -20.20 4.77 30.87
N PHE A 309 -20.81 5.21 31.97
CA PHE A 309 -20.35 4.89 33.31
C PHE A 309 -20.44 3.40 33.56
N LYS A 310 -19.38 2.82 34.09
CA LYS A 310 -19.28 1.37 34.21
C LYS A 310 -19.54 0.86 35.63
N PHE A 311 -20.19 -0.30 35.73
CA PHE A 311 -20.72 -0.81 36.99
C PHE A 311 -20.20 -2.20 37.32
N GLY A 312 -19.46 -2.31 38.43
CA GLY A 312 -18.87 -3.58 38.90
C GLY A 312 -19.22 -3.88 40.36
N SER A 313 -18.29 -4.48 41.10
CA SER A 313 -18.56 -4.86 42.49
C SER A 313 -18.34 -3.69 43.46
N LEU A 314 -17.35 -2.85 43.18
CA LEU A 314 -17.03 -1.75 44.08
C LEU A 314 -18.01 -0.61 43.97
N LEU A 315 -18.48 -0.38 42.75
CA LEU A 315 -19.49 0.62 42.46
C LEU A 315 -20.56 -0.05 41.63
N PRO A 316 -21.52 -0.70 42.30
CA PRO A 316 -22.53 -1.52 41.66
C PRO A 316 -23.84 -0.82 41.32
N ILE A 317 -24.67 -1.51 40.54
CA ILE A 317 -25.89 -0.96 39.98
C ILE A 317 -27.12 -1.29 40.83
N HIS A 318 -27.05 -2.38 41.59
CA HIS A 318 -28.15 -2.81 42.47
C HIS A 318 -28.63 -1.68 43.38
N PRO A 319 -29.93 -1.70 43.74
CA PRO A 319 -30.53 -0.69 44.62
C PRO A 319 -29.74 -0.40 45.89
N VAL A 320 -29.67 0.90 46.25
CA VAL A 320 -29.09 1.38 47.50
C VAL A 320 -29.59 0.56 48.72
N THR A 321 -28.62 -0.09 49.37
CA THR A 321 -28.88 -0.93 50.54
C THR A 321 -28.79 -0.08 51.82
N SER A 322 -29.92 0.04 52.53
CA SER A 322 -30.05 0.94 53.68
C SER A 322 -31.08 0.41 54.67
N ASN B 22 20.75 -22.71 36.71
CA ASN B 22 22.14 -22.19 36.57
C ASN B 22 22.21 -21.15 35.45
N PHE B 23 21.05 -20.57 35.13
CA PHE B 23 20.87 -19.73 33.95
C PHE B 23 21.21 -18.27 34.20
N ILE B 24 21.88 -17.66 33.22
CA ILE B 24 22.22 -16.24 33.26
C ILE B 24 22.01 -15.62 31.90
N ILE B 25 21.32 -14.49 31.85
CA ILE B 25 20.96 -13.80 30.58
C ILE B 25 22.18 -13.68 29.64
N PRO B 26 22.06 -14.22 28.39
CA PRO B 26 23.23 -14.29 27.49
C PRO B 26 23.62 -12.93 26.93
N LYS B 27 24.93 -12.69 26.82
CA LYS B 27 25.45 -11.37 26.42
C LYS B 27 26.56 -11.40 25.36
N LYS B 28 26.85 -10.22 24.82
CA LYS B 28 27.88 -10.04 23.81
C LYS B 28 29.26 -10.34 24.38
N GLU B 29 30.06 -11.07 23.61
CA GLU B 29 31.41 -11.45 24.04
C GLU B 29 32.47 -11.30 22.94
N ILE B 30 32.03 -10.93 21.74
CA ILE B 30 32.92 -10.77 20.60
C ILE B 30 33.08 -9.28 20.29
N HIS B 31 34.19 -8.72 20.73
CA HIS B 31 34.45 -7.27 20.60
C HIS B 31 35.62 -6.95 19.65
N THR B 32 36.74 -7.63 19.84
CA THR B 32 37.94 -7.46 19.00
C THR B 32 38.34 -8.81 18.42
N VAL B 33 39.31 -8.83 17.50
CA VAL B 33 39.85 -10.09 16.92
C VAL B 33 40.08 -11.26 17.88
N PRO B 34 40.80 -11.05 19.01
CA PRO B 34 41.15 -12.23 19.80
C PRO B 34 39.91 -12.96 20.31
N ASP B 35 38.86 -12.19 20.61
CA ASP B 35 37.57 -12.75 20.97
C ASP B 35 37.10 -13.74 19.89
N MET B 36 37.23 -13.35 18.61
CA MET B 36 36.87 -14.24 17.51
C MET B 36 37.48 -15.62 17.74
N GLY B 37 38.75 -15.65 18.16
CA GLY B 37 39.42 -16.89 18.48
C GLY B 37 38.81 -17.58 19.68
N LYS B 38 38.52 -16.79 20.72
CA LYS B 38 37.84 -17.30 21.92
C LYS B 38 36.60 -18.08 21.50
N TRP B 39 35.87 -17.49 20.57
CA TRP B 39 34.58 -17.99 20.13
C TRP B 39 34.70 -19.27 19.32
N LYS B 40 35.82 -19.42 18.62
CA LYS B 40 36.10 -20.66 17.91
C LYS B 40 36.34 -21.80 18.89
N ARG B 41 37.05 -21.50 19.98
CA ARG B 41 37.44 -22.50 20.99
C ARG B 41 36.29 -22.89 21.92
N SER B 42 35.15 -22.21 21.78
CA SER B 42 34.11 -22.25 22.80
C SER B 42 33.21 -23.48 22.72
N GLN B 43 32.61 -23.79 23.87
CA GLN B 43 31.52 -24.77 23.93
C GLN B 43 30.37 -24.30 23.03
N ALA B 44 29.98 -23.05 23.17
CA ALA B 44 28.93 -22.44 22.32
C ALA B 44 29.15 -22.80 20.86
N TYR B 45 30.38 -22.58 20.41
CA TYR B 45 30.70 -22.83 19.03
C TYR B 45 30.56 -24.31 18.73
N ALA B 46 31.27 -25.13 19.50
CA ALA B 46 31.29 -26.58 19.29
C ALA B 46 29.87 -27.16 19.36
N ASP B 47 29.04 -26.60 20.25
CA ASP B 47 27.65 -27.02 20.39
C ASP B 47 26.84 -26.57 19.18
N TYR B 48 27.12 -25.36 18.69
CA TYR B 48 26.31 -24.77 17.62
C TYR B 48 26.50 -25.53 16.32
N ILE B 49 27.74 -25.66 15.90
CA ILE B 49 28.06 -26.39 14.69
C ILE B 49 27.71 -27.88 14.78
N GLY B 50 27.92 -28.46 15.95
CA GLY B 50 27.50 -29.84 16.22
C GLY B 50 26.02 -29.98 15.86
N PHE B 51 25.23 -29.01 16.32
CA PHE B 51 23.80 -29.01 16.12
C PHE B 51 23.48 -28.80 14.63
N ILE B 52 24.22 -27.91 13.98
CA ILE B 52 24.04 -27.59 12.58
C ILE B 52 24.38 -28.80 11.66
N LEU B 53 25.57 -29.38 11.84
CA LEU B 53 26.02 -30.56 11.10
C LEU B 53 25.09 -31.76 11.29
N THR B 54 24.52 -31.88 12.50
CA THR B 54 23.69 -33.02 12.87
C THR B 54 22.32 -32.94 12.21
N LEU B 55 21.72 -31.77 12.25
CA LEU B 55 20.46 -31.52 11.54
C LEU B 55 20.61 -31.75 10.05
N ASN B 56 21.81 -31.47 9.55
CA ASN B 56 22.13 -31.65 8.13
C ASN B 56 22.11 -33.12 7.73
N GLU B 57 22.69 -33.94 8.59
CA GLU B 57 22.71 -35.39 8.43
C GLU B 57 21.31 -36.02 8.44
N GLY B 58 20.44 -35.49 9.30
CA GLY B 58 19.10 -36.05 9.54
C GLY B 58 18.14 -35.85 8.38
N VAL B 59 18.14 -34.67 7.78
CA VAL B 59 17.22 -34.42 6.67
C VAL B 59 17.75 -34.94 5.33
N LYS B 60 18.97 -35.49 5.39
CA LYS B 60 19.71 -35.93 4.22
C LYS B 60 18.90 -36.88 3.33
N GLY B 61 18.49 -36.39 2.16
CA GLY B 61 17.81 -37.22 1.19
C GLY B 61 16.32 -37.21 1.37
N LYS B 62 15.81 -36.37 2.28
CA LYS B 62 14.37 -36.36 2.57
C LYS B 62 13.64 -35.15 2.00
N LYS B 63 12.37 -35.34 1.64
CA LYS B 63 11.53 -34.24 1.18
C LYS B 63 10.77 -33.66 2.34
N LEU B 64 10.45 -32.38 2.23
CA LEU B 64 9.61 -31.68 3.20
C LEU B 64 8.31 -32.40 3.59
N THR B 65 7.87 -33.37 2.77
CA THR B 65 6.61 -34.10 3.03
C THR B 65 6.81 -35.56 3.51
N PHE B 66 8.04 -35.83 3.96
CA PHE B 66 8.39 -37.03 4.74
C PHE B 66 7.46 -37.10 5.97
N GLU B 67 7.05 -38.31 6.36
CA GLU B 67 6.18 -38.49 7.54
C GLU B 67 7.00 -38.66 8.82
N TYR B 68 7.41 -37.53 9.42
CA TYR B 68 8.21 -37.54 10.67
C TYR B 68 7.37 -37.45 11.95
N ARG B 69 7.98 -37.82 13.08
CA ARG B 69 7.35 -37.67 14.40
C ARG B 69 7.19 -36.17 14.71
N VAL B 70 6.00 -35.78 15.18
CA VAL B 70 5.75 -34.37 15.55
C VAL B 70 5.57 -34.29 17.06
N SER B 71 6.54 -33.68 17.74
CA SER B 71 6.46 -33.47 19.19
C SER B 71 5.38 -32.43 19.51
N GLU B 72 4.95 -32.42 20.77
CA GLU B 72 4.08 -31.36 21.26
C GLU B 72 4.82 -30.03 21.34
N ALA B 73 6.11 -30.07 21.69
CA ALA B 73 6.95 -28.89 21.76
C ALA B 73 7.18 -28.28 20.37
N ILE B 74 7.15 -29.15 19.36
CA ILE B 74 7.25 -28.74 17.96
C ILE B 74 5.98 -27.98 17.57
N GLU B 75 4.82 -28.59 17.82
CA GLU B 75 3.52 -28.00 17.51
C GLU B 75 3.38 -26.62 18.15
N LYS B 76 3.99 -26.44 19.32
CA LYS B 76 3.87 -25.20 20.09
C LYS B 76 4.83 -24.10 19.65
N LEU B 77 6.01 -24.49 19.21
CA LEU B 77 6.94 -23.57 18.57
C LEU B 77 6.29 -23.01 17.31
N VAL B 78 5.58 -23.89 16.59
CA VAL B 78 4.88 -23.53 15.35
C VAL B 78 3.83 -22.46 15.61
N ALA B 79 3.15 -22.59 16.75
CA ALA B 79 2.14 -21.60 17.16
C ALA B 79 2.81 -20.33 17.65
N LEU B 80 4.03 -20.45 18.16
CA LEU B 80 4.78 -19.29 18.64
C LEU B 80 5.07 -18.39 17.45
N LEU B 81 5.52 -19.02 16.36
CA LEU B 81 5.83 -18.37 15.10
C LEU B 81 4.56 -17.79 14.47
N ASN B 82 3.45 -18.52 14.59
CA ASN B 82 2.17 -18.09 14.05
C ASN B 82 1.64 -16.84 14.69
N THR B 83 2.08 -16.58 15.91
CA THR B 83 1.71 -15.39 16.66
C THR B 83 2.50 -14.21 16.11
N LEU B 84 3.82 -14.35 16.07
CA LEU B 84 4.68 -13.38 15.39
C LEU B 84 4.06 -12.93 14.07
N ASP B 85 3.71 -13.91 13.25
CA ASP B 85 3.05 -13.75 11.95
C ASP B 85 1.78 -12.90 12.02
N ARG B 86 0.89 -13.28 12.92
CA ARG B 86 -0.40 -12.62 13.06
C ARG B 86 -0.22 -11.18 13.56
N TRP B 87 0.99 -10.86 14.04
CA TRP B 87 1.27 -9.52 14.58
C TRP B 87 1.61 -8.56 13.47
N ILE B 88 2.28 -9.08 12.46
CA ILE B 88 2.47 -8.35 11.22
C ILE B 88 1.11 -7.88 10.71
N ASP B 89 0.18 -8.83 10.56
CA ASP B 89 -1.21 -8.57 10.19
C ASP B 89 -1.77 -7.36 10.94
N GLU B 90 -1.54 -7.32 12.25
CA GLU B 90 -2.04 -6.25 13.13
C GLU B 90 -1.15 -5.00 13.18
N THR B 91 -0.03 -5.03 12.46
CA THR B 91 0.87 -3.90 12.42
C THR B 91 1.12 -3.53 10.98
N PRO B 92 0.15 -2.87 10.33
CA PRO B 92 0.38 -2.55 8.91
C PRO B 92 1.50 -1.53 8.69
N PRO B 93 2.23 -1.66 7.56
CA PRO B 93 3.22 -0.66 7.17
C PRO B 93 2.65 0.75 7.13
N VAL B 94 3.50 1.75 7.33
CA VAL B 94 3.06 3.14 7.27
C VAL B 94 3.45 3.74 5.93
N ASP B 95 2.90 4.90 5.61
CA ASP B 95 3.25 5.62 4.39
C ASP B 95 4.52 6.42 4.63
N GLN B 96 5.51 6.24 3.74
CA GLN B 96 6.78 6.95 3.85
C GLN B 96 7.43 7.26 2.48
N PRO B 97 8.22 8.35 2.41
CA PRO B 97 8.99 8.61 1.21
C PRO B 97 10.12 7.59 0.97
N SER B 98 10.73 7.11 2.04
CA SER B 98 11.92 6.24 1.99
C SER B 98 11.68 4.85 1.37
N ARG B 99 12.52 4.47 0.42
CA ARG B 99 12.42 3.15 -0.21
C ARG B 99 12.95 2.06 0.71
N PHE B 100 13.58 2.47 1.82
CA PHE B 100 14.23 1.55 2.75
C PHE B 100 13.24 0.90 3.73
N GLY B 101 13.66 0.63 4.96
CA GLY B 101 12.81 -0.07 5.91
C GLY B 101 11.57 0.72 6.27
N ASN B 102 10.40 0.07 6.24
CA ASN B 102 9.17 0.72 6.74
C ASN B 102 9.18 0.83 8.26
N LYS B 103 8.87 2.03 8.75
CA LYS B 103 8.99 2.34 10.18
C LYS B 103 8.14 1.47 11.10
N ALA B 104 7.05 0.88 10.56
CA ALA B 104 6.16 0.01 11.35
C ALA B 104 6.85 -1.23 11.91
N TYR B 105 7.91 -1.70 11.25
CA TYR B 105 8.73 -2.78 11.81
C TYR B 105 8.97 -2.59 13.30
N ARG B 106 9.37 -1.37 13.68
CA ARG B 106 9.73 -1.06 15.05
C ARG B 106 8.57 -1.33 16.02
N THR B 107 7.37 -0.91 15.62
CA THR B 107 6.12 -1.29 16.28
C THR B 107 6.01 -2.81 16.47
N TRP B 108 6.28 -3.58 15.40
CA TRP B 108 6.26 -5.05 15.50
C TRP B 108 7.37 -5.62 16.42
N TYR B 109 8.61 -5.15 16.31
CA TYR B 109 9.68 -5.65 17.19
C TYR B 109 9.44 -5.40 18.69
N ALA B 110 8.93 -4.21 19.03
CA ALA B 110 8.62 -3.85 20.42
C ALA B 110 7.65 -4.87 21.01
N LYS B 111 6.55 -5.09 20.30
CA LYS B 111 5.55 -6.13 20.62
C LYS B 111 6.22 -7.47 20.93
N LEU B 112 7.20 -7.87 20.10
CA LEU B 112 7.96 -9.09 20.35
C LEU B 112 8.96 -8.94 21.49
N ASP B 113 9.53 -7.75 21.64
CA ASP B 113 10.48 -7.49 22.71
C ASP B 113 9.80 -7.76 24.05
N GLU B 114 8.49 -7.48 24.10
CA GLU B 114 7.71 -7.67 25.33
C GLU B 114 7.26 -9.12 25.55
N GLU B 115 6.60 -9.70 24.56
CA GLU B 115 6.02 -11.04 24.70
C GLU B 115 7.07 -12.12 24.69
N ALA B 116 8.32 -11.71 24.50
CA ALA B 116 9.46 -12.62 24.36
C ALA B 116 9.48 -13.70 25.42
N GLU B 117 9.40 -13.28 26.68
CA GLU B 117 9.45 -14.19 27.81
C GLU B 117 8.23 -15.10 27.86
N ASN B 118 7.06 -14.53 27.56
CA ASN B 118 5.80 -15.28 27.61
C ASN B 118 5.67 -16.31 26.49
N LEU B 119 5.98 -15.90 25.26
CA LEU B 119 6.00 -16.80 24.10
C LEU B 119 6.85 -18.04 24.33
N VAL B 120 8.07 -17.84 24.82
CA VAL B 120 8.96 -18.95 25.17
C VAL B 120 8.32 -19.80 26.25
N ALA B 121 7.75 -19.15 27.26
CA ALA B 121 7.09 -19.85 28.36
C ALA B 121 6.00 -20.80 27.86
N THR B 122 5.23 -20.37 26.87
CA THR B 122 4.25 -21.24 26.21
C THR B 122 4.85 -22.51 25.62
N VAL B 123 6.18 -22.53 25.42
CA VAL B 123 6.85 -23.71 24.88
C VAL B 123 7.62 -24.49 25.96
N VAL B 124 8.22 -23.78 26.91
CA VAL B 124 8.99 -24.44 27.97
C VAL B 124 8.08 -24.81 29.14
N PRO B 125 8.19 -26.06 29.63
CA PRO B 125 7.51 -26.50 30.87
C PRO B 125 7.76 -25.59 32.08
N THR B 126 6.87 -25.64 33.07
CA THR B 126 6.88 -24.70 34.20
C THR B 126 7.94 -25.04 35.25
N HIS B 127 8.41 -26.28 35.25
CA HIS B 127 9.47 -26.69 36.17
C HIS B 127 10.84 -26.21 35.72
N LEU B 128 11.04 -26.15 34.41
CA LEU B 128 12.26 -25.59 33.83
C LEU B 128 12.12 -24.10 33.52
N ALA B 129 11.11 -23.45 34.07
CA ALA B 129 10.81 -22.04 33.78
C ALA B 129 11.86 -21.06 34.31
N ALA B 130 12.93 -21.62 34.87
CA ALA B 130 14.10 -20.83 35.25
C ALA B 130 14.93 -20.47 34.02
N ALA B 131 14.76 -21.26 32.95
CA ALA B 131 15.50 -21.08 31.71
C ALA B 131 14.92 -20.03 30.78
N VAL B 132 13.62 -19.74 30.92
CA VAL B 132 12.92 -18.86 29.97
C VAL B 132 13.65 -17.53 29.68
N PRO B 133 14.14 -16.81 30.72
CA PRO B 133 14.85 -15.55 30.44
C PRO B 133 16.05 -15.69 29.48
N GLU B 134 16.99 -16.58 29.82
CA GLU B 134 18.15 -16.82 28.94
C GLU B 134 17.72 -17.25 27.56
N VAL B 135 16.79 -18.21 27.50
CA VAL B 135 16.30 -18.78 26.23
C VAL B 135 15.54 -17.78 25.36
N ALA B 136 14.82 -16.85 25.99
CA ALA B 136 14.10 -15.81 25.24
C ALA B 136 15.03 -14.81 24.49
N VAL B 137 16.18 -14.48 25.08
CA VAL B 137 17.10 -13.51 24.48
C VAL B 137 17.46 -13.91 23.03
N TYR B 138 17.75 -15.20 22.83
CA TYR B 138 17.98 -15.78 21.49
C TYR B 138 16.83 -15.54 20.54
N LEU B 139 15.59 -15.70 21.01
CA LEU B 139 14.41 -15.33 20.21
C LEU B 139 14.36 -13.83 19.84
N LYS B 140 14.57 -12.96 20.83
CA LYS B 140 14.64 -11.51 20.63
C LYS B 140 15.66 -11.10 19.57
N GLU B 141 16.56 -12.03 19.26
CA GLU B 141 17.73 -11.77 18.45
C GLU B 141 17.64 -12.32 17.03
N SER B 142 16.52 -12.96 16.70
CA SER B 142 16.51 -13.78 15.50
C SER B 142 15.55 -13.28 14.44
N VAL B 143 15.04 -12.07 14.63
CA VAL B 143 14.01 -11.51 13.76
C VAL B 143 14.41 -10.19 13.10
N GLY B 144 15.69 -9.83 13.19
CA GLY B 144 16.17 -8.59 12.60
C GLY B 144 16.44 -7.51 13.63
N ASN B 145 16.88 -6.36 13.16
CA ASN B 145 17.33 -5.26 14.00
C ASN B 145 16.32 -4.15 13.96
N SER B 146 15.93 -3.67 15.14
CA SER B 146 14.97 -2.57 15.21
C SER B 146 15.46 -1.24 14.58
N THR B 147 16.67 -0.78 14.93
CA THR B 147 17.14 0.55 14.47
C THR B 147 17.39 0.64 12.96
N ARG B 148 18.28 -0.19 12.41
CA ARG B 148 18.59 -0.07 10.97
C ARG B 148 17.56 -0.76 10.05
N ILE B 149 16.51 -1.32 10.65
CA ILE B 149 15.52 -2.17 9.95
C ILE B 149 16.12 -3.08 8.88
N ASP B 150 17.01 -3.98 9.30
CA ASP B 150 17.63 -4.97 8.42
C ASP B 150 17.61 -6.41 8.96
N TYR B 151 17.94 -7.40 8.14
CA TYR B 151 17.99 -8.78 8.62
C TYR B 151 19.16 -9.47 7.97
N GLY B 152 19.84 -10.29 8.74
CA GLY B 152 21.01 -10.97 8.27
C GLY B 152 21.09 -12.39 8.77
N THR B 153 22.08 -13.09 8.24
CA THR B 153 22.53 -14.37 8.73
C THR B 153 22.88 -14.39 10.24
N GLY B 154 23.33 -13.27 10.79
CA GLY B 154 23.48 -13.15 12.24
C GLY B 154 22.20 -13.46 12.99
N HIS B 155 21.10 -12.87 12.53
CA HIS B 155 19.80 -13.12 13.11
C HIS B 155 19.36 -14.55 12.87
N GLU B 156 19.49 -15.03 11.63
CA GLU B 156 19.26 -16.43 11.34
C GLU B 156 19.99 -17.34 12.32
N ALA B 157 21.26 -17.03 12.61
CA ALA B 157 22.07 -17.84 13.51
C ALA B 157 21.60 -17.78 14.96
N ALA B 158 20.99 -16.66 15.36
CA ALA B 158 20.44 -16.55 16.70
C ALA B 158 19.23 -17.46 16.83
N PHE B 159 18.47 -17.60 15.74
CA PHE B 159 17.33 -18.52 15.75
C PHE B 159 17.77 -19.97 15.85
N ALA B 160 18.80 -20.34 15.09
CA ALA B 160 19.44 -21.64 15.30
C ALA B 160 19.82 -21.84 16.80
N ALA B 161 20.58 -20.90 17.34
CA ALA B 161 21.00 -20.93 18.75
C ALA B 161 19.83 -21.21 19.70
N PHE B 162 18.75 -20.45 19.49
CA PHE B 162 17.48 -20.56 20.23
C PHE B 162 16.91 -21.97 20.15
N LEU B 163 16.85 -22.53 18.95
CA LEU B 163 16.44 -23.93 18.80
C LEU B 163 17.42 -24.85 19.50
N CYS B 164 18.71 -24.61 19.29
CA CYS B 164 19.76 -25.44 19.87
C CYS B 164 19.74 -25.47 21.40
N CYS B 165 19.21 -24.40 22.00
CA CYS B 165 19.03 -24.36 23.47
C CYS B 165 17.95 -25.33 23.94
N LEU B 166 16.78 -25.24 23.31
CA LEU B 166 15.64 -26.13 23.56
C LEU B 166 16.00 -27.62 23.55
N CYS B 167 17.10 -27.94 22.88
CA CYS B 167 17.70 -29.27 22.87
C CYS B 167 18.54 -29.57 24.11
N LYS B 168 19.30 -28.58 24.57
CA LYS B 168 20.15 -28.75 25.75
C LYS B 168 19.30 -28.99 27.00
N ILE B 169 18.18 -28.29 27.08
CA ILE B 169 17.25 -28.41 28.22
C ILE B 169 16.17 -29.49 28.00
N GLY B 170 16.30 -30.24 26.91
CA GLY B 170 15.49 -31.44 26.68
C GLY B 170 14.04 -31.24 26.30
N VAL B 171 13.65 -30.00 26.01
CA VAL B 171 12.31 -29.72 25.49
C VAL B 171 12.18 -30.38 24.13
N LEU B 172 13.27 -30.32 23.37
CA LEU B 172 13.36 -30.98 22.07
C LEU B 172 14.23 -32.23 22.12
N ARG B 173 13.67 -33.33 21.60
CA ARG B 173 14.26 -34.65 21.71
C ARG B 173 14.96 -35.12 20.42
N VAL B 174 15.73 -36.20 20.55
CA VAL B 174 16.43 -36.84 19.43
C VAL B 174 15.50 -37.30 18.27
N ASP B 175 14.26 -37.71 18.60
CA ASP B 175 13.22 -38.05 17.60
C ASP B 175 12.70 -36.85 16.79
N ASP B 176 13.11 -35.65 17.19
CA ASP B 176 12.47 -34.40 16.75
C ASP B 176 13.32 -33.52 15.80
N GLN B 177 14.56 -33.95 15.54
CA GLN B 177 15.50 -33.15 14.76
C GLN B 177 15.03 -32.87 13.34
N ILE B 178 14.25 -33.80 12.81
CA ILE B 178 13.73 -33.68 11.47
C ILE B 178 12.62 -32.62 11.44
N ALA B 179 11.75 -32.59 12.44
CA ALA B 179 10.72 -31.56 12.53
C ALA B 179 11.25 -30.14 12.79
N ILE B 180 12.42 -30.05 13.43
CA ILE B 180 13.07 -28.77 13.71
C ILE B 180 13.34 -28.00 12.41
N VAL B 181 13.93 -28.72 11.46
CA VAL B 181 14.28 -28.20 10.15
C VAL B 181 13.02 -28.11 9.27
N PHE B 182 12.22 -29.18 9.25
CA PHE B 182 11.17 -29.36 8.24
C PHE B 182 9.86 -28.65 8.55
N LYS B 183 9.51 -28.57 9.83
CA LYS B 183 8.31 -27.83 10.17
C LYS B 183 8.62 -26.49 10.84
N VAL B 184 9.55 -26.49 11.79
CA VAL B 184 9.79 -25.33 12.64
C VAL B 184 10.62 -24.29 11.92
N PHE B 185 11.80 -24.68 11.46
CA PHE B 185 12.66 -23.76 10.73
C PHE B 185 12.08 -23.38 9.36
N ASN B 186 11.39 -24.30 8.71
CA ASN B 186 10.70 -24.00 7.46
C ASN B 186 9.62 -22.95 7.66
N ARG B 187 9.00 -22.94 8.84
CA ARG B 187 7.94 -21.97 9.14
C ARG B 187 8.55 -20.60 9.44
N TYR B 188 9.64 -20.61 10.20
CA TYR B 188 10.38 -19.40 10.55
C TYR B 188 10.78 -18.60 9.32
N LEU B 189 11.35 -19.30 8.34
CA LEU B 189 11.74 -18.69 7.07
C LEU B 189 10.56 -18.01 6.39
N GLU B 190 9.37 -18.63 6.47
CA GLU B 190 8.14 -18.06 5.90
C GLU B 190 7.77 -16.73 6.55
N VAL B 191 7.89 -16.66 7.86
CA VAL B 191 7.54 -15.44 8.56
C VAL B 191 8.60 -14.37 8.31
N MET B 192 9.84 -14.80 8.12
CA MET B 192 10.94 -13.90 7.79
C MET B 192 10.70 -13.21 6.44
N ARG B 193 10.30 -13.99 5.45
CA ARG B 193 10.04 -13.50 4.12
C ARG B 193 8.95 -12.45 4.17
N LYS B 194 7.84 -12.82 4.82
CA LYS B 194 6.72 -11.93 5.03
C LYS B 194 7.14 -10.69 5.78
N LEU B 195 8.24 -10.78 6.51
CA LEU B 195 8.71 -9.65 7.30
C LEU B 195 9.48 -8.68 6.42
N GLN B 196 10.15 -9.24 5.43
CA GLN B 196 11.08 -8.51 4.58
C GLN B 196 10.29 -7.92 3.44
N LYS B 197 9.38 -8.73 2.88
CA LYS B 197 8.35 -8.26 1.99
C LYS B 197 7.65 -7.11 2.67
N THR B 198 6.90 -7.44 3.71
CA THR B 198 5.98 -6.47 4.31
C THR B 198 6.67 -5.22 4.87
N TYR B 199 7.92 -5.34 5.31
CA TYR B 199 8.59 -4.17 5.88
C TYR B 199 9.71 -3.56 5.01
N ARG B 200 9.97 -4.17 3.85
CA ARG B 200 11.03 -3.68 2.96
C ARG B 200 12.38 -3.58 3.69
N MET B 201 12.61 -4.56 4.56
CA MET B 201 13.81 -4.65 5.35
C MET B 201 15.06 -4.66 4.47
N GLU B 202 16.10 -3.98 4.92
CA GLU B 202 17.38 -4.01 4.24
C GLU B 202 18.11 -5.32 4.54
N PRO B 203 18.96 -5.77 3.61
CA PRO B 203 19.96 -6.73 4.02
C PRO B 203 21.00 -6.05 4.91
N ALA B 204 21.28 -6.64 6.07
CA ALA B 204 22.36 -6.19 6.95
C ALA B 204 23.72 -6.41 6.31
N GLY B 205 24.61 -5.44 6.49
CA GLY B 205 25.98 -5.52 5.96
C GLY B 205 26.17 -5.02 4.54
N SER B 206 27.30 -5.40 3.95
CA SER B 206 27.62 -5.01 2.57
C SER B 206 27.86 -6.25 1.68
N GLN B 207 26.80 -7.02 1.46
CA GLN B 207 26.86 -8.23 0.63
C GLN B 207 25.57 -8.35 -0.19
N GLY B 208 24.96 -7.20 -0.51
CA GLY B 208 23.74 -7.16 -1.33
C GLY B 208 23.98 -7.77 -2.71
N VAL B 209 25.25 -7.85 -3.12
CA VAL B 209 25.67 -8.50 -4.36
C VAL B 209 26.66 -9.65 -4.07
N TRP B 210 27.76 -9.34 -3.38
CA TRP B 210 28.82 -10.33 -3.09
C TRP B 210 28.46 -11.46 -2.11
N GLY B 211 27.18 -11.57 -1.76
CA GLY B 211 26.74 -12.58 -0.79
C GLY B 211 25.91 -13.66 -1.47
N LEU B 212 25.93 -14.86 -0.89
CA LEU B 212 25.10 -15.95 -1.33
C LEU B 212 23.62 -15.51 -1.45
N ASP B 213 23.11 -14.91 -0.39
CA ASP B 213 21.73 -14.53 -0.29
C ASP B 213 21.62 -13.26 0.55
N ASP B 214 20.53 -12.50 0.32
CA ASP B 214 20.33 -11.24 1.01
C ASP B 214 20.25 -11.41 2.52
N PHE B 215 19.65 -12.52 2.95
CA PHE B 215 19.25 -12.70 4.32
C PHE B 215 19.63 -14.03 4.93
N GLN B 216 19.55 -15.09 4.13
CA GLN B 216 19.56 -16.47 4.63
C GLN B 216 20.82 -17.20 4.25
N PHE B 217 21.08 -18.27 4.99
CA PHE B 217 22.19 -19.14 4.68
C PHE B 217 21.86 -20.58 5.04
N LEU B 218 21.55 -20.79 6.32
CA LEU B 218 21.23 -22.11 6.83
C LEU B 218 20.37 -23.00 5.92
N PRO B 219 19.27 -22.46 5.35
CA PRO B 219 18.39 -23.29 4.52
C PRO B 219 19.01 -23.79 3.22
N PHE B 220 20.10 -23.17 2.79
CA PHE B 220 20.79 -23.62 1.59
C PHE B 220 21.64 -24.83 1.92
N ILE B 221 22.10 -24.93 3.16
CA ILE B 221 22.89 -26.09 3.55
C ILE B 221 21.93 -27.27 3.77
N TRP B 222 20.96 -27.10 4.66
CA TRP B 222 19.99 -28.16 4.93
C TRP B 222 19.25 -28.59 3.66
N GLY B 223 18.92 -27.61 2.81
CA GLY B 223 18.16 -27.88 1.60
C GLY B 223 19.02 -28.67 0.62
N SER B 224 20.28 -28.26 0.49
CA SER B 224 21.25 -28.98 -0.37
C SER B 224 21.38 -30.43 0.07
N SER B 225 21.30 -30.67 1.39
CA SER B 225 21.35 -32.02 1.95
C SER B 225 20.10 -32.87 1.65
N GLN B 226 18.96 -32.21 1.62
CA GLN B 226 17.70 -32.84 1.24
C GLN B 226 17.86 -33.49 -0.12
N LEU B 227 18.65 -32.86 -0.97
CA LEU B 227 18.69 -33.20 -2.40
C LEU B 227 19.81 -34.15 -2.83
N ILE B 228 20.70 -34.50 -1.91
CA ILE B 228 21.76 -35.46 -2.18
C ILE B 228 21.20 -36.81 -2.70
N ASP B 229 21.74 -37.25 -3.84
CA ASP B 229 21.33 -38.49 -4.54
C ASP B 229 19.92 -38.52 -5.13
N HIS B 230 19.31 -37.36 -5.35
CA HIS B 230 18.04 -37.30 -6.05
C HIS B 230 18.18 -37.92 -7.47
N PRO B 231 17.24 -38.81 -7.87
CA PRO B 231 17.42 -39.51 -9.17
C PRO B 231 17.45 -38.61 -10.41
N TYR B 232 16.98 -37.38 -10.25
CA TYR B 232 16.86 -36.44 -11.36
C TYR B 232 17.41 -35.02 -11.09
N LEU B 233 17.06 -34.43 -9.94
CA LEU B 233 17.39 -33.02 -9.68
C LEU B 233 18.87 -32.76 -9.31
N GLU B 234 19.58 -32.20 -10.28
CA GLU B 234 20.98 -31.83 -10.11
C GLU B 234 20.98 -30.32 -9.83
N PRO B 235 22.08 -29.80 -9.27
CA PRO B 235 22.09 -28.38 -8.95
C PRO B 235 21.68 -27.49 -10.13
N ARG B 236 22.04 -27.93 -11.34
CA ARG B 236 21.78 -27.22 -12.58
C ARG B 236 20.30 -27.11 -12.94
N HIS B 237 19.44 -27.63 -12.08
CA HIS B 237 17.99 -27.47 -12.23
C HIS B 237 17.49 -26.24 -11.45
N PHE B 238 18.27 -25.79 -10.46
CA PHE B 238 17.74 -24.73 -9.59
C PHE B 238 17.61 -23.34 -10.21
N VAL B 239 18.23 -23.15 -11.38
CA VAL B 239 18.06 -21.93 -12.16
C VAL B 239 17.02 -22.13 -13.28
N ASP B 240 16.49 -23.36 -13.38
CA ASP B 240 15.45 -23.70 -14.33
C ASP B 240 14.11 -23.44 -13.67
N GLU B 241 13.39 -22.46 -14.18
CA GLU B 241 12.20 -21.99 -13.48
C GLU B 241 11.11 -23.06 -13.35
N LYS B 242 10.88 -23.85 -14.40
CA LYS B 242 9.93 -24.95 -14.33
C LYS B 242 10.31 -25.93 -13.22
N ALA B 243 11.58 -26.32 -13.16
CA ALA B 243 12.08 -27.20 -12.11
C ALA B 243 11.75 -26.68 -10.71
N VAL B 244 11.99 -25.40 -10.47
CA VAL B 244 11.68 -24.78 -9.18
C VAL B 244 10.18 -24.80 -8.86
N ASN B 245 9.35 -24.34 -9.81
CA ASN B 245 7.90 -24.25 -9.65
C ASN B 245 7.26 -25.58 -9.31
N GLU B 246 7.77 -26.63 -9.94
CA GLU B 246 7.18 -27.95 -9.88
C GLU B 246 7.62 -28.75 -8.65
N ASN B 247 8.68 -28.30 -7.95
CA ASN B 247 9.29 -29.11 -6.88
C ASN B 247 9.53 -28.36 -5.56
N HIS B 248 9.39 -27.03 -5.56
CA HIS B 248 9.71 -26.23 -4.37
C HIS B 248 8.90 -26.68 -3.15
N LYS B 249 7.67 -27.13 -3.37
CA LYS B 249 6.81 -27.70 -2.31
C LYS B 249 7.54 -28.65 -1.35
N ASP B 250 8.47 -29.42 -1.88
CA ASP B 250 9.21 -30.43 -1.12
C ASP B 250 10.66 -30.09 -0.76
N TYR B 251 11.20 -29.08 -1.43
CA TYR B 251 12.62 -28.80 -1.31
C TYR B 251 12.89 -27.39 -0.82
N MET B 252 13.49 -27.32 0.35
CA MET B 252 13.75 -26.05 1.02
C MET B 252 14.71 -25.19 0.22
N PHE B 253 15.77 -25.82 -0.28
CA PHE B 253 16.73 -25.13 -1.14
C PHE B 253 15.99 -24.42 -2.26
N LEU B 254 15.08 -25.13 -2.90
CA LEU B 254 14.26 -24.59 -4.00
C LEU B 254 13.26 -23.48 -3.62
N GLU B 255 12.55 -23.61 -2.48
CA GLU B 255 11.75 -22.48 -1.97
C GLU B 255 12.57 -21.19 -1.91
N CYS B 256 13.73 -21.23 -1.25
CA CYS B 256 14.59 -20.06 -1.15
C CYS B 256 14.83 -19.41 -2.50
N ILE B 257 15.31 -20.22 -3.45
CA ILE B 257 15.45 -19.81 -4.83
C ILE B 257 14.15 -19.09 -5.29
N LEU B 258 13.00 -19.74 -5.14
CA LEU B 258 11.74 -19.13 -5.56
C LEU B 258 11.60 -17.74 -4.96
N PHE B 259 11.93 -17.57 -3.69
CA PHE B 259 11.83 -16.26 -3.06
C PHE B 259 12.70 -15.19 -3.74
N ILE B 260 13.91 -15.57 -4.14
CA ILE B 260 14.76 -14.66 -4.88
C ILE B 260 14.17 -14.32 -6.25
N THR B 261 13.83 -15.32 -7.06
CA THR B 261 13.44 -15.02 -8.44
C THR B 261 12.16 -14.23 -8.54
N GLU B 262 11.30 -14.33 -7.53
CA GLU B 262 10.14 -13.48 -7.54
C GLU B 262 10.42 -12.05 -7.13
N MET B 263 11.51 -11.85 -6.41
CA MET B 263 11.80 -10.53 -5.90
C MET B 263 12.78 -9.77 -6.78
N LYS B 264 13.82 -10.44 -7.25
CA LYS B 264 14.87 -9.80 -8.04
C LYS B 264 14.56 -9.84 -9.52
N THR B 265 15.08 -8.86 -10.24
CA THR B 265 14.73 -8.70 -11.64
C THR B 265 15.97 -8.92 -12.47
N GLY B 266 15.74 -9.28 -13.74
CA GLY B 266 16.83 -9.51 -14.66
C GLY B 266 17.33 -10.94 -14.56
N PRO B 267 18.37 -11.27 -15.35
CA PRO B 267 18.90 -12.62 -15.45
C PRO B 267 19.55 -13.08 -14.15
N PHE B 268 19.46 -14.38 -13.90
CA PHE B 268 20.00 -14.99 -12.69
C PHE B 268 21.49 -14.71 -12.43
N ALA B 269 22.36 -15.06 -13.38
CA ALA B 269 23.79 -14.76 -13.29
C ALA B 269 24.04 -13.36 -12.76
N GLU B 270 23.13 -12.45 -13.09
CA GLU B 270 23.29 -11.05 -12.78
C GLU B 270 22.97 -10.77 -11.34
N HIS B 271 21.79 -11.19 -10.89
CA HIS B 271 21.35 -10.82 -9.55
C HIS B 271 21.81 -11.78 -8.48
N SER B 272 22.31 -12.95 -8.89
CA SER B 272 22.73 -14.02 -7.96
C SER B 272 23.91 -14.85 -8.48
N ASN B 273 25.03 -14.19 -8.68
CA ASN B 273 26.17 -14.79 -9.32
C ASN B 273 26.80 -15.94 -8.55
N GLN B 274 26.74 -15.88 -7.22
CA GLN B 274 27.27 -16.96 -6.40
C GLN B 274 26.47 -18.23 -6.64
N LEU B 275 25.14 -18.12 -6.50
CA LEU B 275 24.23 -19.24 -6.79
C LEU B 275 24.30 -19.67 -8.26
N TRP B 276 24.39 -18.70 -9.16
CA TRP B 276 24.60 -19.04 -10.56
C TRP B 276 25.77 -20.01 -10.72
N ASN B 277 26.93 -19.66 -10.17
CA ASN B 277 28.14 -20.49 -10.34
C ASN B 277 28.02 -21.82 -9.63
N ILE B 278 27.38 -21.78 -8.46
CA ILE B 278 27.11 -22.99 -7.68
C ILE B 278 26.21 -23.98 -8.42
N SER B 279 25.38 -23.50 -9.33
CA SER B 279 24.41 -24.37 -9.99
C SER B 279 25.10 -25.34 -10.93
N ALA B 280 26.34 -24.98 -11.27
CA ALA B 280 27.17 -25.73 -12.20
C ALA B 280 28.02 -26.76 -11.47
N VAL B 281 27.87 -26.82 -10.15
CA VAL B 281 28.50 -27.89 -9.38
C VAL B 281 27.67 -29.15 -9.70
N PRO B 282 28.30 -30.19 -10.26
CA PRO B 282 27.51 -31.34 -10.74
C PRO B 282 26.56 -31.97 -9.70
N SER B 283 27.03 -32.18 -8.47
CA SER B 283 26.20 -32.89 -7.50
C SER B 283 25.94 -32.13 -6.19
N TRP B 284 24.81 -32.44 -5.57
CA TRP B 284 24.36 -31.75 -4.35
C TRP B 284 25.23 -32.08 -3.16
N SER B 285 25.80 -33.27 -3.18
CA SER B 285 26.80 -33.69 -2.21
C SER B 285 27.89 -32.62 -2.00
N LYS B 286 28.57 -32.26 -3.09
CA LYS B 286 29.63 -31.24 -3.09
C LYS B 286 29.19 -29.79 -2.83
N VAL B 287 28.06 -29.39 -3.42
CA VAL B 287 27.36 -28.16 -3.02
C VAL B 287 27.15 -28.12 -1.49
N ASN B 288 26.57 -29.19 -0.94
CA ASN B 288 26.34 -29.30 0.49
C ASN B 288 27.64 -29.17 1.31
N GLN B 289 28.70 -29.91 0.94
CA GLN B 289 29.99 -29.81 1.63
C GLN B 289 30.55 -28.40 1.54
N GLY B 290 30.54 -27.84 0.33
CA GLY B 290 31.09 -26.52 0.09
C GLY B 290 30.45 -25.41 0.88
N LEU B 291 29.12 -25.43 0.98
CA LEU B 291 28.36 -24.45 1.77
C LEU B 291 28.71 -24.47 3.25
N ILE B 292 29.14 -25.62 3.75
CA ILE B 292 29.49 -25.71 5.16
C ILE B 292 30.82 -24.99 5.41
N ARG B 293 31.79 -25.23 4.53
CA ARG B 293 33.04 -24.47 4.49
C ARG B 293 32.69 -22.97 4.37
N MET B 294 31.80 -22.64 3.43
CA MET B 294 31.37 -21.26 3.18
C MET B 294 30.66 -20.60 4.36
N TYR B 295 29.81 -21.35 5.06
CA TYR B 295 29.07 -20.82 6.20
C TYR B 295 29.99 -20.47 7.36
N LYS B 296 31.03 -21.27 7.54
CA LYS B 296 32.06 -20.99 8.54
C LYS B 296 32.81 -19.73 8.14
N ALA B 297 33.37 -19.77 6.93
CA ALA B 297 34.15 -18.68 6.34
C ALA B 297 33.42 -17.32 6.28
N GLU B 298 32.22 -17.31 5.71
CA GLU B 298 31.50 -16.07 5.40
C GLU B 298 30.55 -15.57 6.49
N CYS B 299 30.25 -16.41 7.48
CA CYS B 299 29.24 -16.05 8.48
C CYS B 299 29.72 -16.22 9.92
N LEU B 300 30.09 -17.44 10.27
CA LEU B 300 30.50 -17.74 11.65
C LEU B 300 31.83 -17.11 12.03
N GLU B 301 32.77 -17.09 11.09
CA GLU B 301 34.12 -16.56 11.31
C GLU B 301 34.28 -15.14 10.77
N LYS B 302 33.14 -14.49 10.50
CA LYS B 302 33.12 -13.09 10.03
C LYS B 302 32.58 -12.20 11.15
N PHE B 303 33.41 -11.28 11.59
CA PHE B 303 33.07 -10.41 12.70
C PHE B 303 31.76 -9.64 12.51
N PRO B 304 31.66 -8.80 11.45
CA PRO B 304 30.42 -8.05 11.23
C PRO B 304 29.16 -8.91 11.28
N VAL B 305 29.27 -10.17 10.87
CA VAL B 305 28.09 -11.00 10.70
C VAL B 305 27.66 -11.64 12.02
N ILE B 306 28.67 -11.97 12.84
CA ILE B 306 28.55 -12.83 14.02
C ILE B 306 28.78 -12.12 15.37
N GLN B 307 29.35 -10.91 15.34
CA GLN B 307 29.70 -10.17 16.57
C GLN B 307 28.57 -9.95 17.61
N HIS B 308 27.35 -10.30 17.25
CA HIS B 308 26.21 -10.08 18.14
C HIS B 308 25.72 -11.35 18.81
N PHE B 309 26.49 -12.43 18.68
CA PHE B 309 26.07 -13.70 19.23
C PHE B 309 26.07 -13.62 20.74
N LYS B 310 24.99 -14.10 21.32
CA LYS B 310 24.81 -14.01 22.74
C LYS B 310 25.27 -15.27 23.43
N PHE B 311 26.08 -15.10 24.49
CA PHE B 311 26.73 -16.20 25.22
C PHE B 311 26.25 -16.29 26.67
N GLY B 312 25.86 -17.51 27.07
CA GLY B 312 25.24 -17.73 28.37
C GLY B 312 25.75 -18.96 29.11
N SER B 313 24.81 -19.73 29.66
CA SER B 313 25.11 -20.98 30.37
C SER B 313 24.93 -22.20 29.45
N LEU B 314 23.97 -22.11 28.54
CA LEU B 314 23.73 -23.15 27.55
C LEU B 314 24.76 -23.04 26.41
N LEU B 315 25.03 -21.81 26.01
CA LEU B 315 26.01 -21.53 24.95
C LEU B 315 27.08 -20.61 25.53
N PRO B 316 28.02 -21.21 26.27
CA PRO B 316 29.00 -20.48 27.07
C PRO B 316 30.15 -19.94 26.24
N ILE B 317 30.69 -18.82 26.68
CA ILE B 317 31.91 -18.26 26.13
C ILE B 317 33.17 -19.16 26.38
N HIS B 318 33.27 -19.77 27.57
CA HIS B 318 34.48 -20.55 27.94
C HIS B 318 34.80 -21.71 26.99
N PRO B 319 36.07 -22.16 26.97
CA PRO B 319 36.52 -23.26 26.11
C PRO B 319 35.73 -24.57 26.21
N VAL B 320 35.94 -25.45 25.23
CA VAL B 320 35.25 -26.74 25.18
C VAL B 320 36.00 -27.79 26.02
N THR B 321 36.23 -27.45 27.28
CA THR B 321 36.91 -28.35 28.22
C THR B 321 36.06 -29.59 28.53
N SER B 322 36.73 -30.73 28.73
CA SER B 322 36.11 -32.05 28.94
C SER B 322 37.05 -33.17 28.52
N ASN C 22 30.25 20.61 65.06
CA ASN C 22 31.53 20.88 64.36
C ASN C 22 31.39 21.45 62.95
N PHE C 23 30.18 21.82 62.55
CA PHE C 23 29.96 22.48 61.26
C PHE C 23 30.46 23.92 61.31
N ILE C 24 31.08 24.36 60.22
CA ILE C 24 31.53 25.74 60.09
C ILE C 24 31.13 26.27 58.70
N ILE C 25 30.92 27.59 58.57
CA ILE C 25 30.58 28.20 57.26
C ILE C 25 31.69 27.94 56.22
N PRO C 26 31.34 27.38 55.04
CA PRO C 26 32.37 27.18 54.03
C PRO C 26 32.78 28.49 53.34
N LYS C 27 34.09 28.71 53.25
CA LYS C 27 34.65 29.97 52.73
C LYS C 27 35.70 29.74 51.63
N LYS C 28 36.02 30.82 50.94
CA LYS C 28 37.09 30.88 49.96
C LYS C 28 38.46 30.55 50.60
N GLU C 29 39.19 29.65 49.97
CA GLU C 29 40.52 29.25 50.45
C GLU C 29 41.54 29.15 49.31
N ILE C 30 41.09 29.43 48.08
CA ILE C 30 41.95 29.50 46.90
C ILE C 30 42.26 30.98 46.54
N HIS C 31 43.44 31.45 46.92
CA HIS C 31 43.84 32.86 46.66
C HIS C 31 44.99 33.01 45.66
N THR C 32 45.98 32.12 45.74
CA THR C 32 47.14 32.13 44.85
C THR C 32 47.31 30.73 44.27
N VAL C 33 48.29 30.54 43.39
CA VAL C 33 48.59 29.20 42.84
C VAL C 33 48.85 28.12 43.88
N PRO C 34 49.69 28.40 44.89
CA PRO C 34 49.95 27.29 45.82
C PRO C 34 48.68 26.76 46.44
N ASP C 35 47.62 27.57 46.47
CA ASP C 35 46.35 27.08 46.99
C ASP C 35 45.72 26.09 46.03
N MET C 36 45.98 26.23 44.72
CA MET C 36 45.51 25.24 43.75
C MET C 36 46.06 23.88 44.09
N GLY C 37 47.33 23.86 44.49
CA GLY C 37 47.98 22.66 45.01
C GLY C 37 47.29 22.16 46.25
N LYS C 38 47.04 23.06 47.21
CA LYS C 38 46.33 22.69 48.44
C LYS C 38 45.02 22.00 48.07
N TRP C 39 44.34 22.60 47.10
CA TRP C 39 43.08 22.10 46.59
C TRP C 39 43.18 20.71 45.93
N LYS C 40 44.26 20.39 45.23
CA LYS C 40 44.40 19.05 44.67
C LYS C 40 44.57 18.00 45.77
N ARG C 41 45.32 18.36 46.81
CA ARG C 41 45.66 17.45 47.92
C ARG C 41 44.55 17.35 48.94
N SER C 42 43.55 18.20 48.83
CA SER C 42 42.56 18.35 49.88
C SER C 42 41.64 17.15 49.92
N GLN C 43 41.11 16.87 51.12
CA GLN C 43 40.03 15.92 51.29
C GLN C 43 38.88 16.30 50.37
N ALA C 44 38.48 17.57 50.44
CA ALA C 44 37.37 18.13 49.63
C ALA C 44 37.47 17.72 48.18
N TYR C 45 38.70 17.67 47.67
CA TYR C 45 38.94 17.30 46.29
C TYR C 45 38.70 15.83 46.05
N ALA C 46 39.33 15.00 46.87
CA ALA C 46 39.18 13.57 46.74
C ALA C 46 37.71 13.24 46.96
N ASP C 47 37.15 13.83 48.01
CA ASP C 47 35.70 13.77 48.27
C ASP C 47 34.92 14.18 47.02
N TYR C 48 35.26 15.32 46.41
CA TYR C 48 34.48 15.86 45.27
C TYR C 48 34.61 15.05 43.98
N ILE C 49 35.83 14.66 43.64
CA ILE C 49 36.09 13.86 42.44
C ILE C 49 35.44 12.47 42.55
N GLY C 50 35.67 11.80 43.69
CA GLY C 50 35.06 10.51 43.98
C GLY C 50 33.55 10.56 43.78
N PHE C 51 32.92 11.61 44.33
CA PHE C 51 31.48 11.80 44.24
C PHE C 51 31.05 11.78 42.76
N ILE C 52 31.70 12.65 41.97
CA ILE C 52 31.52 12.74 40.50
C ILE C 52 31.81 11.40 39.78
N LEU C 53 32.84 10.70 40.22
CA LEU C 53 33.30 9.48 39.55
C LEU C 53 32.41 8.27 39.81
N THR C 54 31.91 8.19 41.04
CA THR C 54 30.93 7.20 41.46
C THR C 54 29.60 7.43 40.69
N LEU C 55 29.07 8.64 40.72
CA LEU C 55 27.83 8.93 39.98
C LEU C 55 27.94 8.54 38.50
N ASN C 56 29.11 8.81 37.91
CA ASN C 56 29.41 8.48 36.52
C ASN C 56 29.34 7.00 36.19
N GLU C 57 29.83 6.16 37.10
CA GLU C 57 29.84 4.71 36.94
C GLU C 57 28.43 4.10 36.97
N GLY C 58 27.66 4.48 37.99
CA GLY C 58 26.29 4.01 38.20
C GLY C 58 25.23 4.49 37.22
N VAL C 59 25.59 5.41 36.33
CA VAL C 59 24.66 5.82 35.26
C VAL C 59 25.04 5.13 33.95
N LYS C 60 26.17 4.43 33.97
CA LYS C 60 26.80 3.89 32.76
C LYS C 60 25.81 3.08 31.94
N GLY C 61 25.77 3.35 30.64
CA GLY C 61 24.91 2.64 29.68
C GLY C 61 23.44 2.54 30.03
N LYS C 62 22.91 3.57 30.67
CA LYS C 62 21.54 3.55 31.18
C LYS C 62 20.78 4.79 30.75
N LYS C 63 19.61 4.60 30.12
CA LYS C 63 18.72 5.70 29.69
C LYS C 63 18.19 6.58 30.82
N LEU C 64 17.66 7.74 30.49
CA LEU C 64 16.91 8.57 31.45
C LEU C 64 15.59 7.92 31.88
N THR C 65 15.24 6.80 31.23
CA THR C 65 13.97 6.10 31.51
C THR C 65 14.14 4.81 32.33
N PHE C 66 15.32 4.67 32.95
CA PHE C 66 15.65 3.48 33.76
C PHE C 66 14.85 3.46 35.07
N GLU C 67 14.42 2.26 35.48
CA GLU C 67 13.62 2.07 36.70
C GLU C 67 14.43 2.24 37.99
N TYR C 68 14.63 3.49 38.43
CA TYR C 68 15.45 3.75 39.64
C TYR C 68 14.66 4.09 40.92
N ARG C 69 15.22 3.66 42.06
CA ARG C 69 14.66 3.94 43.37
C ARG C 69 14.59 5.46 43.59
N VAL C 70 13.47 5.95 44.13
CA VAL C 70 13.31 7.38 44.36
C VAL C 70 12.95 7.67 45.83
N SER C 71 13.90 8.29 46.54
CA SER C 71 13.78 8.60 47.97
C SER C 71 13.02 9.90 48.26
N GLU C 72 12.49 10.00 49.48
CA GLU C 72 11.86 11.23 49.98
C GLU C 72 12.89 12.37 50.16
N ALA C 73 14.17 12.05 50.04
CA ALA C 73 15.22 13.06 49.99
C ALA C 73 15.28 13.65 48.59
N ILE C 74 15.05 12.80 47.59
CA ILE C 74 15.13 13.21 46.18
C ILE C 74 13.93 14.06 45.77
N GLU C 75 12.72 13.55 46.02
CA GLU C 75 11.50 14.31 45.79
C GLU C 75 11.61 15.70 46.41
N LYS C 76 12.17 15.77 47.62
CA LYS C 76 12.31 17.05 48.35
C LYS C 76 13.32 18.02 47.75
N LEU C 77 14.25 17.50 46.96
CA LEU C 77 15.12 18.34 46.16
C LEU C 77 14.39 18.82 44.93
N VAL C 78 13.60 17.93 44.33
CA VAL C 78 12.81 18.27 43.13
C VAL C 78 11.81 19.37 43.44
N ALA C 79 11.21 19.34 44.62
CA ALA C 79 10.36 20.44 45.07
C ALA C 79 11.16 21.73 45.23
N LEU C 80 12.37 21.64 45.77
CA LEU C 80 13.22 22.79 46.03
C LEU C 80 13.55 23.56 44.73
N LEU C 81 13.98 22.83 43.70
CA LEU C 81 14.22 23.40 42.39
C LEU C 81 12.94 23.93 41.78
N ASN C 82 11.84 23.21 42.00
CA ASN C 82 10.53 23.67 41.55
C ASN C 82 10.14 24.99 42.20
N THR C 83 10.64 25.25 43.41
CA THR C 83 10.45 26.55 44.06
C THR C 83 11.26 27.66 43.35
N LEU C 84 12.50 27.35 42.99
CA LEU C 84 13.34 28.25 42.22
C LEU C 84 12.65 28.54 40.89
N ASP C 85 12.13 27.49 40.26
CA ASP C 85 11.37 27.60 39.01
C ASP C 85 10.21 28.58 39.13
N ARG C 86 9.28 28.27 40.03
CA ARG C 86 8.13 29.12 40.30
C ARG C 86 8.52 30.59 40.54
N TRP C 87 9.61 30.82 41.29
CA TRP C 87 10.14 32.17 41.55
C TRP C 87 10.53 32.93 40.26
N ILE C 88 11.16 32.25 39.29
CA ILE C 88 11.43 32.88 37.99
C ILE C 88 10.12 33.33 37.36
N ASP C 89 9.16 32.42 37.25
CA ASP C 89 7.81 32.74 36.79
C ASP C 89 7.22 33.94 37.54
N GLU C 90 7.58 34.09 38.80
CA GLU C 90 7.06 35.19 39.62
C GLU C 90 7.88 36.47 39.42
N THR C 91 9.08 36.33 38.85
CA THR C 91 9.98 37.46 38.60
C THR C 91 10.26 37.61 37.10
N PRO C 92 9.31 38.20 36.34
CA PRO C 92 9.53 38.34 34.92
C PRO C 92 10.65 39.34 34.61
N PRO C 93 11.36 39.13 33.47
CA PRO C 93 12.38 40.06 32.99
C PRO C 93 11.88 41.51 32.92
N VAL C 94 12.74 42.44 33.32
CA VAL C 94 12.45 43.87 33.20
C VAL C 94 12.75 44.36 31.78
N ASP C 95 12.09 45.43 31.37
CA ASP C 95 12.45 46.01 30.08
C ASP C 95 13.75 46.80 30.26
N GLN C 96 14.72 46.53 29.39
CA GLN C 96 16.03 47.17 29.46
C GLN C 96 16.70 47.21 28.08
N PRO C 97 17.53 48.25 27.84
CA PRO C 97 18.21 48.37 26.55
C PRO C 97 19.19 47.24 26.31
N SER C 98 19.94 46.83 27.33
CA SER C 98 21.11 45.99 27.12
C SER C 98 20.80 44.56 26.68
N ARG C 99 21.65 44.05 25.79
CA ARG C 99 21.57 42.68 25.36
C ARG C 99 22.18 41.72 26.39
N PHE C 100 22.84 42.25 27.41
CA PHE C 100 23.46 41.38 28.40
C PHE C 100 22.42 40.99 29.45
N GLY C 101 22.86 40.48 30.58
CA GLY C 101 21.95 39.87 31.55
C GLY C 101 20.88 40.80 32.09
N ASN C 102 19.63 40.34 32.08
CA ASN C 102 18.48 41.14 32.56
C ASN C 102 18.54 41.41 34.04
N LYS C 103 18.41 42.67 34.44
CA LYS C 103 18.58 43.08 35.84
C LYS C 103 17.56 42.49 36.84
N ALA C 104 16.59 41.71 36.36
CA ALA C 104 15.64 41.02 37.24
C ALA C 104 16.23 39.80 37.90
N TYR C 105 17.34 39.27 37.37
CA TYR C 105 18.02 38.11 37.99
C TYR C 105 18.38 38.42 39.44
N ARG C 106 18.93 39.60 39.69
CA ARG C 106 19.24 40.06 41.06
C ARG C 106 18.02 40.03 42.03
N THR C 107 16.83 40.37 41.53
CA THR C 107 15.56 40.18 42.27
C THR C 107 15.30 38.69 42.53
N TRP C 108 15.46 37.85 41.51
CA TRP C 108 15.36 36.42 41.68
C TRP C 108 16.41 35.90 42.68
N TYR C 109 17.67 36.28 42.46
CA TYR C 109 18.77 35.80 43.30
C TYR C 109 18.70 36.27 44.75
N ALA C 110 18.30 37.53 44.96
CA ALA C 110 18.12 38.04 46.34
C ALA C 110 17.20 37.15 47.17
N LYS C 111 16.14 36.62 46.55
CA LYS C 111 15.17 35.73 47.19
C LYS C 111 15.77 34.36 47.53
N LEU C 112 16.53 33.81 46.60
CA LEU C 112 17.26 32.57 46.86
C LEU C 112 18.32 32.79 47.94
N ASP C 113 18.93 33.98 47.95
CA ASP C 113 19.94 34.32 48.95
C ASP C 113 19.32 34.30 50.32
N GLU C 114 18.03 34.63 50.37
CA GLU C 114 17.27 34.75 51.61
C GLU C 114 16.66 33.42 52.09
N GLU C 115 16.06 32.67 51.17
CA GLU C 115 15.32 31.47 51.55
C GLU C 115 16.18 30.23 51.53
N ALA C 116 17.44 30.38 51.11
CA ALA C 116 18.40 29.28 51.00
C ALA C 116 18.31 28.27 52.13
N GLU C 117 18.70 28.70 53.33
CA GLU C 117 18.71 27.83 54.52
C GLU C 117 17.36 27.18 54.80
N ASN C 118 16.29 27.94 54.55
CA ASN C 118 14.93 27.47 54.72
C ASN C 118 14.57 26.42 53.70
N LEU C 119 15.07 26.58 52.48
CA LEU C 119 14.84 25.62 51.42
C LEU C 119 15.66 24.33 51.65
N VAL C 120 16.78 24.46 52.34
CA VAL C 120 17.63 23.32 52.59
C VAL C 120 17.02 22.50 53.73
N ALA C 121 16.51 23.22 54.73
CA ALA C 121 15.88 22.63 55.89
C ALA C 121 14.56 21.89 55.55
N THR C 122 14.14 21.96 54.29
CA THR C 122 12.98 21.20 53.83
C THR C 122 13.42 19.83 53.34
N VAL C 123 14.71 19.68 53.13
CA VAL C 123 15.29 18.43 52.67
C VAL C 123 15.92 17.78 53.88
N VAL C 124 16.70 18.58 54.61
CA VAL C 124 17.43 18.13 55.80
C VAL C 124 16.47 17.77 56.94
N PRO C 125 16.67 16.58 57.54
CA PRO C 125 15.89 16.16 58.70
C PRO C 125 16.20 17.01 59.93
N THR C 126 15.19 17.17 60.80
CA THR C 126 15.26 18.04 61.97
C THR C 126 16.51 17.80 62.82
N HIS C 127 16.81 16.53 63.11
CA HIS C 127 17.95 16.16 63.96
C HIS C 127 19.31 16.49 63.35
N LEU C 128 19.38 16.52 62.01
CA LEU C 128 20.63 16.80 61.31
C LEU C 128 20.79 18.28 60.96
N ALA C 129 19.79 19.08 61.29
CA ALA C 129 19.68 20.46 60.79
C ALA C 129 20.77 21.47 61.21
N ALA C 130 21.68 21.06 62.09
CA ALA C 130 22.85 21.91 62.44
C ALA C 130 23.80 22.03 61.24
N ALA C 131 23.51 21.23 60.22
CA ALA C 131 24.30 21.13 59.01
C ALA C 131 23.77 22.03 57.91
N VAL C 132 22.50 22.44 58.03
CA VAL C 132 21.85 23.34 57.07
C VAL C 132 22.66 24.60 56.71
N PRO C 133 23.16 25.37 57.70
CA PRO C 133 23.93 26.58 57.34
C PRO C 133 25.20 26.35 56.50
N GLU C 134 26.01 25.34 56.84
CA GLU C 134 27.19 25.01 56.02
C GLU C 134 26.79 24.39 54.68
N VAL C 135 25.66 23.68 54.67
CA VAL C 135 25.14 23.13 53.41
C VAL C 135 24.54 24.22 52.53
N ALA C 136 23.83 25.17 53.13
CA ALA C 136 23.09 26.22 52.40
C ALA C 136 23.97 27.15 51.54
N VAL C 137 25.22 27.30 51.97
CA VAL C 137 26.16 28.17 51.27
C VAL C 137 26.38 27.67 49.83
N TYR C 138 26.54 26.36 49.66
CA TYR C 138 26.75 25.76 48.35
C TYR C 138 25.55 25.93 47.41
N LEU C 139 24.33 25.80 47.92
CA LEU C 139 23.17 26.09 47.07
C LEU C 139 23.20 27.55 46.63
N LYS C 140 23.56 28.44 47.54
CA LYS C 140 23.71 29.86 47.22
C LYS C 140 24.76 30.15 46.11
N GLU C 141 25.80 29.30 46.03
CA GLU C 141 26.90 29.44 45.05
C GLU C 141 26.69 28.69 43.72
N SER C 142 25.47 28.17 43.49
CA SER C 142 25.27 27.23 42.36
C SER C 142 24.27 27.67 41.31
N VAL C 143 23.97 28.96 41.27
CA VAL C 143 22.94 29.49 40.35
C VAL C 143 23.42 30.73 39.61
N GLY C 144 24.67 31.13 39.84
CA GLY C 144 25.26 32.22 39.08
C GLY C 144 25.67 33.39 39.94
N ASN C 145 26.13 34.45 39.30
CA ASN C 145 26.67 35.58 40.01
C ASN C 145 25.77 36.79 39.79
N SER C 146 25.22 37.27 40.90
CA SER C 146 24.23 38.35 40.88
C SER C 146 24.74 39.64 40.27
N THR C 147 26.04 39.90 40.42
CA THR C 147 26.63 41.17 40.00
C THR C 147 26.97 41.26 38.49
N ARG C 148 27.60 40.23 37.91
CA ARG C 148 27.90 40.21 36.47
C ARG C 148 26.74 39.61 35.69
N ILE C 149 25.84 38.91 36.40
CA ILE C 149 24.70 38.21 35.79
C ILE C 149 25.21 37.16 34.79
N ASP C 150 26.21 36.40 35.21
CA ASP C 150 26.76 35.33 34.41
C ASP C 150 26.56 33.99 35.09
N TYR C 151 27.02 32.91 34.44
CA TYR C 151 26.94 31.56 34.97
C TYR C 151 27.93 30.68 34.23
N GLY C 152 28.74 29.95 35.00
CA GLY C 152 29.68 28.98 34.44
C GLY C 152 29.71 27.62 35.11
N THR C 153 30.76 26.87 34.80
CA THR C 153 30.95 25.52 35.32
C THR C 153 31.28 25.54 36.83
N GLY C 154 31.85 26.64 37.30
CA GLY C 154 32.12 26.84 38.73
C GLY C 154 30.82 26.80 39.54
N HIS C 155 29.80 27.49 39.03
CA HIS C 155 28.48 27.40 39.62
C HIS C 155 27.92 25.99 39.55
N GLU C 156 28.07 25.33 38.41
CA GLU C 156 27.61 23.96 38.29
C GLU C 156 28.36 23.08 39.26
N ALA C 157 29.69 23.26 39.34
CA ALA C 157 30.49 22.52 40.31
C ALA C 157 29.87 22.63 41.70
N ALA C 158 29.73 23.88 42.16
CA ALA C 158 29.18 24.21 43.48
C ALA C 158 27.81 23.61 43.76
N PHE C 159 27.06 23.23 42.72
CA PHE C 159 25.84 22.47 42.91
C PHE C 159 26.16 21.00 43.21
N ALA C 160 26.91 20.35 42.33
CA ALA C 160 27.44 19.01 42.62
C ALA C 160 27.99 18.90 44.06
N ALA C 161 28.67 19.95 44.53
CA ALA C 161 29.25 20.01 45.87
C ALA C 161 28.22 20.21 46.98
N PHE C 162 27.11 20.84 46.63
CA PHE C 162 25.95 20.92 47.48
C PHE C 162 25.28 19.55 47.64
N LEU C 163 25.28 18.75 46.57
CA LEU C 163 24.77 17.37 46.64
C LEU C 163 25.81 16.42 47.23
N CYS C 164 27.09 16.73 47.03
CA CYS C 164 28.15 15.99 47.72
C CYS C 164 28.02 16.07 49.25
N CYS C 165 27.86 17.30 49.76
CA CYS C 165 27.67 17.57 51.18
C CYS C 165 26.53 16.76 51.79
N LEU C 166 25.47 16.54 51.01
CA LEU C 166 24.29 15.82 51.49
C LEU C 166 24.49 14.30 51.52
N CYS C 167 25.44 13.82 50.73
CA CYS C 167 25.80 12.41 50.74
C CYS C 167 26.77 12.05 51.88
N LYS C 168 27.59 13.02 52.29
CA LYS C 168 28.52 12.88 53.44
C LYS C 168 27.72 12.65 54.72
N ILE C 169 26.86 13.61 55.05
CA ILE C 169 25.94 13.51 56.18
C ILE C 169 24.87 12.44 55.96
N GLY C 170 24.73 12.01 54.70
CA GLY C 170 23.92 10.86 54.34
C GLY C 170 22.43 11.06 54.32
N VAL C 171 21.98 12.17 53.73
CA VAL C 171 20.56 12.36 53.44
C VAL C 171 20.24 11.61 52.13
N LEU C 172 21.15 11.73 51.17
CA LEU C 172 21.14 10.97 49.94
C LEU C 172 22.03 9.74 50.16
N ARG C 173 21.51 8.55 49.86
CA ARG C 173 22.21 7.30 50.15
C ARG C 173 22.56 6.52 48.88
N VAL C 174 23.38 5.48 49.01
CA VAL C 174 23.86 4.69 47.88
C VAL C 174 22.78 4.31 46.84
N ASP C 175 21.61 3.83 47.30
CA ASP C 175 20.48 3.47 46.42
C ASP C 175 20.04 4.60 45.50
N ASP C 176 20.37 5.82 45.88
CA ASP C 176 19.76 7.03 45.30
C ASP C 176 20.70 7.92 44.47
N GLN C 177 21.87 7.40 44.12
CA GLN C 177 22.85 8.13 43.33
C GLN C 177 22.45 8.23 41.85
N ILE C 178 21.74 7.21 41.36
CA ILE C 178 21.25 7.22 39.99
C ILE C 178 20.13 8.26 39.85
N ALA C 179 19.30 8.36 40.89
CA ALA C 179 18.26 9.39 40.98
C ALA C 179 18.84 10.80 41.07
N ILE C 180 20.01 10.93 41.69
CA ILE C 180 20.68 12.25 41.86
C ILE C 180 20.97 12.90 40.50
N VAL C 181 21.32 12.05 39.54
CA VAL C 181 21.75 12.48 38.22
C VAL C 181 20.55 12.59 37.28
N PHE C 182 19.82 11.48 37.13
CA PHE C 182 18.72 11.41 36.16
C PHE C 182 17.52 12.21 36.60
N LYS C 183 17.45 12.56 37.88
CA LYS C 183 16.29 13.30 38.35
C LYS C 183 16.63 14.69 38.89
N VAL C 184 17.53 14.76 39.86
CA VAL C 184 17.84 16.03 40.53
C VAL C 184 18.71 16.94 39.64
N PHE C 185 19.78 16.38 39.09
CA PHE C 185 20.65 17.16 38.22
C PHE C 185 19.90 17.54 36.95
N ASN C 186 19.23 16.56 36.36
CA ASN C 186 18.36 16.78 35.20
C ASN C 186 17.40 17.94 35.43
N ARG C 187 16.67 17.90 36.54
CA ARG C 187 15.79 19.03 36.92
C ARG C 187 16.58 20.34 37.09
N TYR C 188 17.78 20.24 37.68
CA TYR C 188 18.67 21.38 37.91
C TYR C 188 19.01 22.04 36.57
N LEU C 189 19.27 21.20 35.55
CA LEU C 189 19.64 21.71 34.24
C LEU C 189 18.47 22.47 33.63
N GLU C 190 17.30 21.86 33.60
CA GLU C 190 16.13 22.50 33.01
C GLU C 190 15.88 23.89 33.59
N VAL C 191 16.13 24.07 34.88
CA VAL C 191 15.99 25.37 35.52
C VAL C 191 17.13 26.33 35.14
N MET C 192 18.38 25.90 35.33
CA MET C 192 19.51 26.70 34.86
C MET C 192 19.25 27.20 33.44
N ARG C 193 18.81 26.30 32.57
CA ARG C 193 18.50 26.62 31.18
C ARG C 193 17.42 27.69 31.10
N LYS C 194 16.37 27.53 31.91
CA LYS C 194 15.30 28.51 31.97
C LYS C 194 15.81 29.86 32.49
N LEU C 195 16.72 29.80 33.45
CA LEU C 195 17.47 30.98 33.94
C LEU C 195 18.32 31.66 32.87
N GLN C 196 18.97 30.84 32.06
CA GLN C 196 19.91 31.34 31.05
C GLN C 196 19.12 32.00 29.95
N LYS C 197 18.16 31.28 29.36
CA LYS C 197 17.20 31.85 28.45
C LYS C 197 16.56 33.10 29.03
N THR C 198 15.95 32.94 30.19
CA THR C 198 15.01 33.94 30.67
C THR C 198 15.71 35.26 31.03
N TYR C 199 16.87 35.15 31.65
CA TYR C 199 17.56 36.36 32.07
C TYR C 199 18.70 36.76 31.13
N ARG C 200 18.89 35.95 30.08
CA ARG C 200 19.85 36.21 29.02
C ARG C 200 21.25 36.29 29.62
N MET C 201 21.50 35.34 30.51
CA MET C 201 22.71 35.32 31.31
C MET C 201 23.94 35.17 30.44
N GLU C 202 25.04 35.78 30.86
CA GLU C 202 26.29 35.62 30.14
C GLU C 202 26.95 34.36 30.62
N PRO C 203 27.73 33.71 29.74
CA PRO C 203 28.67 32.72 30.25
C PRO C 203 29.71 33.41 31.14
N ALA C 204 30.02 32.81 32.29
CA ALA C 204 31.13 33.27 33.10
C ALA C 204 32.42 32.91 32.39
N GLY C 205 33.40 33.82 32.47
CA GLY C 205 34.72 33.62 31.86
C GLY C 205 34.81 33.96 30.37
N SER C 206 35.97 33.64 29.77
CA SER C 206 36.15 33.67 28.30
C SER C 206 35.98 32.25 27.76
N GLN C 207 34.72 31.86 27.53
CA GLN C 207 34.43 30.49 27.17
C GLN C 207 33.33 30.37 26.09
N GLY C 208 32.42 31.36 26.04
CA GLY C 208 31.41 31.50 24.98
C GLY C 208 31.82 31.02 23.58
N VAL C 209 33.13 31.07 23.27
CA VAL C 209 33.65 30.57 22.00
C VAL C 209 34.66 29.41 22.21
N TRP C 210 35.79 29.71 22.82
CA TRP C 210 36.94 28.78 22.94
C TRP C 210 36.73 27.59 23.89
N GLY C 211 35.49 27.44 24.38
CA GLY C 211 35.16 26.36 25.32
C GLY C 211 34.06 25.42 24.85
N LEU C 212 34.11 24.21 25.40
CA LEU C 212 33.18 23.14 25.15
C LEU C 212 31.72 23.60 25.10
N ASP C 213 31.28 24.25 26.17
CA ASP C 213 29.92 24.71 26.25
C ASP C 213 29.93 26.02 26.99
N ASP C 214 28.87 26.80 26.78
CA ASP C 214 28.77 28.12 27.35
C ASP C 214 28.73 28.09 28.89
N PHE C 215 27.98 27.12 29.42
CA PHE C 215 27.62 27.06 30.82
C PHE C 215 27.95 25.73 31.53
N GLN C 216 27.70 24.60 30.85
CA GLN C 216 27.75 23.27 31.49
C GLN C 216 29.00 22.50 31.15
N PHE C 217 29.31 21.51 31.98
CA PHE C 217 30.35 20.55 31.66
C PHE C 217 29.96 19.14 32.16
N LEU C 218 29.58 19.04 33.43
CA LEU C 218 29.25 17.76 34.00
C LEU C 218 28.28 16.95 33.16
N PRO C 219 27.16 17.56 32.72
CA PRO C 219 26.17 16.78 31.94
C PRO C 219 26.74 16.09 30.72
N PHE C 220 27.87 16.60 30.22
CA PHE C 220 28.49 15.99 29.06
C PHE C 220 29.22 14.73 29.44
N ILE C 221 29.65 14.63 30.70
CA ILE C 221 30.40 13.48 31.17
C ILE C 221 29.47 12.34 31.51
N TRP C 222 28.49 12.64 32.34
CA TRP C 222 27.49 11.67 32.73
C TRP C 222 26.62 11.28 31.55
N GLY C 223 26.47 12.21 30.60
CA GLY C 223 25.68 11.95 29.40
C GLY C 223 26.44 11.04 28.48
N SER C 224 27.73 11.30 28.34
CA SER C 224 28.61 10.42 27.58
C SER C 224 28.59 9.04 28.22
N SER C 225 28.59 8.99 29.54
CA SER C 225 28.51 7.72 30.27
C SER C 225 27.20 6.95 30.05
N GLN C 226 26.09 7.66 29.83
CA GLN C 226 24.80 7.04 29.44
C GLN C 226 24.92 6.21 28.18
N LEU C 227 25.83 6.62 27.31
CA LEU C 227 25.82 6.13 25.95
C LEU C 227 27.00 5.22 25.68
N ILE C 228 27.77 4.96 26.73
CA ILE C 228 28.86 3.99 26.67
C ILE C 228 28.25 2.64 26.28
N ASP C 229 28.83 2.01 25.26
CA ASP C 229 28.42 0.69 24.74
C ASP C 229 27.00 0.66 24.13
N HIS C 230 26.44 1.84 23.80
CA HIS C 230 25.15 1.91 23.09
C HIS C 230 25.26 1.12 21.77
N PRO C 231 24.17 0.43 21.35
CA PRO C 231 24.26 -0.43 20.15
C PRO C 231 24.17 0.24 18.75
N TYR C 232 23.85 1.54 18.69
CA TYR C 232 23.73 2.24 17.39
C TYR C 232 24.40 3.62 17.31
N LEU C 233 24.05 4.51 18.24
CA LEU C 233 24.56 5.88 18.27
C LEU C 233 26.08 6.01 18.55
N GLU C 234 26.82 6.47 17.54
CA GLU C 234 28.21 6.87 17.68
C GLU C 234 28.29 8.39 17.89
N PRO C 235 29.32 8.88 18.60
CA PRO C 235 29.47 10.31 18.81
C PRO C 235 29.22 11.15 17.55
N ARG C 236 29.43 10.56 16.37
CA ARG C 236 29.13 11.25 15.12
C ARG C 236 27.62 11.42 14.85
N HIS C 237 26.78 10.91 15.74
CA HIS C 237 25.36 11.02 15.51
C HIS C 237 24.77 12.21 16.26
N PHE C 238 25.56 12.79 17.16
CA PHE C 238 25.06 13.94 17.92
C PHE C 238 25.09 15.25 17.14
N VAL C 239 25.85 15.28 16.05
CA VAL C 239 25.82 16.43 15.15
C VAL C 239 24.70 16.31 14.14
N ASP C 240 24.00 15.17 14.16
CA ASP C 240 22.91 14.93 13.24
C ASP C 240 21.60 15.39 13.86
N GLU C 241 21.02 16.44 13.29
CA GLU C 241 19.76 17.04 13.77
C GLU C 241 18.62 16.01 13.99
N LYS C 242 18.46 15.07 13.06
CA LYS C 242 17.46 14.00 13.21
C LYS C 242 17.76 13.12 14.44
N ALA C 243 18.99 12.60 14.51
CA ALA C 243 19.45 11.75 15.60
C ALA C 243 19.23 12.38 16.98
N VAL C 244 19.66 13.63 17.15
CA VAL C 244 19.41 14.40 18.36
C VAL C 244 17.92 14.43 18.74
N ASN C 245 17.09 14.79 17.75
CA ASN C 245 15.65 14.92 17.94
C ASN C 245 14.98 13.67 18.48
N GLU C 246 15.38 12.51 17.95
CA GLU C 246 14.74 11.23 18.27
C GLU C 246 15.23 10.54 19.56
N ASN C 247 16.23 11.10 20.23
CA ASN C 247 16.77 10.38 21.40
C ASN C 247 16.96 11.16 22.69
N HIS C 248 16.89 12.49 22.60
CA HIS C 248 17.27 13.37 23.71
C HIS C 248 16.49 13.14 25.01
N LYS C 249 15.26 12.67 24.88
CA LYS C 249 14.41 12.37 26.03
C LYS C 249 14.95 11.21 26.87
N ASP C 250 15.77 10.35 26.24
CA ASP C 250 16.48 9.30 26.98
C ASP C 250 17.87 9.74 27.46
N TYR C 251 18.41 10.82 26.87
CA TYR C 251 19.82 11.14 27.04
C TYR C 251 20.19 12.57 27.38
N MET C 252 21.02 12.70 28.41
CA MET C 252 21.47 13.99 28.93
C MET C 252 22.37 14.70 27.90
N PHE C 253 23.29 13.93 27.29
CA PHE C 253 24.24 14.48 26.33
C PHE C 253 23.47 15.15 25.22
N LEU C 254 22.51 14.41 24.66
CA LEU C 254 21.74 14.90 23.52
C LEU C 254 20.85 16.11 23.85
N GLU C 255 20.32 16.15 25.06
CA GLU C 255 19.53 17.27 25.55
C GLU C 255 20.35 18.57 25.51
N CYS C 256 21.53 18.54 26.11
CA CYS C 256 22.47 19.65 26.09
C CYS C 256 22.67 20.16 24.67
N ILE C 257 23.02 19.24 23.79
CA ILE C 257 23.14 19.53 22.36
C ILE C 257 21.85 20.10 21.76
N LEU C 258 20.69 19.60 22.16
CA LEU C 258 19.45 20.14 21.61
C LEU C 258 19.36 21.60 21.99
N PHE C 259 19.82 21.91 23.18
CA PHE C 259 19.80 23.27 23.68
C PHE C 259 20.76 24.19 22.92
N ILE C 260 21.94 23.71 22.57
CA ILE C 260 22.85 24.56 21.83
C ILE C 260 22.29 24.88 20.45
N THR C 261 21.85 23.85 19.74
CA THR C 261 21.48 24.00 18.33
C THR C 261 20.22 24.82 18.18
N GLU C 262 19.47 24.91 19.25
CA GLU C 262 18.27 25.68 19.22
C GLU C 262 18.52 27.17 19.52
N MET C 263 19.69 27.49 20.07
CA MET C 263 19.97 28.87 20.46
C MET C 263 20.99 29.52 19.53
N LYS C 264 22.03 28.77 19.17
CA LYS C 264 23.11 29.26 18.33
C LYS C 264 22.79 29.09 16.84
N THR C 265 23.16 30.09 16.05
CA THR C 265 22.81 30.11 14.65
C THR C 265 24.05 29.79 13.87
N GLY C 266 23.87 29.31 12.64
CA GLY C 266 24.99 28.95 11.79
C GLY C 266 25.36 27.48 11.83
N PRO C 267 26.33 27.08 11.00
CA PRO C 267 26.74 25.67 10.99
C PRO C 267 27.34 25.25 12.32
N PHE C 268 27.15 23.97 12.66
CA PHE C 268 27.64 23.41 13.91
C PHE C 268 29.13 23.64 14.11
N ALA C 269 29.92 23.36 13.07
CA ALA C 269 31.37 23.59 13.13
C ALA C 269 31.75 25.00 13.55
N GLU C 270 30.96 26.00 13.15
CA GLU C 270 31.24 27.40 13.46
C GLU C 270 30.98 27.73 14.92
N HIS C 271 29.85 27.29 15.48
CA HIS C 271 29.47 27.79 16.81
C HIS C 271 29.90 26.89 17.95
N SER C 272 30.09 25.61 17.67
CA SER C 272 30.55 24.66 18.66
C SER C 272 31.71 23.81 18.15
N ASN C 273 32.78 24.47 17.75
CA ASN C 273 33.89 23.79 17.14
C ASN C 273 34.53 22.66 17.96
N GLN C 274 34.58 22.82 19.28
CA GLN C 274 35.09 21.81 20.19
C GLN C 274 34.24 20.57 20.09
N LEU C 275 32.92 20.78 20.21
CA LEU C 275 31.92 19.70 20.16
C LEU C 275 31.79 19.16 18.75
N TRP C 276 32.10 19.98 17.76
CA TRP C 276 32.24 19.51 16.38
C TRP C 276 33.33 18.45 16.36
N ASN C 277 34.49 18.79 16.91
CA ASN C 277 35.65 17.90 16.87
C ASN C 277 35.44 16.60 17.66
N ILE C 278 34.77 16.72 18.79
CA ILE C 278 34.44 15.59 19.67
C ILE C 278 33.54 14.56 18.97
N SER C 279 32.83 14.98 17.93
CA SER C 279 31.90 14.06 17.29
C SER C 279 32.60 13.18 16.26
N ALA C 280 33.88 13.48 16.01
CA ALA C 280 34.70 12.63 15.14
C ALA C 280 35.49 11.59 15.94
N VAL C 281 35.35 11.64 17.27
CA VAL C 281 35.88 10.58 18.13
C VAL C 281 35.01 9.34 17.89
N PRO C 282 35.63 8.14 17.83
CA PRO C 282 34.86 7.00 17.32
C PRO C 282 33.96 6.33 18.36
N SER C 283 34.22 6.56 19.65
CA SER C 283 33.45 5.90 20.72
C SER C 283 33.19 6.79 21.92
N TRP C 284 32.04 6.58 22.54
CA TRP C 284 31.69 7.26 23.78
C TRP C 284 32.69 6.95 24.87
N SER C 285 33.06 5.68 25.00
CA SER C 285 34.04 5.27 26.00
C SER C 285 35.18 6.29 26.12
N LYS C 286 35.85 6.55 25.00
CA LYS C 286 36.92 7.52 24.88
C LYS C 286 36.46 8.91 25.32
N VAL C 287 35.32 9.33 24.74
CA VAL C 287 34.73 10.64 25.01
C VAL C 287 34.53 10.86 26.52
N ASN C 288 34.02 9.83 27.20
CA ASN C 288 33.90 9.85 28.65
C ASN C 288 35.26 10.14 29.29
N GLN C 289 36.22 9.23 29.09
CA GLN C 289 37.58 9.38 29.65
C GLN C 289 38.24 10.71 29.24
N GLY C 290 37.86 11.22 28.06
CA GLY C 290 38.36 12.50 27.57
C GLY C 290 37.81 13.67 28.38
N LEU C 291 36.50 13.79 28.40
CA LEU C 291 35.83 14.83 29.18
C LEU C 291 36.29 14.89 30.62
N ILE C 292 36.45 13.72 31.22
CA ILE C 292 37.09 13.59 32.51
C ILE C 292 38.50 14.21 32.54
N ARG C 293 39.36 13.89 31.57
CA ARG C 293 40.67 14.55 31.50
C ARG C 293 40.46 16.05 31.35
N MET C 294 39.54 16.41 30.48
CA MET C 294 39.26 17.79 30.12
C MET C 294 38.55 18.58 31.21
N TYR C 295 37.79 17.89 32.05
CA TYR C 295 37.12 18.50 33.18
C TYR C 295 38.15 18.91 34.24
N LYS C 296 39.15 18.05 34.46
CA LYS C 296 40.24 18.37 35.40
C LYS C 296 40.97 19.61 34.92
N ALA C 297 41.59 19.51 33.76
CA ALA C 297 42.35 20.61 33.14
C ALA C 297 41.58 21.91 32.90
N GLU C 298 40.34 21.84 32.42
CA GLU C 298 39.63 23.01 31.88
C GLU C 298 38.65 23.57 32.93
N CYS C 299 38.54 22.91 34.07
CA CYS C 299 37.57 23.31 35.09
C CYS C 299 38.05 23.24 36.55
N LEU C 300 38.32 22.03 37.03
CA LEU C 300 38.81 21.79 38.40
C LEU C 300 40.24 22.30 38.64
N GLU C 301 41.09 22.23 37.61
CA GLU C 301 42.45 22.77 37.69
C GLU C 301 42.55 24.20 37.12
N LYS C 302 41.41 24.87 36.91
CA LYS C 302 41.40 26.21 36.34
C LYS C 302 41.05 27.25 37.39
N PHE C 303 42.05 28.03 37.76
CA PHE C 303 41.88 29.03 38.77
C PHE C 303 40.68 29.96 38.53
N PRO C 304 40.58 30.59 37.35
CA PRO C 304 39.47 31.53 37.17
C PRO C 304 38.11 30.89 37.32
N VAL C 305 38.03 29.58 37.15
CA VAL C 305 36.77 28.84 37.17
C VAL C 305 36.43 28.35 38.56
N ILE C 306 37.47 27.95 39.30
CA ILE C 306 37.28 27.19 40.53
C ILE C 306 37.59 27.97 41.81
N GLN C 307 38.29 29.11 41.69
CA GLN C 307 38.73 29.93 42.84
C GLN C 307 37.65 30.32 43.86
N HIS C 308 36.38 30.14 43.48
CA HIS C 308 35.22 30.47 44.33
C HIS C 308 34.54 29.24 44.97
N PHE C 309 35.18 28.08 44.89
CA PHE C 309 34.72 26.90 45.63
C PHE C 309 34.87 27.17 47.15
N LYS C 310 33.79 26.98 47.91
CA LYS C 310 33.79 27.30 49.33
C LYS C 310 34.20 26.09 50.16
N PHE C 311 35.05 26.31 51.19
CA PHE C 311 35.59 25.22 52.02
C PHE C 311 35.17 25.27 53.50
N GLY C 312 34.74 24.12 54.01
CA GLY C 312 34.22 24.00 55.38
C GLY C 312 34.53 22.65 56.03
N SER C 313 33.56 22.12 56.80
CA SER C 313 33.72 20.84 57.50
C SER C 313 33.58 19.62 56.59
N LEU C 314 32.54 19.61 55.76
CA LEU C 314 32.22 18.45 54.91
C LEU C 314 33.13 18.37 53.70
N LEU C 315 33.33 19.51 53.05
CA LEU C 315 34.32 19.63 51.97
C LEU C 315 35.47 20.53 52.43
N PRO C 316 36.45 19.93 53.13
CA PRO C 316 37.52 20.63 53.83
C PRO C 316 38.80 20.88 53.04
N ILE C 317 39.44 22.01 53.32
CA ILE C 317 40.71 22.39 52.71
C ILE C 317 41.97 21.69 53.30
N HIS C 318 41.79 20.87 54.35
CA HIS C 318 42.91 20.08 54.87
C HIS C 318 43.24 18.90 53.94
N PRO C 319 44.49 18.40 53.98
CA PRO C 319 44.89 17.30 53.09
C PRO C 319 44.11 16.02 53.36
N VAL C 320 43.95 15.22 52.31
CA VAL C 320 43.32 13.92 52.45
C VAL C 320 44.23 13.00 53.24
N THR C 321 43.95 12.87 54.54
CA THR C 321 44.58 11.80 55.32
C THR C 321 43.72 10.54 55.18
N SER C 322 44.34 9.38 55.42
CA SER C 322 43.64 8.10 55.41
C SER C 322 44.18 7.21 56.55
N ASN D 22 15.17 13.92 -43.53
CA ASN D 22 16.18 12.83 -43.47
C ASN D 22 16.32 12.18 -42.08
N PHE D 23 15.26 12.27 -41.27
CA PHE D 23 15.24 11.74 -39.90
C PHE D 23 15.21 10.22 -39.86
N ILE D 24 15.68 9.65 -38.75
CA ILE D 24 15.73 8.20 -38.55
C ILE D 24 15.41 7.86 -37.08
N ILE D 25 15.17 6.58 -36.80
CA ILE D 25 15.10 6.10 -35.43
C ILE D 25 16.50 6.09 -34.84
N PRO D 26 16.67 6.62 -33.62
CA PRO D 26 17.99 6.54 -32.99
C PRO D 26 18.31 5.11 -32.56
N LYS D 27 19.54 4.68 -32.83
CA LYS D 27 19.98 3.34 -32.48
C LYS D 27 21.26 3.34 -31.63
N LYS D 28 21.44 2.27 -30.86
CA LYS D 28 22.62 2.07 -30.05
C LYS D 28 23.84 1.91 -30.94
N GLU D 29 24.96 2.47 -30.50
CA GLU D 29 26.19 2.47 -31.28
C GLU D 29 27.42 2.13 -30.44
N ILE D 30 27.22 2.04 -29.13
CA ILE D 30 28.30 1.77 -28.19
C ILE D 30 28.12 0.34 -27.66
N HIS D 31 28.80 -0.61 -28.29
CA HIS D 31 28.60 -2.03 -27.97
C HIS D 31 29.75 -2.58 -27.13
N THR D 32 30.92 -1.99 -27.30
CA THR D 32 32.14 -2.47 -26.66
C THR D 32 32.98 -1.28 -26.20
N VAL D 33 34.00 -1.57 -25.41
CA VAL D 33 34.84 -0.53 -24.80
C VAL D 33 35.53 0.42 -25.80
N PRO D 34 36.18 -0.13 -26.85
CA PRO D 34 36.79 0.80 -27.83
C PRO D 34 35.82 1.49 -28.81
N ASP D 35 34.52 1.45 -28.53
CA ASP D 35 33.52 2.27 -29.25
C ASP D 35 33.49 3.67 -28.68
N MET D 36 33.74 3.75 -27.37
CA MET D 36 33.83 5.01 -26.62
C MET D 36 34.67 6.06 -27.32
N GLY D 37 35.85 5.67 -27.78
CA GLY D 37 36.73 6.58 -28.52
C GLY D 37 36.02 7.25 -29.68
N LYS D 38 35.13 6.51 -30.35
CA LYS D 38 34.40 7.01 -31.51
C LYS D 38 33.21 7.87 -31.08
N TRP D 39 32.64 7.52 -29.94
CA TRP D 39 31.65 8.37 -29.28
C TRP D 39 32.30 9.69 -28.88
N LYS D 40 33.42 9.62 -28.16
CA LYS D 40 34.14 10.83 -27.73
C LYS D 40 34.51 11.72 -28.91
N ARG D 41 34.57 11.12 -30.09
CA ARG D 41 34.90 11.80 -31.35
C ARG D 41 33.65 12.19 -32.14
N SER D 42 32.49 11.73 -31.68
CA SER D 42 31.23 11.90 -32.42
C SER D 42 30.63 13.30 -32.34
N GLN D 43 30.04 13.73 -33.45
CA GLN D 43 29.23 14.93 -33.53
C GLN D 43 28.25 15.01 -32.36
N ALA D 44 27.54 13.90 -32.13
CA ALA D 44 26.56 13.78 -31.06
C ALA D 44 27.14 14.18 -29.70
N TYR D 45 28.38 13.75 -29.43
CA TYR D 45 29.04 14.11 -28.18
C TYR D 45 29.22 15.64 -28.08
N ALA D 46 29.91 16.23 -29.06
CA ALA D 46 30.24 17.64 -29.02
C ALA D 46 29.02 18.53 -29.06
N ASP D 47 27.99 18.08 -29.77
CA ASP D 47 26.71 18.76 -29.77
C ASP D 47 26.18 18.85 -28.34
N TYR D 48 26.11 17.69 -27.68
CA TYR D 48 25.54 17.52 -26.34
C TYR D 48 26.30 18.27 -25.24
N ILE D 49 27.60 17.99 -25.12
CA ILE D 49 28.39 18.57 -24.05
C ILE D 49 28.38 20.10 -24.16
N GLY D 50 28.35 20.59 -25.39
CA GLY D 50 28.22 22.01 -25.68
C GLY D 50 26.83 22.53 -25.35
N PHE D 51 25.82 21.72 -25.64
CA PHE D 51 24.44 22.04 -25.30
C PHE D 51 24.28 22.12 -23.79
N ILE D 52 25.15 21.41 -23.08
CA ILE D 52 25.15 21.38 -21.63
C ILE D 52 25.81 22.63 -21.06
N LEU D 53 26.90 23.04 -21.70
CA LEU D 53 27.68 24.20 -21.29
C LEU D 53 26.93 25.50 -21.56
N THR D 54 26.19 25.52 -22.67
CA THR D 54 25.31 26.63 -23.06
C THR D 54 24.35 26.99 -21.94
N LEU D 55 23.62 25.99 -21.47
CA LEU D 55 22.59 26.15 -20.46
C LEU D 55 23.17 26.42 -19.08
N ASN D 56 24.23 25.68 -18.74
CA ASN D 56 24.98 25.91 -17.51
C ASN D 56 25.39 27.35 -17.39
N GLU D 57 25.86 27.93 -18.50
CA GLU D 57 26.34 29.31 -18.50
C GLU D 57 25.19 30.32 -18.50
N GLY D 58 24.14 30.01 -19.27
CA GLY D 58 22.94 30.84 -19.32
C GLY D 58 22.19 31.01 -17.99
N VAL D 59 22.33 30.04 -17.09
CA VAL D 59 21.68 30.07 -15.76
C VAL D 59 22.49 30.83 -14.68
N LYS D 60 23.78 31.00 -14.93
CA LYS D 60 24.77 31.60 -14.01
C LYS D 60 24.25 32.70 -13.06
N GLY D 61 24.59 32.58 -11.77
CA GLY D 61 24.27 33.60 -10.77
C GLY D 61 22.81 33.83 -10.45
N LYS D 62 21.92 33.29 -11.28
CA LYS D 62 20.50 33.61 -11.20
C LYS D 62 19.71 32.69 -10.28
N LYS D 63 18.64 33.24 -9.70
CA LYS D 63 17.73 32.49 -8.85
C LYS D 63 16.64 31.87 -9.70
N LEU D 64 16.09 30.75 -9.24
CA LEU D 64 14.97 30.11 -9.93
C LEU D 64 13.78 31.04 -10.19
N THR D 65 13.63 32.11 -9.39
CA THR D 65 12.53 33.05 -9.63
C THR D 65 12.97 34.29 -10.43
N PHE D 66 13.90 34.06 -11.36
CA PHE D 66 14.39 35.08 -12.27
C PHE D 66 13.39 35.31 -13.39
N GLU D 67 13.33 36.54 -13.90
CA GLU D 67 12.38 36.88 -14.95
C GLU D 67 12.91 36.45 -16.31
N TYR D 68 12.42 35.32 -16.82
CA TYR D 68 12.86 34.79 -18.13
C TYR D 68 11.75 34.67 -19.18
N ARG D 69 12.16 34.59 -20.45
CA ARG D 69 11.27 34.32 -21.58
C ARG D 69 10.62 32.93 -21.45
N VAL D 70 9.30 32.93 -21.45
CA VAL D 70 8.52 31.70 -21.35
C VAL D 70 7.82 31.47 -22.69
N SER D 71 8.46 30.66 -23.54
CA SER D 71 7.92 30.32 -24.86
C SER D 71 6.66 29.46 -24.72
N GLU D 72 5.77 29.57 -25.70
CA GLU D 72 4.56 28.74 -25.75
C GLU D 72 4.94 27.27 -25.84
N ALA D 73 6.00 26.99 -26.59
CA ALA D 73 6.58 25.64 -26.64
C ALA D 73 6.87 25.13 -25.24
N ILE D 74 7.56 25.97 -24.44
CA ILE D 74 7.87 25.63 -23.05
C ILE D 74 6.64 25.20 -22.29
N GLU D 75 5.51 25.88 -22.50
CA GLU D 75 4.26 25.52 -21.83
C GLU D 75 3.77 24.16 -22.29
N LYS D 76 3.79 23.92 -23.61
CA LYS D 76 3.36 22.64 -24.16
C LYS D 76 4.31 21.49 -23.74
N LEU D 77 5.51 21.86 -23.28
CA LEU D 77 6.40 20.91 -22.62
C LEU D 77 5.94 20.61 -21.21
N VAL D 78 5.65 21.66 -20.43
CA VAL D 78 5.18 21.45 -19.07
C VAL D 78 3.88 20.63 -19.10
N ALA D 79 2.96 21.02 -19.98
CA ALA D 79 1.72 20.27 -20.21
C ALA D 79 2.03 18.78 -20.51
N LEU D 80 3.12 18.54 -21.24
CA LEU D 80 3.58 17.17 -21.50
C LEU D 80 4.03 16.49 -20.22
N LEU D 81 4.77 17.21 -19.37
CA LEU D 81 5.31 16.63 -18.13
C LEU D 81 4.22 16.42 -17.08
N ASN D 82 3.24 17.33 -17.09
CA ASN D 82 2.08 17.20 -16.21
C ASN D 82 1.24 15.95 -16.50
N THR D 83 1.21 15.54 -17.77
CA THR D 83 0.52 14.32 -18.19
C THR D 83 1.22 13.14 -17.58
N LEU D 84 2.54 13.10 -17.71
CA LEU D 84 3.33 12.03 -17.10
C LEU D 84 3.00 11.98 -15.63
N ASP D 85 3.07 13.15 -14.99
CA ASP D 85 2.71 13.30 -13.60
C ASP D 85 1.32 12.71 -13.35
N ARG D 86 0.37 13.03 -14.21
CA ARG D 86 -1.01 12.58 -14.04
C ARG D 86 -1.11 11.06 -14.13
N TRP D 87 -0.33 10.47 -15.03
CA TRP D 87 -0.38 9.02 -15.20
C TRP D 87 0.12 8.25 -13.97
N ILE D 88 0.92 8.91 -13.13
CA ILE D 88 1.36 8.28 -11.89
C ILE D 88 0.14 8.13 -10.98
N ASP D 89 -0.59 9.22 -10.75
CA ASP D 89 -1.86 9.17 -10.02
C ASP D 89 -2.81 8.12 -10.60
N GLU D 90 -2.83 7.99 -11.92
CA GLU D 90 -3.74 7.04 -12.54
C GLU D 90 -3.27 5.59 -12.49
N THR D 91 -1.99 5.36 -12.21
CA THR D 91 -1.48 4.01 -12.01
C THR D 91 -1.03 3.85 -10.57
N PRO D 92 -1.89 3.26 -9.72
CA PRO D 92 -1.55 3.11 -8.32
C PRO D 92 -0.52 1.99 -8.12
N PRO D 93 0.40 2.17 -7.15
CA PRO D 93 1.33 1.12 -6.72
C PRO D 93 0.57 -0.09 -6.20
N VAL D 94 0.85 -1.28 -6.74
CA VAL D 94 0.15 -2.51 -6.35
C VAL D 94 0.34 -2.85 -4.87
N ASP D 95 -0.62 -3.61 -4.34
CA ASP D 95 -0.67 -3.93 -2.91
C ASP D 95 0.13 -5.13 -2.44
N GLN D 96 0.51 -6.03 -3.35
CA GLN D 96 1.44 -7.11 -3.02
C GLN D 96 2.51 -6.54 -2.07
N PRO D 97 2.83 -7.28 -1.00
CA PRO D 97 4.07 -6.88 -0.36
C PRO D 97 5.21 -7.39 -1.23
N SER D 98 6.01 -6.47 -1.75
CA SER D 98 7.17 -6.81 -2.58
C SER D 98 8.36 -6.02 -2.08
N ARG D 99 9.56 -6.56 -2.30
CA ARG D 99 10.73 -5.92 -1.72
C ARG D 99 11.58 -4.93 -2.54
N PHE D 100 11.29 -4.65 -3.82
CA PHE D 100 12.13 -3.66 -4.53
C PHE D 100 11.35 -2.58 -5.27
N GLY D 101 11.71 -2.36 -6.53
CA GLY D 101 10.87 -1.55 -7.37
C GLY D 101 9.47 -2.14 -7.40
N ASN D 102 8.47 -1.28 -7.26
CA ASN D 102 7.08 -1.68 -7.38
C ASN D 102 6.73 -1.89 -8.86
N LYS D 103 6.02 -2.97 -9.17
CA LYS D 103 5.74 -3.33 -10.58
C LYS D 103 4.70 -2.45 -11.28
N ALA D 104 4.07 -1.55 -10.54
CA ALA D 104 3.17 -0.58 -11.16
C ALA D 104 3.94 0.48 -12.00
N TYR D 105 5.27 0.54 -11.81
CA TYR D 105 6.12 1.32 -12.70
C TYR D 105 5.99 0.81 -14.10
N ARG D 106 6.18 -0.50 -14.25
CA ARG D 106 6.03 -1.20 -15.53
C ARG D 106 4.83 -0.72 -16.33
N THR D 107 3.72 -0.51 -15.63
CA THR D 107 2.46 -0.16 -16.26
C THR D 107 2.51 1.28 -16.74
N TRP D 108 3.03 2.13 -15.87
CA TRP D 108 3.22 3.54 -16.18
C TRP D 108 4.10 3.70 -17.41
N TYR D 109 5.26 3.03 -17.39
CA TYR D 109 6.13 3.01 -18.57
C TYR D 109 5.40 2.62 -19.85
N ALA D 110 4.68 1.50 -19.83
CA ALA D 110 4.00 1.02 -21.03
C ALA D 110 3.06 2.06 -21.64
N LYS D 111 2.51 2.92 -20.78
CA LYS D 111 1.62 4.00 -21.18
C LYS D 111 2.44 5.05 -21.97
N LEU D 112 3.53 5.53 -21.39
CA LEU D 112 4.45 6.46 -22.05
C LEU D 112 4.96 5.87 -23.36
N ASP D 113 5.31 4.60 -23.33
CA ASP D 113 5.78 3.90 -24.52
C ASP D 113 4.75 4.00 -25.64
N GLU D 114 3.51 3.65 -25.34
CA GLU D 114 2.44 3.75 -26.34
C GLU D 114 2.13 5.20 -26.70
N GLU D 115 2.46 6.15 -25.83
CA GLU D 115 1.96 7.51 -25.98
C GLU D 115 3.00 8.62 -26.24
N ALA D 116 4.28 8.28 -26.21
CA ALA D 116 5.33 9.27 -26.35
C ALA D 116 5.16 10.11 -27.60
N GLU D 117 4.95 9.44 -28.73
CA GLU D 117 4.82 10.12 -30.01
C GLU D 117 3.65 11.07 -29.98
N ASN D 118 2.48 10.55 -29.62
CA ASN D 118 1.25 11.34 -29.50
C ASN D 118 1.43 12.60 -28.67
N LEU D 119 2.42 12.58 -27.77
CA LEU D 119 2.69 13.72 -26.91
C LEU D 119 3.62 14.72 -27.59
N VAL D 120 4.77 14.26 -28.06
CA VAL D 120 5.73 15.10 -28.79
C VAL D 120 5.02 15.74 -29.99
N ALA D 121 4.06 15.00 -30.55
CA ALA D 121 3.15 15.52 -31.57
C ALA D 121 2.60 16.90 -31.23
N THR D 122 2.21 17.10 -29.97
CA THR D 122 1.62 18.39 -29.54
C THR D 122 2.63 19.54 -29.57
N VAL D 123 3.92 19.18 -29.61
CA VAL D 123 5.04 20.13 -29.48
C VAL D 123 5.62 20.57 -30.83
N VAL D 124 5.56 19.67 -31.82
CA VAL D 124 6.20 19.88 -33.11
C VAL D 124 5.18 20.28 -34.19
N PRO D 125 5.51 21.28 -35.03
CA PRO D 125 4.68 21.58 -36.20
C PRO D 125 4.69 20.46 -37.25
N THR D 126 3.58 20.34 -37.97
CA THR D 126 3.37 19.29 -38.97
C THR D 126 4.43 19.25 -40.08
N HIS D 127 5.00 20.40 -40.41
CA HIS D 127 6.05 20.44 -41.42
C HIS D 127 7.29 19.64 -40.98
N LEU D 128 7.37 19.39 -39.68
CA LEU D 128 8.40 18.53 -39.13
C LEU D 128 7.80 17.26 -38.48
N ALA D 129 6.63 16.85 -38.96
CA ALA D 129 5.93 15.66 -38.42
C ALA D 129 6.78 14.39 -38.47
N ALA D 130 7.66 14.30 -39.46
CA ALA D 130 8.55 13.15 -39.60
C ALA D 130 9.68 13.17 -38.59
N ALA D 131 9.81 14.26 -37.84
CA ALA D 131 10.80 14.34 -36.77
C ALA D 131 10.24 13.77 -35.47
N VAL D 132 8.92 13.61 -35.42
CA VAL D 132 8.22 13.05 -34.25
C VAL D 132 8.80 11.73 -33.74
N PRO D 133 8.88 10.69 -34.59
CA PRO D 133 9.33 9.38 -34.10
C PRO D 133 10.77 9.37 -33.62
N GLU D 134 11.65 10.12 -34.27
CA GLU D 134 13.04 10.19 -33.84
C GLU D 134 13.13 10.77 -32.44
N VAL D 135 12.56 11.96 -32.26
CA VAL D 135 12.64 12.73 -31.01
C VAL D 135 12.01 12.00 -29.82
N ALA D 136 10.87 11.35 -30.06
CA ALA D 136 10.12 10.65 -29.03
C ALA D 136 10.93 9.56 -28.33
N VAL D 137 11.91 9.04 -29.05
CA VAL D 137 12.72 7.93 -28.56
C VAL D 137 13.52 8.38 -27.34
N TYR D 138 14.09 9.58 -27.40
CA TYR D 138 14.83 10.13 -26.26
C TYR D 138 13.94 10.31 -25.01
N LEU D 139 12.72 10.80 -25.21
CA LEU D 139 11.73 10.89 -24.14
C LEU D 139 11.52 9.52 -23.50
N LYS D 140 11.47 8.49 -24.34
CA LYS D 140 11.26 7.11 -23.89
C LYS D 140 12.46 6.53 -23.21
N GLU D 141 13.60 7.17 -23.35
CA GLU D 141 14.81 6.67 -22.74
C GLU D 141 15.18 7.44 -21.49
N SER D 142 14.31 8.35 -21.07
CA SER D 142 14.72 9.34 -20.07
C SER D 142 14.04 9.24 -18.73
N VAL D 143 13.27 8.17 -18.54
CA VAL D 143 12.39 8.07 -17.38
C VAL D 143 12.70 6.83 -16.55
N GLY D 144 13.76 6.11 -16.92
CA GLY D 144 14.16 4.88 -16.23
C GLY D 144 13.92 3.61 -17.02
N ASN D 145 14.29 2.48 -16.44
CA ASN D 145 14.25 1.18 -17.09
C ASN D 145 13.12 0.32 -16.60
N SER D 146 12.37 -0.27 -17.52
CA SER D 146 11.14 -0.99 -17.17
C SER D 146 11.37 -2.34 -16.49
N THR D 147 12.36 -3.07 -16.97
CA THR D 147 12.62 -4.41 -16.44
C THR D 147 13.23 -4.36 -15.04
N ARG D 148 14.12 -3.40 -14.80
CA ARG D 148 14.89 -3.42 -13.56
C ARG D 148 14.31 -2.41 -12.56
N ILE D 149 13.27 -1.70 -12.99
CA ILE D 149 12.66 -0.61 -12.21
C ILE D 149 13.69 0.30 -11.52
N ASP D 150 14.65 0.77 -12.32
CA ASP D 150 15.69 1.65 -11.83
C ASP D 150 15.83 2.86 -12.72
N TYR D 151 16.61 3.82 -12.26
CA TYR D 151 16.84 5.10 -12.94
C TYR D 151 18.26 5.55 -12.66
N GLY D 152 18.84 6.29 -13.60
CA GLY D 152 20.20 6.76 -13.45
C GLY D 152 20.44 7.88 -14.41
N THR D 153 21.57 8.57 -14.20
CA THR D 153 22.07 9.65 -15.08
C THR D 153 22.00 9.32 -16.59
N GLY D 154 21.99 8.03 -16.92
CA GLY D 154 21.85 7.59 -18.30
C GLY D 154 20.53 8.06 -18.86
N HIS D 155 19.50 8.02 -18.02
CA HIS D 155 18.17 8.45 -18.43
C HIS D 155 18.04 9.94 -18.41
N GLU D 156 18.69 10.56 -17.43
CA GLU D 156 18.79 12.00 -17.35
C GLU D 156 19.46 12.58 -18.59
N ALA D 157 20.58 11.95 -19.00
CA ALA D 157 21.27 12.35 -20.22
C ALA D 157 20.32 12.36 -21.43
N ALA D 158 19.51 11.32 -21.56
CA ALA D 158 18.54 11.20 -22.65
C ALA D 158 17.55 12.35 -22.70
N PHE D 159 17.31 12.98 -21.55
CA PHE D 159 16.31 14.03 -21.48
C PHE D 159 16.93 15.34 -21.90
N ALA D 160 18.16 15.57 -21.44
CA ALA D 160 18.98 16.64 -21.96
C ALA D 160 19.03 16.49 -23.48
N ALA D 161 19.22 15.25 -23.93
CA ALA D 161 19.25 14.94 -25.35
C ALA D 161 17.89 15.17 -25.98
N PHE D 162 16.83 14.80 -25.26
CA PHE D 162 15.48 15.09 -25.73
C PHE D 162 15.36 16.58 -26.13
N LEU D 163 15.65 17.48 -25.20
CA LEU D 163 15.47 18.92 -25.41
C LEU D 163 16.39 19.47 -26.50
N CYS D 164 17.61 18.97 -26.49
CA CYS D 164 18.60 19.30 -27.50
C CYS D 164 18.03 19.22 -28.91
N CYS D 165 17.38 18.10 -29.22
CA CYS D 165 16.74 17.89 -30.51
C CYS D 165 15.67 18.93 -30.80
N LEU D 166 14.97 19.36 -29.75
CA LEU D 166 13.94 20.39 -29.88
C LEU D 166 14.55 21.74 -30.21
N CYS D 167 15.78 21.95 -29.79
CA CYS D 167 16.54 23.10 -30.26
C CYS D 167 17.02 22.83 -31.69
N LYS D 168 17.58 21.64 -31.92
CA LYS D 168 18.14 21.27 -33.21
C LYS D 168 17.17 21.45 -34.37
N ILE D 169 15.89 21.13 -34.15
CA ILE D 169 14.87 21.28 -35.21
C ILE D 169 14.17 22.63 -35.12
N GLY D 170 14.36 23.33 -34.01
CA GLY D 170 13.87 24.70 -33.90
C GLY D 170 12.52 24.87 -33.25
N VAL D 171 12.24 24.08 -32.22
CA VAL D 171 11.07 24.30 -31.38
C VAL D 171 11.51 25.00 -30.10
N LEU D 172 12.70 24.64 -29.63
CA LEU D 172 13.30 25.36 -28.51
C LEU D 172 14.30 26.37 -29.05
N ARG D 173 13.96 27.65 -28.94
CA ARG D 173 14.82 28.70 -29.45
C ARG D 173 15.90 29.10 -28.45
N VAL D 174 16.90 29.83 -28.93
CA VAL D 174 18.04 30.31 -28.13
C VAL D 174 17.62 31.19 -26.94
N ASP D 175 16.41 31.75 -27.00
CA ASP D 175 15.93 32.65 -25.95
C ASP D 175 15.40 31.89 -24.75
N ASP D 176 15.39 30.58 -24.88
CA ASP D 176 14.77 29.69 -23.90
C ASP D 176 15.79 28.97 -23.02
N GLN D 177 17.08 29.11 -23.30
CA GLN D 177 18.08 28.34 -22.56
C GLN D 177 17.97 28.47 -21.04
N ILE D 178 17.30 29.53 -20.59
CA ILE D 178 17.00 29.71 -19.17
C ILE D 178 15.75 28.96 -18.78
N ALA D 179 14.72 29.03 -19.64
CA ALA D 179 13.43 28.40 -19.40
C ALA D 179 13.48 26.88 -19.57
N ILE D 180 14.39 26.40 -20.41
CA ILE D 180 14.65 24.98 -20.59
C ILE D 180 15.00 24.36 -19.25
N VAL D 181 15.82 25.08 -18.49
CA VAL D 181 16.39 24.58 -17.24
C VAL D 181 15.52 24.89 -16.02
N PHE D 182 15.19 26.16 -15.84
CA PHE D 182 14.51 26.64 -14.65
C PHE D 182 13.05 26.23 -14.61
N LYS D 183 12.48 25.94 -15.77
CA LYS D 183 11.06 25.59 -15.83
C LYS D 183 10.79 24.14 -16.23
N VAL D 184 11.45 23.67 -17.29
CA VAL D 184 11.16 22.36 -17.86
C VAL D 184 11.98 21.21 -17.25
N PHE D 185 13.30 21.36 -17.22
CA PHE D 185 14.15 20.33 -16.62
C PHE D 185 13.91 20.29 -15.13
N ASN D 186 13.58 21.43 -14.55
CA ASN D 186 13.27 21.53 -13.13
C ASN D 186 11.94 20.84 -12.78
N ARG D 187 11.00 20.85 -13.71
CA ARG D 187 9.72 20.14 -13.56
C ARG D 187 9.93 18.65 -13.77
N TYR D 188 10.73 18.32 -14.79
CA TYR D 188 11.07 16.94 -15.10
C TYR D 188 11.60 16.29 -13.83
N LEU D 189 12.39 17.06 -13.07
CA LEU D 189 13.02 16.58 -11.84
C LEU D 189 11.99 16.35 -10.75
N GLU D 190 10.93 17.15 -10.74
CA GLU D 190 9.84 16.94 -9.81
C GLU D 190 9.05 15.67 -10.13
N VAL D 191 9.00 15.30 -11.41
CA VAL D 191 8.25 14.09 -11.80
C VAL D 191 9.08 12.85 -11.52
N MET D 192 10.37 12.93 -11.80
CA MET D 192 11.24 11.81 -11.55
C MET D 192 11.20 11.45 -10.08
N ARG D 193 11.39 12.48 -9.25
CA ARG D 193 11.32 12.33 -7.80
C ARG D 193 10.07 11.58 -7.42
N LYS D 194 8.94 12.03 -7.97
CA LYS D 194 7.66 11.42 -7.69
C LYS D 194 7.62 9.94 -8.07
N LEU D 195 8.23 9.58 -9.20
CA LEU D 195 8.34 8.16 -9.58
C LEU D 195 9.21 7.36 -8.64
N GLN D 196 10.22 8.01 -8.09
CA GLN D 196 11.17 7.33 -7.20
C GLN D 196 10.55 7.13 -5.82
N LYS D 197 9.69 8.07 -5.42
CA LYS D 197 8.88 7.90 -4.24
C LYS D 197 7.81 6.84 -4.50
N THR D 198 6.96 7.10 -5.48
CA THR D 198 5.75 6.31 -5.67
C THR D 198 6.01 4.81 -5.94
N TYR D 199 6.91 4.53 -6.88
CA TYR D 199 7.19 3.15 -7.25
C TYR D 199 8.46 2.61 -6.61
N ARG D 200 8.98 3.34 -5.63
CA ARG D 200 10.20 2.94 -4.88
C ARG D 200 11.33 2.53 -5.80
N MET D 201 11.50 3.25 -6.90
CA MET D 201 12.52 2.94 -7.87
C MET D 201 13.91 2.73 -7.26
N GLU D 202 14.67 1.81 -7.84
CA GLU D 202 16.02 1.57 -7.45
C GLU D 202 16.91 2.53 -8.23
N PRO D 203 18.14 2.79 -7.73
CA PRO D 203 19.10 3.49 -8.55
C PRO D 203 19.77 2.53 -9.53
N ALA D 204 20.02 3.02 -10.75
CA ALA D 204 20.53 2.19 -11.85
C ALA D 204 21.97 1.73 -11.63
N GLY D 205 22.15 0.42 -11.55
CA GLY D 205 23.47 -0.18 -11.26
C GLY D 205 24.17 0.53 -10.13
N SER D 206 25.48 0.68 -10.27
CA SER D 206 26.33 1.17 -9.19
C SER D 206 26.27 2.70 -9.01
N GLN D 207 25.19 3.31 -9.49
CA GLN D 207 24.87 4.72 -9.24
C GLN D 207 24.69 4.94 -7.72
N GLY D 208 24.42 3.83 -7.02
CA GLY D 208 24.33 3.81 -5.55
C GLY D 208 25.64 3.59 -4.81
N VAL D 209 26.62 2.96 -5.47
CA VAL D 209 27.92 2.69 -4.85
C VAL D 209 28.77 3.97 -4.71
N TRP D 210 29.57 4.29 -5.73
CA TRP D 210 30.49 5.45 -5.71
C TRP D 210 29.86 6.75 -6.27
N GLY D 211 28.56 6.71 -6.54
CA GLY D 211 27.81 7.84 -7.09
C GLY D 211 27.68 9.11 -6.22
N LEU D 212 27.82 10.26 -6.87
CA LEU D 212 27.47 11.53 -6.28
C LEU D 212 26.03 11.49 -5.73
N ASP D 213 25.13 10.92 -6.52
CA ASP D 213 23.72 10.89 -6.18
C ASP D 213 23.15 9.51 -6.44
N ASP D 214 22.03 9.19 -5.81
CA ASP D 214 21.28 8.00 -6.18
C ASP D 214 20.83 8.05 -7.65
N PHE D 215 20.43 9.23 -8.12
CA PHE D 215 19.72 9.38 -9.40
C PHE D 215 20.26 10.40 -10.41
N GLN D 216 20.44 11.64 -9.97
CA GLN D 216 20.67 12.76 -10.90
C GLN D 216 22.13 13.20 -10.98
N PHE D 217 22.44 14.04 -11.97
CA PHE D 217 23.71 14.76 -12.01
C PHE D 217 23.58 16.21 -12.49
N LEU D 218 22.94 16.40 -13.64
CA LEU D 218 22.87 17.73 -14.27
C LEU D 218 22.36 18.86 -13.35
N PRO D 219 21.40 18.56 -12.45
CA PRO D 219 20.97 19.59 -11.51
C PRO D 219 22.09 20.11 -10.59
N PHE D 220 23.09 19.26 -10.32
CA PHE D 220 24.24 19.69 -9.52
C PHE D 220 25.18 20.60 -10.32
N ILE D 221 25.25 20.35 -11.63
CA ILE D 221 26.00 21.22 -12.50
C ILE D 221 25.30 22.58 -12.55
N TRP D 222 24.00 22.57 -12.84
CA TRP D 222 23.28 23.84 -12.96
C TRP D 222 23.11 24.54 -11.62
N GLY D 223 23.04 23.75 -10.55
CA GLY D 223 22.83 24.27 -9.20
C GLY D 223 23.95 25.13 -8.70
N SER D 224 25.19 24.64 -8.78
CA SER D 224 26.34 25.45 -8.42
C SER D 224 26.56 26.61 -9.40
N SER D 225 26.11 26.42 -10.64
CA SER D 225 26.08 27.50 -11.63
C SER D 225 25.23 28.67 -11.13
N GLN D 226 24.07 28.36 -10.56
CA GLN D 226 23.22 29.35 -9.92
C GLN D 226 23.95 30.06 -8.78
N LEU D 227 24.69 29.29 -8.00
CA LEU D 227 25.30 29.80 -6.77
C LEU D 227 26.66 30.44 -7.02
N ILE D 228 27.04 30.58 -8.28
CA ILE D 228 28.16 31.44 -8.65
C ILE D 228 27.84 32.83 -8.14
N ASP D 229 28.80 33.42 -7.42
CA ASP D 229 28.75 34.81 -6.97
C ASP D 229 27.65 35.13 -5.93
N HIS D 230 27.15 34.11 -5.22
CA HIS D 230 26.18 34.32 -4.16
C HIS D 230 26.83 35.06 -2.98
N PRO D 231 26.15 36.08 -2.40
CA PRO D 231 26.70 36.87 -1.27
C PRO D 231 26.89 36.11 0.06
N TYR D 232 25.90 35.33 0.50
CA TYR D 232 26.00 34.62 1.78
C TYR D 232 26.42 33.15 1.69
N LEU D 233 25.83 32.40 0.77
CA LEU D 233 25.97 30.94 0.75
C LEU D 233 27.23 30.49 0.01
N GLU D 234 28.08 29.75 0.71
CA GLU D 234 29.28 29.15 0.13
C GLU D 234 29.04 27.64 0.11
N PRO D 235 29.77 26.89 -0.75
CA PRO D 235 29.47 25.45 -0.90
C PRO D 235 29.22 24.73 0.42
N ARG D 236 30.00 25.10 1.44
CA ARG D 236 29.97 24.48 2.76
C ARG D 236 28.61 24.47 3.51
N HIS D 237 27.68 25.35 3.14
CA HIS D 237 26.44 25.51 3.90
C HIS D 237 25.34 24.46 3.62
N PHE D 238 25.49 23.65 2.58
CA PHE D 238 24.39 22.70 2.23
C PHE D 238 24.28 21.45 3.12
N VAL D 239 25.15 21.33 4.13
CA VAL D 239 25.02 20.26 5.14
C VAL D 239 24.40 20.74 6.49
N ASP D 240 24.07 22.03 6.59
CA ASP D 240 23.22 22.55 7.66
C ASP D 240 21.78 22.41 7.17
N GLU D 241 20.93 21.82 7.99
CA GLU D 241 19.56 21.51 7.58
C GLU D 241 18.73 22.77 7.51
N LYS D 242 18.84 23.58 8.57
CA LYS D 242 18.17 24.86 8.67
C LYS D 242 18.46 25.74 7.46
N ALA D 243 19.73 25.79 7.07
CA ALA D 243 20.15 26.58 5.91
C ALA D 243 19.47 26.09 4.63
N VAL D 244 19.44 24.77 4.40
CA VAL D 244 18.73 24.20 3.24
C VAL D 244 17.25 24.60 3.22
N ASN D 245 16.50 24.28 4.28
CA ASN D 245 15.06 24.61 4.35
C ASN D 245 14.70 26.07 4.03
N GLU D 246 15.63 26.98 4.30
CA GLU D 246 15.42 28.39 4.02
C GLU D 246 15.51 28.71 2.54
N ASN D 247 16.36 27.96 1.84
CA ASN D 247 16.83 28.42 0.54
C ASN D 247 16.47 27.59 -0.70
N HIS D 248 15.84 26.43 -0.49
CA HIS D 248 15.56 25.45 -1.57
C HIS D 248 14.70 25.95 -2.76
N LYS D 249 13.83 26.93 -2.50
CA LYS D 249 12.89 27.46 -3.51
C LYS D 249 13.61 28.07 -4.71
N ASP D 250 14.73 28.74 -4.46
CA ASP D 250 15.47 29.50 -5.48
C ASP D 250 16.64 28.75 -6.13
N TYR D 251 16.98 27.56 -5.61
CA TYR D 251 18.18 26.86 -6.09
C TYR D 251 18.02 25.37 -6.39
N MET D 252 18.33 24.99 -7.62
CA MET D 252 18.16 23.63 -8.06
C MET D 252 19.11 22.68 -7.32
N PHE D 253 20.27 23.20 -6.93
CA PHE D 253 21.25 22.44 -6.15
C PHE D 253 20.60 22.03 -4.85
N LEU D 254 20.16 23.00 -4.07
CA LEU D 254 19.59 22.75 -2.76
C LEU D 254 18.39 21.79 -2.79
N GLU D 255 17.47 22.01 -3.73
CA GLU D 255 16.29 21.16 -3.86
C GLU D 255 16.69 19.68 -3.92
N CYS D 256 17.87 19.40 -4.50
CA CYS D 256 18.41 18.05 -4.56
C CYS D 256 18.83 17.56 -3.17
N ILE D 257 19.53 18.40 -2.41
CA ILE D 257 19.95 18.04 -1.06
C ILE D 257 18.74 17.73 -0.17
N LEU D 258 17.68 18.53 -0.31
CA LEU D 258 16.48 18.34 0.50
C LEU D 258 15.86 16.97 0.21
N PHE D 259 15.73 16.66 -1.07
CA PHE D 259 15.22 15.37 -1.53
C PHE D 259 16.00 14.20 -0.94
N ILE D 260 17.33 14.32 -0.94
CA ILE D 260 18.21 13.28 -0.41
C ILE D 260 17.97 13.08 1.08
N THR D 261 17.80 14.18 1.81
CA THR D 261 17.61 14.11 3.27
C THR D 261 16.21 13.68 3.63
N GLU D 262 15.32 13.68 2.64
CA GLU D 262 14.00 13.08 2.81
C GLU D 262 14.08 11.56 2.62
N MET D 263 14.95 11.11 1.73
CA MET D 263 14.94 9.72 1.28
C MET D 263 15.82 8.79 2.09
N LYS D 264 16.86 9.33 2.72
CA LYS D 264 17.92 8.50 3.28
C LYS D 264 18.01 8.47 4.80
N THR D 265 18.88 7.57 5.27
CA THR D 265 18.92 7.17 6.67
C THR D 265 20.17 7.71 7.35
N GLY D 266 20.03 8.01 8.64
CA GLY D 266 21.13 8.42 9.48
C GLY D 266 21.76 9.74 9.06
N PRO D 267 22.94 10.04 9.64
CA PRO D 267 23.77 11.22 9.35
C PRO D 267 24.20 11.37 7.88
N PHE D 268 24.23 12.62 7.43
CA PHE D 268 24.59 13.00 6.06
C PHE D 268 25.89 12.34 5.59
N ALA D 269 27.00 12.71 6.24
CA ALA D 269 28.34 12.20 5.93
C ALA D 269 28.31 10.73 5.54
N GLU D 270 27.66 9.92 6.38
CA GLU D 270 27.54 8.48 6.21
C GLU D 270 26.88 8.08 4.88
N HIS D 271 25.84 8.80 4.47
CA HIS D 271 25.07 8.40 3.28
C HIS D 271 25.35 9.13 1.96
N SER D 272 25.95 10.32 2.03
CA SER D 272 26.31 11.08 0.83
C SER D 272 27.73 11.63 0.95
N ASN D 273 28.67 10.71 1.16
CA ASN D 273 30.09 11.05 1.18
C ASN D 273 30.52 12.02 0.08
N GLN D 274 30.35 11.64 -1.19
CA GLN D 274 30.79 12.46 -2.33
C GLN D 274 30.42 13.95 -2.25
N LEU D 275 29.24 14.25 -1.71
CA LEU D 275 28.76 15.60 -1.56
C LEU D 275 29.24 16.22 -0.25
N TRP D 276 29.28 15.41 0.81
CA TRP D 276 29.85 15.83 2.08
C TRP D 276 31.24 16.41 1.85
N ASN D 277 32.09 15.66 1.16
CA ASN D 277 33.44 16.14 0.85
C ASN D 277 33.44 17.35 -0.12
N ILE D 278 32.38 17.46 -0.91
CA ILE D 278 32.23 18.56 -1.87
C ILE D 278 31.98 19.90 -1.18
N SER D 279 31.34 19.88 -0.01
CA SER D 279 31.00 21.13 0.69
C SER D 279 32.23 21.96 1.01
N ALA D 280 33.27 21.30 1.53
CA ALA D 280 34.52 21.97 1.95
C ALA D 280 35.28 22.69 0.83
N VAL D 281 34.79 22.57 -0.40
CA VAL D 281 35.38 23.25 -1.57
C VAL D 281 35.18 24.76 -1.42
N PRO D 282 36.23 25.57 -1.67
CA PRO D 282 36.14 27.02 -1.39
C PRO D 282 34.91 27.73 -1.98
N SER D 283 34.64 27.52 -3.28
CA SER D 283 33.66 28.37 -3.98
C SER D 283 32.78 27.58 -4.92
N TRP D 284 31.61 28.14 -5.25
CA TRP D 284 30.67 27.47 -6.16
C TRP D 284 31.23 27.36 -7.57
N SER D 285 32.21 28.22 -7.85
CA SER D 285 32.97 28.18 -9.09
C SER D 285 33.77 26.88 -9.16
N LYS D 286 34.66 26.66 -8.17
CA LYS D 286 35.49 25.46 -8.09
C LYS D 286 34.64 24.19 -8.19
N VAL D 287 33.51 24.20 -7.47
CA VAL D 287 32.51 23.12 -7.51
C VAL D 287 32.00 22.90 -8.92
N ASN D 288 31.69 23.99 -9.62
CA ASN D 288 31.12 23.89 -10.95
C ASN D 288 32.08 23.22 -11.93
N GLN D 289 33.29 23.76 -12.05
CA GLN D 289 34.31 23.15 -12.92
C GLN D 289 34.71 21.75 -12.46
N GLY D 290 34.58 21.47 -11.16
CA GLY D 290 34.74 20.11 -10.63
C GLY D 290 33.62 19.17 -11.01
N LEU D 291 32.39 19.69 -11.10
CA LEU D 291 31.25 18.84 -11.45
C LEU D 291 31.13 18.60 -12.94
N ILE D 292 31.50 19.60 -13.74
CA ILE D 292 31.67 19.46 -15.18
C ILE D 292 32.74 18.40 -15.47
N ARG D 293 33.84 18.48 -14.73
CA ARG D 293 34.98 17.55 -14.83
C ARG D 293 34.53 16.14 -14.49
N MET D 294 33.66 16.04 -13.49
CA MET D 294 33.12 14.76 -13.07
C MET D 294 32.09 14.21 -14.06
N TYR D 295 31.22 15.07 -14.59
CA TYR D 295 30.16 14.61 -15.48
C TYR D 295 30.74 13.88 -16.69
N LYS D 296 31.93 14.31 -17.13
CA LYS D 296 32.65 13.62 -18.17
C LYS D 296 33.17 12.29 -17.63
N ALA D 297 34.07 12.37 -16.65
CA ALA D 297 34.80 11.21 -16.13
C ALA D 297 33.90 10.11 -15.60
N GLU D 298 32.86 10.49 -14.85
CA GLU D 298 32.01 9.51 -14.18
C GLU D 298 30.72 9.16 -14.92
N CYS D 299 30.43 9.89 -15.99
CA CYS D 299 29.13 9.71 -16.61
C CYS D 299 29.17 9.49 -18.13
N LEU D 300 29.72 10.45 -18.86
CA LEU D 300 29.78 10.37 -20.31
C LEU D 300 30.95 9.50 -20.78
N GLU D 301 31.94 9.33 -19.91
CA GLU D 301 33.11 8.49 -20.19
C GLU D 301 33.07 7.14 -19.44
N LYS D 302 31.95 6.85 -18.79
CA LYS D 302 31.74 5.54 -18.15
C LYS D 302 30.88 4.60 -19.01
N PHE D 303 31.53 3.71 -19.76
CA PHE D 303 30.83 2.76 -20.65
C PHE D 303 29.52 2.18 -20.09
N PRO D 304 29.58 1.51 -18.91
CA PRO D 304 28.36 0.94 -18.34
C PRO D 304 27.20 1.93 -18.21
N VAL D 305 27.51 3.16 -17.83
CA VAL D 305 26.48 4.20 -17.67
C VAL D 305 25.99 4.74 -19.03
N ILE D 306 26.93 4.96 -19.95
CA ILE D 306 26.69 5.74 -21.18
C ILE D 306 26.37 4.90 -22.43
N GLN D 307 26.54 3.58 -22.34
CA GLN D 307 26.38 2.74 -23.52
C GLN D 307 25.01 2.86 -24.17
N HIS D 308 23.99 3.17 -23.38
CA HIS D 308 22.63 3.18 -23.89
C HIS D 308 22.24 4.50 -24.53
N PHE D 309 23.24 5.27 -24.95
CA PHE D 309 22.94 6.48 -25.68
C PHE D 309 22.46 6.13 -27.07
N LYS D 310 21.47 6.88 -27.54
CA LYS D 310 20.91 6.65 -28.86
C LYS D 310 21.37 7.71 -29.86
N PHE D 311 21.71 7.25 -31.06
CA PHE D 311 22.28 8.09 -32.11
C PHE D 311 21.40 8.10 -33.33
N GLY D 312 21.21 9.27 -33.92
CA GLY D 312 20.31 9.42 -35.07
C GLY D 312 20.83 10.33 -36.17
N SER D 313 19.92 11.10 -36.75
CA SER D 313 20.29 12.08 -37.76
C SER D 313 20.48 13.42 -37.07
N LEU D 314 19.75 13.63 -35.98
CA LEU D 314 19.81 14.87 -35.23
C LEU D 314 20.97 14.92 -34.24
N LEU D 315 21.31 13.77 -33.68
CA LEU D 315 22.50 13.63 -32.85
C LEU D 315 23.24 12.40 -33.32
N PRO D 316 23.97 12.54 -34.44
CA PRO D 316 24.57 11.41 -35.13
C PRO D 316 25.92 10.94 -34.59
N ILE D 317 26.25 9.70 -34.89
CA ILE D 317 27.48 9.05 -34.44
C ILE D 317 28.64 9.38 -35.39
N HIS D 318 28.31 9.93 -36.56
CA HIS D 318 29.31 10.33 -37.53
C HIS D 318 30.38 11.22 -36.90
N PRO D 319 31.67 10.98 -37.21
CA PRO D 319 32.78 11.74 -36.64
C PRO D 319 32.71 13.25 -36.94
N VAL D 320 33.23 14.05 -36.00
CA VAL D 320 33.20 15.51 -36.10
C VAL D 320 34.09 16.04 -37.24
N THR D 321 33.48 16.88 -38.09
CA THR D 321 34.20 17.56 -39.16
C THR D 321 34.18 19.08 -38.97
N SER D 322 35.35 19.63 -38.69
CA SER D 322 35.54 21.07 -38.64
C SER D 322 36.95 21.37 -39.13
N ASN E 22 -14.88 52.89 -16.49
CA ASN E 22 -15.90 53.39 -15.51
C ASN E 22 -16.10 52.45 -14.32
N PHE E 23 -15.09 51.63 -14.02
CA PHE E 23 -15.11 50.66 -12.91
C PHE E 23 -15.07 51.35 -11.54
N ILE E 24 -15.25 50.54 -10.49
CA ILE E 24 -15.16 50.97 -9.09
C ILE E 24 -15.09 49.78 -8.14
N ILE E 25 -14.32 49.95 -7.08
CA ILE E 25 -14.12 48.92 -6.05
C ILE E 25 -15.46 48.44 -5.44
N PRO E 26 -15.70 47.10 -5.40
CA PRO E 26 -16.92 46.51 -4.83
C PRO E 26 -17.02 46.67 -3.31
N LYS E 27 -18.22 46.96 -2.82
CA LYS E 27 -18.44 47.15 -1.38
C LYS E 27 -19.69 46.41 -0.83
N LYS E 28 -19.80 46.43 0.50
CA LYS E 28 -20.95 45.88 1.22
C LYS E 28 -22.22 46.68 0.99
N GLU E 29 -23.32 45.98 0.76
CA GLU E 29 -24.62 46.65 0.58
C GLU E 29 -25.74 45.99 1.40
N ILE E 30 -25.45 44.84 1.99
CA ILE E 30 -26.44 44.08 2.77
C ILE E 30 -26.37 44.37 4.27
N HIS E 31 -27.23 45.24 4.77
CA HIS E 31 -27.19 45.64 6.17
C HIS E 31 -28.44 45.25 6.93
N THR E 32 -29.58 45.21 6.23
CA THR E 32 -30.86 44.84 6.82
C THR E 32 -31.54 43.84 5.91
N VAL E 33 -32.68 43.32 6.35
CA VAL E 33 -33.50 42.45 5.51
C VAL E 33 -33.82 43.09 4.16
N PRO E 34 -34.28 44.36 4.15
CA PRO E 34 -34.61 44.99 2.88
C PRO E 34 -33.54 44.79 1.84
N ASP E 35 -32.28 44.89 2.26
CA ASP E 35 -31.17 44.73 1.36
C ASP E 35 -31.08 43.33 0.77
N MET E 36 -31.53 42.32 1.53
CA MET E 36 -31.59 40.95 1.01
C MET E 36 -32.46 40.95 -0.22
N GLY E 37 -33.61 41.59 -0.11
CA GLY E 37 -34.50 41.78 -1.24
C GLY E 37 -33.80 42.52 -2.36
N LYS E 38 -33.13 43.63 -2.01
CA LYS E 38 -32.36 44.42 -3.00
C LYS E 38 -31.48 43.48 -3.79
N TRP E 39 -30.82 42.57 -3.08
CA TRP E 39 -29.92 41.58 -3.65
C TRP E 39 -30.62 40.57 -4.57
N LYS E 40 -31.75 40.01 -4.13
CA LYS E 40 -32.59 39.15 -5.00
C LYS E 40 -32.96 39.83 -6.32
N ARG E 41 -33.43 41.08 -6.25
CA ARG E 41 -33.90 41.81 -7.45
C ARG E 41 -32.77 42.28 -8.37
N SER E 42 -31.55 42.28 -7.86
CA SER E 42 -30.45 42.96 -8.52
C SER E 42 -29.81 42.16 -9.62
N GLN E 43 -29.13 42.89 -10.50
CA GLN E 43 -28.30 42.36 -11.59
C GLN E 43 -27.34 41.31 -11.10
N ALA E 44 -26.48 41.72 -10.16
CA ALA E 44 -25.52 40.83 -9.48
C ALA E 44 -26.06 39.42 -9.30
N TYR E 45 -27.26 39.34 -8.73
CA TYR E 45 -27.90 38.05 -8.50
C TYR E 45 -28.02 37.25 -9.80
N ALA E 46 -28.90 37.66 -10.70
CA ALA E 46 -29.13 36.93 -11.95
C ALA E 46 -27.84 36.71 -12.74
N ASP E 47 -26.94 37.70 -12.72
CA ASP E 47 -25.60 37.51 -13.24
C ASP E 47 -24.96 36.25 -12.65
N TYR E 48 -24.87 36.19 -11.33
CA TYR E 48 -24.21 35.08 -10.62
C TYR E 48 -24.91 33.73 -10.86
N ILE E 49 -26.22 33.71 -10.67
CA ILE E 49 -26.99 32.47 -10.77
C ILE E 49 -27.03 31.86 -12.18
N GLY E 50 -26.98 32.72 -13.20
CA GLY E 50 -26.88 32.26 -14.59
C GLY E 50 -25.60 31.46 -14.74
N PHE E 51 -24.48 32.15 -14.55
CA PHE E 51 -23.13 31.57 -14.59
C PHE E 51 -23.07 30.20 -13.92
N ILE E 52 -23.75 30.10 -12.78
CA ILE E 52 -23.76 28.89 -11.98
C ILE E 52 -24.57 27.77 -12.63
N LEU E 53 -25.80 28.08 -13.06
CA LEU E 53 -26.71 27.11 -13.67
C LEU E 53 -26.22 26.64 -15.03
N THR E 54 -25.48 27.52 -15.71
CA THR E 54 -24.99 27.28 -17.05
C THR E 54 -23.68 26.49 -17.00
N LEU E 55 -22.88 26.70 -15.96
CA LEU E 55 -21.74 25.83 -15.69
C LEU E 55 -22.21 24.44 -15.32
N ASN E 56 -23.26 24.40 -14.49
CA ASN E 56 -23.95 23.16 -14.13
C ASN E 56 -24.32 22.32 -15.38
N GLU E 57 -24.97 22.97 -16.33
CA GLU E 57 -25.45 22.32 -17.55
C GLU E 57 -24.29 21.97 -18.52
N GLY E 58 -23.21 22.74 -18.41
CA GLY E 58 -22.05 22.61 -19.28
C GLY E 58 -21.16 21.44 -18.92
N VAL E 59 -21.14 21.06 -17.65
CA VAL E 59 -20.32 19.95 -17.22
C VAL E 59 -21.12 18.65 -17.14
N LYS E 60 -22.41 18.73 -17.48
CA LYS E 60 -23.36 17.63 -17.29
C LYS E 60 -22.99 16.29 -17.98
N GLY E 61 -22.97 15.21 -17.18
CA GLY E 61 -22.76 13.86 -17.69
C GLY E 61 -21.33 13.49 -18.00
N LYS E 62 -20.38 14.32 -17.57
CA LYS E 62 -18.99 14.15 -17.99
C LYS E 62 -18.04 13.82 -16.84
N LYS E 63 -16.91 13.21 -17.18
CA LYS E 63 -15.85 12.88 -16.24
C LYS E 63 -14.81 14.00 -16.22
N LEU E 64 -14.17 14.21 -15.08
CA LEU E 64 -13.08 15.18 -14.95
C LEU E 64 -11.98 15.00 -16.01
N THR E 65 -11.89 13.82 -16.61
CA THR E 65 -10.86 13.48 -17.62
C THR E 65 -11.33 13.61 -19.09
N PHE E 66 -12.50 14.22 -19.29
CA PHE E 66 -13.02 14.51 -20.62
C PHE E 66 -12.09 15.50 -21.34
N GLU E 67 -11.87 15.27 -22.63
CA GLU E 67 -11.01 16.15 -23.43
C GLU E 67 -11.70 17.50 -23.64
N TYR E 68 -11.16 18.55 -23.02
CA TYR E 68 -11.74 19.89 -23.15
C TYR E 68 -10.73 20.98 -23.49
N ARG E 69 -11.26 22.08 -24.06
CA ARG E 69 -10.48 23.24 -24.48
C ARG E 69 -9.79 23.95 -23.31
N VAL E 70 -8.51 23.66 -23.11
CA VAL E 70 -7.71 24.36 -22.11
C VAL E 70 -7.24 25.69 -22.69
N SER E 71 -7.81 26.77 -22.16
CA SER E 71 -7.55 28.13 -22.66
C SER E 71 -6.25 28.70 -22.08
N GLU E 72 -5.79 29.82 -22.64
CA GLU E 72 -4.62 30.53 -22.10
C GLU E 72 -4.96 31.33 -20.83
N ALA E 73 -6.25 31.58 -20.60
CA ALA E 73 -6.71 32.21 -19.36
C ALA E 73 -6.78 31.18 -18.23
N ILE E 74 -7.33 30.01 -18.57
CA ILE E 74 -7.44 28.89 -17.63
C ILE E 74 -6.06 28.55 -17.08
N GLU E 75 -5.09 28.37 -17.97
CA GLU E 75 -3.74 27.93 -17.59
C GLU E 75 -3.02 28.87 -16.61
N LYS E 76 -3.29 30.18 -16.70
CA LYS E 76 -2.69 31.17 -15.81
C LYS E 76 -3.45 31.36 -14.49
N LEU E 77 -4.73 30.98 -14.47
CA LEU E 77 -5.48 30.95 -13.22
C LEU E 77 -5.02 29.74 -12.41
N VAL E 78 -4.82 28.62 -13.10
CA VAL E 78 -4.21 27.42 -12.50
C VAL E 78 -2.85 27.77 -11.91
N ALA E 79 -2.10 28.64 -12.61
CA ALA E 79 -0.82 29.09 -12.08
C ALA E 79 -1.05 30.01 -10.89
N LEU E 80 -2.07 30.86 -10.98
CA LEU E 80 -2.38 31.78 -9.89
C LEU E 80 -2.58 31.01 -8.58
N LEU E 81 -3.35 29.92 -8.64
CA LEU E 81 -3.61 29.09 -7.47
C LEU E 81 -2.36 28.35 -7.02
N ASN E 82 -1.46 28.05 -7.97
CA ASN E 82 -0.19 27.42 -7.66
C ASN E 82 0.73 28.37 -6.89
N THR E 83 0.65 29.65 -7.20
CA THR E 83 1.37 30.69 -6.45
C THR E 83 0.88 30.71 -5.00
N LEU E 84 -0.44 30.66 -4.83
CA LEU E 84 -1.06 30.67 -3.53
C LEU E 84 -0.63 29.41 -2.78
N ASP E 85 -0.85 28.27 -3.43
CA ASP E 85 -0.44 26.94 -2.94
C ASP E 85 1.01 26.95 -2.49
N ARG E 86 1.90 27.46 -3.33
CA ARG E 86 3.32 27.54 -3.02
C ARG E 86 3.58 28.48 -1.83
N TRP E 87 2.75 29.51 -1.70
CA TRP E 87 2.84 30.43 -0.56
C TRP E 87 2.47 29.75 0.75
N ILE E 88 1.66 28.70 0.66
CA ILE E 88 1.35 27.84 1.81
C ILE E 88 2.63 27.21 2.35
N ASP E 89 3.39 26.56 1.46
CA ASP E 89 4.61 25.84 1.81
C ASP E 89 5.56 26.77 2.55
N GLU E 90 5.73 27.97 2.02
CA GLU E 90 6.61 28.98 2.57
C GLU E 90 6.10 29.53 3.91
N THR E 91 4.86 29.22 4.25
CA THR E 91 4.27 29.73 5.48
C THR E 91 3.91 28.57 6.40
N PRO E 92 4.85 28.13 7.26
CA PRO E 92 4.52 27.01 8.13
C PRO E 92 3.66 27.47 9.31
N PRO E 93 2.77 26.58 9.82
CA PRO E 93 2.00 26.86 11.03
C PRO E 93 2.90 27.07 12.24
N VAL E 94 2.46 27.92 13.16
CA VAL E 94 3.20 28.21 14.37
C VAL E 94 2.81 27.29 15.52
N ASP E 95 3.70 27.18 16.50
CA ASP E 95 3.38 26.54 17.77
C ASP E 95 2.27 27.34 18.45
N GLN E 96 1.28 26.63 18.98
CA GLN E 96 0.16 27.24 19.71
C GLN E 96 -0.65 26.19 20.49
N PRO E 97 -1.16 26.57 21.67
CA PRO E 97 -2.02 25.72 22.46
C PRO E 97 -3.36 25.49 21.80
N SER E 98 -3.90 26.57 21.20
CA SER E 98 -5.25 26.57 20.68
C SER E 98 -5.52 25.45 19.71
N ARG E 99 -6.76 24.96 19.79
CA ARG E 99 -7.26 23.90 18.96
C ARG E 99 -7.79 24.54 17.66
N PHE E 100 -7.89 25.86 17.64
CA PHE E 100 -8.59 26.53 16.55
C PHE E 100 -7.70 26.92 15.37
N GLY E 101 -7.98 28.05 14.72
CA GLY E 101 -7.19 28.51 13.58
C GLY E 101 -5.77 28.84 13.95
N ASN E 102 -4.81 28.15 13.32
CA ASN E 102 -3.40 28.48 13.51
C ASN E 102 -3.13 29.92 13.06
N LYS E 103 -2.26 30.61 13.77
CA LYS E 103 -2.07 32.03 13.49
C LYS E 103 -1.31 32.34 12.20
N ALA E 104 -0.71 31.32 11.60
CA ALA E 104 0.07 31.50 10.37
C ALA E 104 -0.78 31.84 9.15
N TYR E 105 -2.08 31.55 9.21
CA TYR E 105 -3.01 31.97 8.15
C TYR E 105 -2.96 33.47 7.97
N ARG E 106 -3.12 34.21 9.06
CA ARG E 106 -3.09 35.70 9.00
C ARG E 106 -1.85 36.21 8.26
N THR E 107 -0.71 35.59 8.56
CA THR E 107 0.54 35.88 7.87
C THR E 107 0.40 35.50 6.40
N TRP E 108 -0.19 34.35 6.11
CA TRP E 108 -0.49 34.00 4.72
C TRP E 108 -1.47 35.00 4.06
N TYR E 109 -2.55 35.34 4.78
CA TYR E 109 -3.53 36.31 4.26
C TYR E 109 -2.89 37.66 3.96
N ALA E 110 -2.18 38.24 4.93
CA ALA E 110 -1.48 39.52 4.77
C ALA E 110 -0.74 39.62 3.42
N LYS E 111 0.11 38.63 3.15
CA LYS E 111 0.79 38.45 1.88
C LYS E 111 -0.17 38.65 0.70
N LEU E 112 -1.19 37.82 0.62
CA LEU E 112 -2.11 37.85 -0.50
C LEU E 112 -3.07 39.06 -0.48
N ASP E 113 -3.24 39.67 0.69
CA ASP E 113 -3.89 40.98 0.79
C ASP E 113 -3.14 41.91 -0.14
N GLU E 114 -1.81 41.83 -0.09
CA GLU E 114 -0.94 42.66 -0.92
C GLU E 114 -0.94 42.23 -2.38
N GLU E 115 -0.54 40.99 -2.64
CA GLU E 115 -0.26 40.57 -4.00
C GLU E 115 -1.50 40.16 -4.80
N ALA E 116 -2.66 40.67 -4.38
CA ALA E 116 -3.94 40.42 -5.03
C ALA E 116 -4.06 41.05 -6.42
N GLU E 117 -3.93 42.37 -6.48
CA GLU E 117 -4.03 43.10 -7.75
C GLU E 117 -3.00 42.58 -8.77
N ASN E 118 -1.78 42.35 -8.28
CA ASN E 118 -0.67 41.87 -9.09
C ASN E 118 -0.89 40.49 -9.71
N LEU E 119 -1.64 39.63 -9.02
CA LEU E 119 -1.94 38.29 -9.51
C LEU E 119 -3.03 38.28 -10.58
N VAL E 120 -4.06 39.09 -10.40
CA VAL E 120 -5.07 39.30 -11.43
C VAL E 120 -4.38 39.81 -12.71
N ALA E 121 -3.42 40.71 -12.51
CA ALA E 121 -2.73 41.38 -13.61
C ALA E 121 -1.98 40.43 -14.54
N THR E 122 -1.64 39.24 -14.04
CA THR E 122 -0.99 38.21 -14.86
C THR E 122 -1.97 37.41 -15.70
N VAL E 123 -3.26 37.58 -15.42
CA VAL E 123 -4.31 36.91 -16.18
C VAL E 123 -5.12 37.90 -17.01
N VAL E 124 -5.32 39.11 -16.47
CA VAL E 124 -5.99 40.18 -17.22
C VAL E 124 -4.94 41.02 -17.96
N PRO E 125 -5.15 41.23 -19.28
CA PRO E 125 -4.25 42.05 -20.09
C PRO E 125 -4.04 43.48 -19.57
N THR E 126 -2.97 44.12 -20.03
CA THR E 126 -2.66 45.50 -19.65
C THR E 126 -3.64 46.47 -20.33
N HIS E 127 -4.09 46.09 -21.53
CA HIS E 127 -5.03 46.91 -22.29
C HIS E 127 -6.42 46.94 -21.66
N LEU E 128 -6.63 46.07 -20.67
CA LEU E 128 -7.87 46.03 -19.90
C LEU E 128 -7.61 46.25 -18.41
N ALA E 129 -6.40 46.69 -18.06
CA ALA E 129 -5.92 46.69 -16.68
C ALA E 129 -6.68 47.51 -15.62
N ALA E 130 -7.47 48.50 -16.05
CA ALA E 130 -8.25 49.32 -15.10
C ALA E 130 -9.40 48.55 -14.43
N ALA E 131 -9.52 47.26 -14.77
CA ALA E 131 -10.49 46.36 -14.17
C ALA E 131 -9.89 45.57 -13.01
N VAL E 132 -8.58 45.33 -13.08
CA VAL E 132 -7.82 44.70 -12.01
C VAL E 132 -8.27 45.07 -10.59
N PRO E 133 -8.32 46.38 -10.25
CA PRO E 133 -8.57 46.73 -8.84
C PRO E 133 -9.92 46.24 -8.31
N GLU E 134 -11.00 46.51 -9.06
CA GLU E 134 -12.34 46.01 -8.72
C GLU E 134 -12.38 44.49 -8.79
N VAL E 135 -11.82 43.93 -9.87
CA VAL E 135 -11.81 42.48 -10.09
C VAL E 135 -11.01 41.69 -9.04
N ALA E 136 -9.91 42.27 -8.56
CA ALA E 136 -9.06 41.58 -7.56
C ALA E 136 -9.73 41.49 -6.19
N VAL E 137 -10.53 42.50 -5.85
CA VAL E 137 -11.28 42.51 -4.59
C VAL E 137 -11.92 41.14 -4.28
N TYR E 138 -12.65 40.58 -5.25
CA TYR E 138 -13.25 39.24 -5.12
C TYR E 138 -12.26 38.13 -4.75
N LEU E 139 -11.03 38.22 -5.25
CA LEU E 139 -9.98 37.27 -4.86
C LEU E 139 -9.73 37.35 -3.37
N LYS E 140 -9.50 38.56 -2.86
CA LYS E 140 -9.30 38.77 -1.43
C LYS E 140 -10.43 38.16 -0.57
N GLU E 141 -11.67 38.28 -1.02
CA GLU E 141 -12.84 37.81 -0.25
C GLU E 141 -13.16 36.31 -0.43
N SER E 142 -12.26 35.55 -1.07
CA SER E 142 -12.57 34.20 -1.51
C SER E 142 -11.73 33.10 -0.87
N VAL E 143 -10.93 33.44 0.14
CA VAL E 143 -10.03 32.48 0.80
C VAL E 143 -10.16 32.46 2.32
N GLY E 144 -11.23 33.05 2.85
CA GLY E 144 -11.49 32.98 4.29
C GLY E 144 -11.45 34.29 5.02
N ASN E 145 -11.41 34.24 6.34
CA ASN E 145 -11.41 35.44 7.15
C ASN E 145 -10.19 35.48 8.03
N SER E 146 -9.48 36.59 7.96
CA SER E 146 -8.22 36.76 8.68
C SER E 146 -8.39 36.70 10.18
N THR E 147 -9.49 37.26 10.69
CA THR E 147 -9.67 37.38 12.14
C THR E 147 -10.10 36.07 12.84
N ARG E 148 -11.28 35.53 12.52
CA ARG E 148 -11.75 34.29 13.18
C ARG E 148 -11.10 33.02 12.59
N ILE E 149 -10.24 33.21 11.58
CA ILE E 149 -9.57 32.11 10.89
C ILE E 149 -10.57 31.04 10.51
N ASP E 150 -11.47 31.41 9.60
CA ASP E 150 -12.50 30.49 9.13
C ASP E 150 -12.71 30.64 7.65
N TYR E 151 -13.44 29.71 7.06
CA TYR E 151 -13.84 29.76 5.65
C TYR E 151 -15.23 29.17 5.56
N GLY E 152 -16.08 29.73 4.70
CA GLY E 152 -17.43 29.24 4.49
C GLY E 152 -17.85 29.31 3.03
N THR E 153 -19.15 29.12 2.78
CA THR E 153 -19.65 29.19 1.42
C THR E 153 -19.72 30.64 0.94
N GLY E 154 -19.77 31.57 1.87
CA GLY E 154 -19.63 32.98 1.54
C GLY E 154 -18.37 33.22 0.72
N HIS E 155 -17.25 32.68 1.20
CA HIS E 155 -15.96 32.85 0.50
C HIS E 155 -15.93 32.06 -0.80
N GLU E 156 -16.46 30.84 -0.78
CA GLU E 156 -16.60 30.05 -2.00
C GLU E 156 -17.41 30.77 -3.04
N ALA E 157 -18.41 31.53 -2.61
CA ALA E 157 -19.27 32.27 -3.54
C ALA E 157 -18.56 33.50 -4.14
N ALA E 158 -17.51 33.95 -3.46
CA ALA E 158 -16.72 35.07 -3.96
C ALA E 158 -15.83 34.57 -5.08
N PHE E 159 -15.22 33.40 -4.90
CA PHE E 159 -14.41 32.84 -5.98
C PHE E 159 -15.22 32.55 -7.25
N ALA E 160 -16.44 32.03 -7.10
CA ALA E 160 -17.34 31.90 -8.27
C ALA E 160 -17.61 33.27 -8.90
N ALA E 161 -17.87 34.25 -8.03
CA ALA E 161 -18.13 35.62 -8.45
C ALA E 161 -16.93 36.23 -9.18
N PHE E 162 -15.76 35.91 -8.64
CA PHE E 162 -14.47 36.31 -9.18
C PHE E 162 -14.20 35.67 -10.54
N LEU E 163 -14.78 34.50 -10.77
CA LEU E 163 -14.72 33.88 -12.09
C LEU E 163 -15.77 34.45 -13.01
N CYS E 164 -16.88 34.88 -12.43
CA CYS E 164 -17.97 35.39 -13.22
C CYS E 164 -17.67 36.80 -13.72
N CYS E 165 -16.86 37.53 -12.98
CA CYS E 165 -16.34 38.83 -13.45
C CYS E 165 -15.51 38.64 -14.72
N LEU E 166 -14.81 37.51 -14.79
CA LEU E 166 -13.95 37.20 -15.94
C LEU E 166 -14.71 36.73 -17.19
N CYS E 167 -16.04 36.60 -17.08
CA CYS E 167 -16.88 36.37 -18.25
C CYS E 167 -17.54 37.65 -18.69
N LYS E 168 -17.38 38.70 -17.87
CA LYS E 168 -17.91 40.01 -18.19
C LYS E 168 -16.89 40.83 -18.99
N ILE E 169 -15.62 40.78 -18.58
CA ILE E 169 -14.56 41.51 -19.28
C ILE E 169 -13.94 40.73 -20.45
N GLY E 170 -14.36 39.47 -20.62
CA GLY E 170 -13.99 38.67 -21.79
C GLY E 170 -12.63 37.99 -21.73
N VAL E 171 -12.10 37.77 -20.52
CA VAL E 171 -10.85 37.04 -20.35
C VAL E 171 -11.06 35.55 -20.63
N LEU E 172 -12.15 35.00 -20.09
CA LEU E 172 -12.55 33.62 -20.34
C LEU E 172 -13.66 33.52 -21.40
N ARG E 173 -13.44 32.64 -22.36
CA ARG E 173 -14.37 32.43 -23.46
C ARG E 173 -15.60 31.65 -22.99
N VAL E 174 -16.64 31.62 -23.82
CA VAL E 174 -17.75 30.68 -23.64
C VAL E 174 -17.25 29.22 -23.77
N ASP E 175 -16.23 29.01 -24.60
CA ASP E 175 -15.67 27.67 -24.83
C ASP E 175 -14.89 27.06 -23.65
N ASP E 176 -14.50 27.86 -22.67
CA ASP E 176 -13.70 27.37 -21.55
C ASP E 176 -14.53 27.10 -20.28
N GLN E 177 -15.86 27.17 -20.41
CA GLN E 177 -16.76 26.97 -19.29
C GLN E 177 -16.61 25.60 -18.62
N ILE E 178 -16.43 24.56 -19.44
CA ILE E 178 -16.23 23.19 -18.96
C ILE E 178 -14.84 23.06 -18.35
N ALA E 179 -13.95 23.98 -18.67
CA ALA E 179 -12.60 24.00 -18.10
C ALA E 179 -12.59 24.78 -16.79
N ILE E 180 -13.50 25.74 -16.67
CA ILE E 180 -13.60 26.61 -15.48
C ILE E 180 -13.92 25.84 -14.19
N VAL E 181 -14.70 24.76 -14.32
CA VAL E 181 -15.08 23.90 -13.19
C VAL E 181 -14.12 22.73 -13.08
N PHE E 182 -13.75 22.18 -14.24
CA PHE E 182 -13.03 20.92 -14.31
C PHE E 182 -11.56 21.05 -14.03
N LYS E 183 -11.02 22.23 -14.22
CA LYS E 183 -9.62 22.44 -13.90
C LYS E 183 -9.38 23.64 -13.01
N VAL E 184 -10.03 24.77 -13.31
CA VAL E 184 -9.87 25.96 -12.50
C VAL E 184 -10.52 25.79 -11.13
N PHE E 185 -11.79 25.38 -11.09
CA PHE E 185 -12.46 25.21 -9.79
C PHE E 185 -12.09 23.92 -9.10
N ASN E 186 -11.74 22.90 -9.88
CA ASN E 186 -11.18 21.69 -9.31
C ASN E 186 -9.72 21.86 -8.93
N ARG E 187 -9.16 23.05 -9.08
CA ARG E 187 -7.83 23.32 -8.51
C ARG E 187 -7.97 24.16 -7.25
N TYR E 188 -8.95 25.05 -7.25
CA TYR E 188 -9.25 25.94 -6.11
C TYR E 188 -9.64 25.15 -4.87
N LEU E 189 -10.36 24.05 -5.08
CA LEU E 189 -10.79 23.17 -4.00
C LEU E 189 -9.60 22.47 -3.35
N GLU E 190 -8.68 21.96 -4.16
CA GLU E 190 -7.46 21.35 -3.66
C GLU E 190 -6.78 22.34 -2.71
N VAL E 191 -6.54 23.55 -3.18
CA VAL E 191 -5.79 24.54 -2.43
C VAL E 191 -6.51 24.93 -1.16
N MET E 192 -7.83 25.04 -1.22
CA MET E 192 -8.64 25.41 -0.06
C MET E 192 -8.51 24.35 1.05
N ARG E 193 -8.68 23.08 0.67
CA ARG E 193 -8.53 21.95 1.58
C ARG E 193 -7.17 22.05 2.23
N LYS E 194 -6.15 22.34 1.43
CA LYS E 194 -4.80 22.45 1.94
C LYS E 194 -4.69 23.58 2.99
N LEU E 195 -5.49 24.63 2.82
CA LEU E 195 -5.53 25.76 3.77
C LEU E 195 -6.24 25.34 5.05
N GLN E 196 -7.27 24.52 4.89
CA GLN E 196 -8.16 24.15 5.97
C GLN E 196 -7.47 23.11 6.86
N LYS E 197 -6.82 22.14 6.23
CA LYS E 197 -5.95 21.21 6.91
C LYS E 197 -4.82 21.95 7.58
N THR E 198 -4.03 22.64 6.78
CA THR E 198 -2.78 23.20 7.27
C THR E 198 -3.01 24.20 8.40
N TYR E 199 -4.10 24.97 8.33
CA TYR E 199 -4.32 25.99 9.35
C TYR E 199 -5.47 25.72 10.32
N ARG E 200 -6.03 24.52 10.28
CA ARG E 200 -7.07 24.09 11.21
C ARG E 200 -8.23 25.11 11.25
N MET E 201 -8.56 25.62 10.08
CA MET E 201 -9.55 26.66 9.92
C MET E 201 -10.91 26.19 10.39
N GLU E 202 -11.58 27.00 11.20
CA GLU E 202 -12.93 26.69 11.67
C GLU E 202 -13.89 26.85 10.50
N PRO E 203 -15.00 26.09 10.49
CA PRO E 203 -16.04 26.49 9.53
C PRO E 203 -16.64 27.82 9.96
N ALA E 204 -16.77 28.76 9.01
CA ALA E 204 -17.46 30.01 9.26
C ALA E 204 -18.92 29.70 9.47
N GLY E 205 -19.50 30.34 10.48
CA GLY E 205 -20.89 30.10 10.86
C GLY E 205 -21.07 28.94 11.82
N SER E 206 -22.26 28.90 12.43
CA SER E 206 -22.64 27.85 13.39
C SER E 206 -23.58 26.88 12.70
N GLN E 207 -23.04 26.07 11.80
CA GLN E 207 -23.82 25.11 11.03
C GLN E 207 -23.01 23.82 10.88
N GLY E 208 -21.87 23.76 11.59
CA GLY E 208 -20.87 22.67 11.50
C GLY E 208 -21.45 21.28 11.73
N VAL E 209 -22.76 21.25 11.97
CA VAL E 209 -23.56 20.02 12.01
C VAL E 209 -24.86 20.23 11.19
N TRP E 210 -25.45 21.42 11.26
CA TRP E 210 -26.73 21.74 10.57
C TRP E 210 -26.51 22.20 9.12
N GLY E 211 -25.44 21.71 8.50
CA GLY E 211 -25.12 22.06 7.11
C GLY E 211 -24.50 20.93 6.31
N LEU E 212 -24.78 20.93 5.03
CA LEU E 212 -24.22 20.00 4.05
C LEU E 212 -22.75 19.63 4.27
N ASP E 213 -21.90 20.64 4.18
CA ASP E 213 -20.47 20.48 4.26
C ASP E 213 -19.92 21.60 5.10
N ASP E 214 -18.80 21.34 5.75
CA ASP E 214 -18.17 22.34 6.61
C ASP E 214 -17.86 23.63 5.84
N PHE E 215 -17.34 23.52 4.61
CA PHE E 215 -16.82 24.68 3.90
C PHE E 215 -17.44 25.01 2.52
N GLN E 216 -17.72 23.99 1.71
CA GLN E 216 -18.13 24.24 0.31
C GLN E 216 -19.57 23.88 0.01
N PHE E 217 -20.07 24.36 -1.13
CA PHE E 217 -21.39 23.97 -1.62
C PHE E 217 -21.38 23.65 -3.13
N LEU E 218 -20.76 24.55 -3.91
CA LEU E 218 -20.83 24.50 -5.37
C LEU E 218 -20.43 23.17 -5.99
N PRO E 219 -19.24 22.64 -5.59
CA PRO E 219 -18.75 21.39 -6.13
C PRO E 219 -19.72 20.21 -5.95
N PHE E 220 -20.66 20.33 -5.02
CA PHE E 220 -21.65 19.28 -4.81
C PHE E 220 -22.73 19.39 -5.86
N ILE E 221 -23.02 20.62 -6.28
CA ILE E 221 -23.94 20.87 -7.38
C ILE E 221 -23.27 20.46 -8.70
N TRP E 222 -22.05 20.91 -8.91
CA TRP E 222 -21.35 20.61 -10.13
C TRP E 222 -20.92 19.15 -10.20
N GLY E 223 -20.64 18.57 -9.04
CA GLY E 223 -20.29 17.15 -8.98
C GLY E 223 -21.50 16.30 -9.35
N SER E 224 -22.65 16.64 -8.77
CA SER E 224 -23.89 15.90 -9.04
C SER E 224 -24.23 15.86 -10.52
N SER E 225 -23.96 16.98 -11.22
CA SER E 225 -24.28 17.10 -12.63
C SER E 225 -23.42 16.17 -13.51
N GLN E 226 -22.16 16.00 -13.11
CA GLN E 226 -21.25 15.04 -13.72
C GLN E 226 -21.84 13.64 -13.86
N LEU E 227 -22.68 13.27 -12.90
CA LEU E 227 -23.03 11.88 -12.70
C LEU E 227 -24.45 11.55 -13.13
N ILE E 228 -25.17 12.55 -13.64
CA ILE E 228 -26.52 12.34 -14.16
C ILE E 228 -26.43 11.41 -15.37
N ASP E 229 -27.32 10.41 -15.39
CA ASP E 229 -27.38 9.36 -16.44
C ASP E 229 -26.18 8.40 -16.49
N HIS E 230 -25.18 8.60 -15.62
CA HIS E 230 -24.03 7.69 -15.50
C HIS E 230 -24.54 6.27 -15.23
N PRO E 231 -24.02 5.28 -15.99
CA PRO E 231 -24.63 3.94 -16.09
C PRO E 231 -24.38 2.96 -14.92
N TYR E 232 -23.65 3.39 -13.88
CA TYR E 232 -23.43 2.55 -12.70
C TYR E 232 -23.58 3.27 -11.33
N LEU E 233 -22.86 4.38 -11.14
CA LEU E 233 -22.81 5.06 -9.84
C LEU E 233 -24.09 5.81 -9.47
N GLU E 234 -24.73 5.35 -8.39
CA GLU E 234 -25.96 5.96 -7.89
C GLU E 234 -25.68 6.65 -6.55
N PRO E 235 -26.61 7.50 -6.09
CA PRO E 235 -26.26 8.25 -4.90
C PRO E 235 -25.82 7.33 -3.78
N ARG E 236 -26.43 6.15 -3.71
CA ARG E 236 -26.18 5.20 -2.63
C ARG E 236 -24.75 4.64 -2.66
N HIS E 237 -23.95 5.15 -3.60
CA HIS E 237 -22.58 4.68 -3.80
C HIS E 237 -21.53 5.61 -3.19
N PHE E 238 -21.89 6.88 -2.95
CA PHE E 238 -20.89 7.81 -2.39
C PHE E 238 -20.65 7.61 -0.90
N VAL E 239 -21.47 6.74 -0.30
CA VAL E 239 -21.24 6.25 1.05
C VAL E 239 -20.57 4.86 1.07
N ASP E 240 -20.15 4.39 -0.09
CA ASP E 240 -19.38 3.15 -0.15
C ASP E 240 -17.90 3.52 -0.18
N GLU E 241 -17.15 3.17 0.86
CA GLU E 241 -15.70 3.41 0.85
C GLU E 241 -15.05 3.14 -0.53
N LYS E 242 -15.20 1.90 -1.02
CA LYS E 242 -14.59 1.45 -2.29
C LYS E 242 -14.96 2.28 -3.52
N ALA E 243 -16.25 2.55 -3.70
CA ALA E 243 -16.71 3.33 -4.83
C ALA E 243 -16.13 4.74 -4.82
N VAL E 244 -16.14 5.41 -3.67
CA VAL E 244 -15.46 6.70 -3.53
C VAL E 244 -14.01 6.60 -4.00
N ASN E 245 -13.24 5.70 -3.34
CA ASN E 245 -11.81 5.50 -3.60
C ASN E 245 -11.43 5.15 -5.03
N GLU E 246 -12.19 4.24 -5.64
CA GLU E 246 -11.90 3.77 -7.00
C GLU E 246 -12.30 4.77 -8.10
N ASN E 247 -13.09 5.79 -7.75
CA ASN E 247 -13.60 6.71 -8.76
C ASN E 247 -13.47 8.21 -8.46
N HIS E 248 -12.88 8.57 -7.33
CA HIS E 248 -12.85 9.99 -6.90
C HIS E 248 -12.13 10.92 -7.87
N LYS E 249 -11.21 10.37 -8.65
CA LYS E 249 -10.38 11.16 -9.52
C LYS E 249 -11.08 11.56 -10.79
N ASP E 250 -12.26 10.99 -11.00
CA ASP E 250 -13.09 11.26 -12.17
C ASP E 250 -14.30 12.13 -11.85
N TYR E 251 -14.66 12.19 -10.58
CA TYR E 251 -15.86 12.90 -10.15
C TYR E 251 -15.63 13.79 -8.91
N MET E 252 -16.03 15.05 -9.00
CA MET E 252 -15.69 16.05 -7.97
C MET E 252 -16.54 15.96 -6.70
N PHE E 253 -17.81 15.60 -6.86
CA PHE E 253 -18.66 15.24 -5.72
C PHE E 253 -17.92 14.21 -4.87
N LEU E 254 -17.26 13.26 -5.52
CA LEU E 254 -16.60 12.17 -4.83
C LEU E 254 -15.28 12.62 -4.19
N GLU E 255 -14.62 13.59 -4.80
CA GLU E 255 -13.41 14.16 -4.20
C GLU E 255 -13.77 14.82 -2.86
N CYS E 256 -14.84 15.62 -2.87
CA CYS E 256 -15.36 16.23 -1.66
C CYS E 256 -15.67 15.22 -0.58
N ILE E 257 -16.43 14.18 -0.91
CA ILE E 257 -16.68 13.08 0.04
C ILE E 257 -15.37 12.54 0.61
N LEU E 258 -14.39 12.31 -0.25
CA LEU E 258 -13.11 11.75 0.19
C LEU E 258 -12.50 12.63 1.26
N PHE E 259 -12.51 13.93 1.04
CA PHE E 259 -11.98 14.90 1.98
C PHE E 259 -12.72 14.78 3.31
N ILE E 260 -14.04 14.69 3.25
CA ILE E 260 -14.80 14.44 4.45
C ILE E 260 -14.31 13.18 5.18
N THR E 261 -14.39 12.01 4.52
CA THR E 261 -14.19 10.69 5.19
C THR E 261 -12.80 10.53 5.72
N GLU E 262 -11.87 11.32 5.21
CA GLU E 262 -10.51 11.28 5.69
C GLU E 262 -10.30 12.18 6.88
N MET E 263 -11.17 13.17 7.05
CA MET E 263 -11.01 14.15 8.12
C MET E 263 -11.86 13.85 9.35
N LYS E 264 -13.13 13.50 9.14
CA LYS E 264 -14.10 13.17 10.22
C LYS E 264 -14.05 11.70 10.59
N THR E 265 -14.48 11.37 11.80
CA THR E 265 -14.42 10.01 12.33
C THR E 265 -15.79 9.59 12.83
N GLY E 266 -15.98 8.28 12.97
CA GLY E 266 -17.28 7.73 13.31
C GLY E 266 -18.04 7.54 12.03
N PRO E 267 -19.14 6.76 12.05
CA PRO E 267 -19.88 6.45 10.83
C PRO E 267 -20.38 7.69 10.10
N PHE E 268 -20.55 7.54 8.80
CA PHE E 268 -20.99 8.60 7.93
C PHE E 268 -22.32 9.22 8.42
N ALA E 269 -23.30 8.38 8.69
CA ALA E 269 -24.60 8.85 9.19
C ALA E 269 -24.46 9.83 10.36
N GLU E 270 -23.41 9.63 11.17
CA GLU E 270 -23.13 10.45 12.35
C GLU E 270 -22.67 11.86 12.00
N HIS E 271 -21.66 11.97 11.14
CA HIS E 271 -20.95 13.24 11.00
C HIS E 271 -21.36 14.03 9.78
N SER E 272 -22.11 13.39 8.88
CA SER E 272 -22.66 14.08 7.74
C SER E 272 -24.06 13.56 7.45
N ASN E 273 -24.95 13.72 8.40
CA ASN E 273 -26.30 13.20 8.29
C ASN E 273 -27.11 13.77 7.13
N GLN E 274 -26.81 14.99 6.69
CA GLN E 274 -27.48 15.54 5.49
C GLN E 274 -27.09 14.69 4.30
N LEU E 275 -25.77 14.56 4.10
CA LEU E 275 -25.24 13.80 2.97
C LEU E 275 -25.65 12.35 3.08
N TRP E 276 -25.67 11.82 4.31
CA TRP E 276 -26.13 10.46 4.52
C TRP E 276 -27.54 10.30 3.94
N ASN E 277 -28.41 11.27 4.26
CA ASN E 277 -29.79 11.25 3.85
C ASN E 277 -29.96 11.37 2.34
N ILE E 278 -29.24 12.32 1.75
CA ILE E 278 -29.17 12.51 0.29
C ILE E 278 -28.60 11.29 -0.45
N SER E 279 -27.81 10.47 0.24
CA SER E 279 -27.24 9.28 -0.42
C SER E 279 -28.36 8.32 -0.79
N ALA E 280 -29.51 8.50 -0.14
CA ALA E 280 -30.66 7.68 -0.37
C ALA E 280 -31.64 8.30 -1.36
N VAL E 281 -31.20 9.30 -2.11
CA VAL E 281 -31.98 9.85 -3.21
C VAL E 281 -31.63 8.97 -4.41
N PRO E 282 -32.63 8.36 -5.09
CA PRO E 282 -32.30 7.30 -6.04
C PRO E 282 -31.53 7.73 -7.29
N SER E 283 -31.60 9.01 -7.67
CA SER E 283 -30.93 9.46 -8.88
C SER E 283 -30.24 10.82 -8.71
N TRP E 284 -29.19 11.04 -9.50
CA TRP E 284 -28.36 12.25 -9.41
C TRP E 284 -29.06 13.44 -10.01
N SER E 285 -29.94 13.15 -10.96
CA SER E 285 -30.82 14.14 -11.56
C SER E 285 -31.49 15.00 -10.46
N LYS E 286 -31.95 14.35 -9.41
CA LYS E 286 -32.73 15.00 -8.38
C LYS E 286 -31.84 15.71 -7.36
N VAL E 287 -30.81 15.00 -6.90
CA VAL E 287 -29.74 15.57 -6.09
C VAL E 287 -29.36 16.94 -6.65
N ASN E 288 -28.89 16.95 -7.89
CA ASN E 288 -28.53 18.18 -8.57
C ASN E 288 -29.61 19.26 -8.46
N GLN E 289 -30.84 18.91 -8.88
CA GLN E 289 -32.00 19.86 -8.83
C GLN E 289 -32.28 20.34 -7.41
N GLY E 290 -32.21 19.42 -6.46
CA GLY E 290 -32.50 19.76 -5.06
C GLY E 290 -31.40 20.57 -4.41
N LEU E 291 -30.16 20.32 -4.82
CA LEU E 291 -29.02 21.11 -4.35
C LEU E 291 -29.17 22.57 -4.71
N ILE E 292 -29.66 22.83 -5.91
CA ILE E 292 -29.86 24.18 -6.41
C ILE E 292 -30.91 24.93 -5.59
N ARG E 293 -31.98 24.23 -5.21
CA ARG E 293 -32.99 24.83 -4.33
C ARG E 293 -32.37 25.09 -2.97
N MET E 294 -31.56 24.13 -2.52
CA MET E 294 -30.86 24.17 -1.25
C MET E 294 -29.78 25.26 -1.24
N TYR E 295 -29.17 25.51 -2.40
CA TYR E 295 -28.08 26.52 -2.43
C TYR E 295 -28.61 27.94 -2.37
N LYS E 296 -29.74 28.19 -3.03
CA LYS E 296 -30.41 29.48 -2.93
C LYS E 296 -30.89 29.70 -1.49
N ALA E 297 -31.66 28.75 -0.96
CA ALA E 297 -32.16 28.81 0.43
C ALA E 297 -31.02 28.87 1.47
N GLU E 298 -30.22 27.81 1.58
CA GLU E 298 -29.22 27.67 2.63
C GLU E 298 -28.00 28.61 2.51
N CYS E 299 -27.86 29.35 1.43
CA CYS E 299 -26.62 30.13 1.23
C CYS E 299 -26.75 31.54 0.64
N LEU E 300 -27.32 31.63 -0.56
CA LEU E 300 -27.42 32.91 -1.28
C LEU E 300 -28.51 33.77 -0.71
N GLU E 301 -29.51 33.12 -0.13
CA GLU E 301 -30.62 33.81 0.53
C GLU E 301 -30.47 33.78 2.08
N LYS E 302 -29.24 33.56 2.56
CA LYS E 302 -28.97 33.51 4.01
C LYS E 302 -28.08 34.68 4.40
N PHE E 303 -28.59 35.50 5.31
CA PHE E 303 -27.91 36.75 5.66
C PHE E 303 -26.49 36.53 6.21
N PRO E 304 -26.32 35.68 7.24
CA PRO E 304 -24.98 35.50 7.79
C PRO E 304 -23.97 35.07 6.77
N VAL E 305 -24.45 34.38 5.74
CA VAL E 305 -23.58 33.73 4.76
C VAL E 305 -23.18 34.68 3.64
N ILE E 306 -24.15 35.41 3.10
CA ILE E 306 -23.93 36.23 1.90
C ILE E 306 -23.80 37.74 2.20
N GLN E 307 -24.08 38.17 3.43
CA GLN E 307 -24.02 39.59 3.81
C GLN E 307 -22.67 40.27 3.56
N HIS E 308 -21.66 39.47 3.21
CA HIS E 308 -20.33 39.99 2.92
C HIS E 308 -20.01 39.92 1.43
N PHE E 309 -21.06 39.91 0.61
CA PHE E 309 -20.90 39.93 -0.84
C PHE E 309 -20.72 41.35 -1.32
N LYS E 310 -19.79 41.52 -2.25
CA LYS E 310 -19.33 42.83 -2.65
C LYS E 310 -19.91 43.24 -4.00
N PHE E 311 -20.37 44.48 -4.07
CA PHE E 311 -21.10 44.97 -5.23
C PHE E 311 -20.40 46.15 -5.87
N GLY E 312 -20.19 46.04 -7.18
CA GLY E 312 -19.49 47.07 -7.94
C GLY E 312 -20.12 47.33 -9.30
N SER E 313 -19.29 47.39 -10.33
CA SER E 313 -19.76 47.74 -11.67
C SER E 313 -20.11 46.49 -12.47
N LEU E 314 -19.36 45.42 -12.23
CA LEU E 314 -19.56 44.18 -12.95
C LEU E 314 -20.61 43.33 -12.27
N LEU E 315 -20.73 43.48 -10.97
CA LEU E 315 -21.81 42.87 -10.20
C LEU E 315 -22.49 44.00 -9.44
N PRO E 316 -23.46 44.66 -10.09
CA PRO E 316 -24.05 45.87 -9.52
C PRO E 316 -25.26 45.61 -8.63
N ILE E 317 -25.43 46.49 -7.65
CA ILE E 317 -26.57 46.46 -6.74
C ILE E 317 -27.89 46.89 -7.41
N HIS E 318 -27.83 47.69 -8.47
CA HIS E 318 -29.04 48.13 -9.15
C HIS E 318 -29.81 46.94 -9.70
N PRO E 319 -31.16 47.05 -9.72
CA PRO E 319 -32.04 45.97 -10.19
C PRO E 319 -31.67 45.42 -11.57
N VAL E 320 -32.15 44.21 -11.87
CA VAL E 320 -31.81 43.52 -13.12
C VAL E 320 -32.53 44.16 -14.31
N THR E 321 -32.20 45.43 -14.56
CA THR E 321 -32.78 46.14 -15.70
C THR E 321 -32.19 45.60 -17.01
N SER E 322 -33.09 45.16 -17.89
CA SER E 322 -32.77 44.71 -19.26
C SER E 322 -34.05 44.41 -20.04
N ASN F 22 -23.54 -50.46 18.87
CA ASN F 22 -24.77 -49.61 18.70
C ASN F 22 -24.56 -48.27 17.99
N PHE F 23 -23.56 -48.21 17.10
CA PHE F 23 -23.35 -47.05 16.23
C PHE F 23 -23.83 -47.39 14.83
N ILE F 24 -24.10 -46.36 14.02
CA ILE F 24 -24.53 -46.57 12.62
C ILE F 24 -24.09 -45.48 11.66
N ILE F 25 -23.96 -45.85 10.39
CA ILE F 25 -23.69 -44.89 9.33
C ILE F 25 -24.92 -44.02 9.14
N PRO F 26 -24.79 -42.71 9.38
CA PRO F 26 -25.96 -41.82 9.34
C PRO F 26 -26.56 -41.67 7.94
N LYS F 27 -27.87 -41.86 7.85
CA LYS F 27 -28.57 -41.83 6.56
C LYS F 27 -29.54 -40.66 6.40
N LYS F 28 -29.98 -40.47 5.16
CA LYS F 28 -30.91 -39.41 4.81
C LYS F 28 -32.33 -39.82 5.20
N GLU F 29 -33.02 -38.92 5.92
CA GLU F 29 -34.34 -39.24 6.48
C GLU F 29 -35.44 -38.30 5.99
N ILE F 30 -35.03 -37.18 5.41
CA ILE F 30 -35.98 -36.17 4.95
C ILE F 30 -36.09 -36.26 3.43
N HIS F 31 -37.24 -36.72 2.95
CA HIS F 31 -37.43 -37.01 1.53
C HIS F 31 -38.52 -36.15 0.89
N THR F 32 -39.57 -35.91 1.66
CA THR F 32 -40.66 -35.06 1.23
C THR F 32 -40.78 -33.90 2.19
N VAL F 33 -41.57 -32.91 1.80
CA VAL F 33 -41.89 -31.78 2.66
C VAL F 33 -42.62 -32.21 3.96
N PRO F 34 -43.63 -33.09 3.86
CA PRO F 34 -44.17 -33.71 5.08
C PRO F 34 -43.15 -34.29 6.09
N ASP F 35 -41.90 -34.53 5.67
CA ASP F 35 -40.90 -35.09 6.57
C ASP F 35 -40.31 -34.08 7.56
N MET F 36 -40.31 -32.81 7.18
CA MET F 36 -39.88 -31.76 8.09
C MET F 36 -40.54 -31.95 9.46
N GLY F 37 -41.78 -32.41 9.45
CA GLY F 37 -42.50 -32.80 10.67
C GLY F 37 -41.64 -33.60 11.64
N LYS F 38 -41.36 -34.85 11.30
CA LYS F 38 -40.61 -35.74 12.21
C LYS F 38 -39.19 -35.26 12.50
N TRP F 39 -38.70 -34.35 11.68
CA TRP F 39 -37.43 -33.68 11.94
C TRP F 39 -37.60 -32.72 13.12
N LYS F 40 -38.61 -31.83 13.03
CA LYS F 40 -38.87 -30.86 14.08
C LYS F 40 -39.22 -31.50 15.43
N ARG F 41 -39.61 -32.78 15.40
CA ARG F 41 -39.89 -33.54 16.63
C ARG F 41 -38.95 -34.72 16.82
N SER F 42 -37.79 -34.67 16.17
CA SER F 42 -36.78 -35.70 16.34
C SER F 42 -35.85 -35.36 17.48
N GLN F 43 -35.25 -36.39 18.07
CA GLN F 43 -34.14 -36.24 19.02
C GLN F 43 -33.01 -35.40 18.43
N ALA F 44 -32.60 -35.72 17.21
CA ALA F 44 -31.55 -34.98 16.54
C ALA F 44 -31.81 -33.48 16.63
N TYR F 45 -33.02 -33.06 16.26
CA TYR F 45 -33.39 -31.66 16.26
C TYR F 45 -33.29 -31.04 17.65
N ALA F 46 -33.63 -31.82 18.67
CA ALA F 46 -33.54 -31.30 20.02
C ALA F 46 -32.11 -31.38 20.51
N ASP F 47 -31.45 -32.48 20.20
CA ASP F 47 -30.06 -32.66 20.58
C ASP F 47 -29.30 -31.48 20.02
N TYR F 48 -29.55 -31.20 18.75
CA TYR F 48 -28.77 -30.24 17.97
C TYR F 48 -29.07 -28.77 18.32
N ILE F 49 -30.34 -28.37 18.28
CA ILE F 49 -30.72 -26.95 18.50
C ILE F 49 -30.20 -26.47 19.85
N GLY F 50 -30.32 -27.33 20.85
CA GLY F 50 -29.81 -27.08 22.19
C GLY F 50 -28.31 -26.89 22.19
N PHE F 51 -27.61 -27.75 21.42
CA PHE F 51 -26.14 -27.73 21.37
C PHE F 51 -25.69 -26.36 20.91
N ILE F 52 -26.40 -25.84 19.91
CA ILE F 52 -26.17 -24.53 19.35
C ILE F 52 -26.36 -23.48 20.42
N LEU F 53 -27.44 -23.64 21.16
CA LEU F 53 -27.82 -22.72 22.21
C LEU F 53 -26.94 -22.84 23.46
N THR F 54 -26.41 -24.03 23.72
CA THR F 54 -25.54 -24.26 24.89
C THR F 54 -24.24 -23.51 24.67
N LEU F 55 -23.70 -23.64 23.46
CA LEU F 55 -22.48 -22.97 23.06
C LEU F 55 -22.68 -21.48 22.95
N ASN F 56 -23.84 -21.10 22.43
CA ASN F 56 -24.23 -19.70 22.35
C ASN F 56 -24.12 -18.95 23.68
N GLU F 57 -24.63 -19.55 24.75
CA GLU F 57 -24.63 -18.91 26.06
C GLU F 57 -23.23 -18.93 26.68
N GLY F 58 -22.42 -19.91 26.28
CA GLY F 58 -21.05 -20.07 26.80
C GLY F 58 -20.11 -19.00 26.31
N VAL F 59 -20.41 -18.40 25.15
CA VAL F 59 -19.56 -17.34 24.55
C VAL F 59 -19.98 -15.89 24.84
N LYS F 60 -21.21 -15.69 25.29
CA LYS F 60 -21.76 -14.35 25.67
C LYS F 60 -20.74 -13.34 26.25
N GLY F 61 -20.64 -12.18 25.59
CA GLY F 61 -19.81 -11.05 26.02
C GLY F 61 -18.30 -11.22 26.11
N LYS F 62 -17.81 -12.37 25.65
CA LYS F 62 -16.38 -12.69 25.72
C LYS F 62 -15.69 -12.37 24.39
N LYS F 63 -14.49 -11.81 24.42
CA LYS F 63 -13.73 -11.60 23.19
C LYS F 63 -13.05 -12.89 22.78
N LEU F 64 -12.73 -13.02 21.49
CA LEU F 64 -11.95 -14.13 20.98
C LEU F 64 -10.66 -14.33 21.79
N THR F 65 -10.08 -13.21 22.22
CA THR F 65 -8.86 -13.20 23.06
C THR F 65 -9.09 -13.55 24.54
N PHE F 66 -10.24 -14.12 24.84
CA PHE F 66 -10.59 -14.55 26.19
C PHE F 66 -9.79 -15.79 26.61
N GLU F 67 -9.32 -15.81 27.86
CA GLU F 67 -8.59 -16.97 28.40
C GLU F 67 -9.52 -18.16 28.64
N TYR F 68 -9.34 -19.23 27.86
CA TYR F 68 -10.18 -20.43 27.99
C TYR F 68 -9.41 -21.76 28.04
N ARG F 69 -10.06 -22.77 28.60
CA ARG F 69 -9.59 -24.15 28.57
C ARG F 69 -9.28 -24.56 27.15
N VAL F 70 -8.09 -25.14 26.96
CA VAL F 70 -7.79 -25.81 25.72
C VAL F 70 -7.45 -27.27 26.04
N SER F 71 -8.33 -28.18 25.61
CA SER F 71 -8.07 -29.61 25.83
C SER F 71 -7.23 -30.18 24.71
N GLU F 72 -6.62 -31.34 24.95
CA GLU F 72 -5.87 -32.08 23.95
C GLU F 72 -6.77 -32.37 22.76
N ALA F 73 -8.04 -32.67 23.04
CA ALA F 73 -9.04 -32.89 21.98
C ALA F 73 -9.16 -31.64 21.08
N ILE F 74 -9.22 -30.46 21.68
CA ILE F 74 -9.25 -29.22 20.92
C ILE F 74 -8.05 -29.10 20.00
N GLU F 75 -6.85 -29.34 20.52
CA GLU F 75 -5.62 -29.35 19.72
C GLU F 75 -5.71 -30.35 18.56
N LYS F 76 -6.24 -31.54 18.84
CA LYS F 76 -6.35 -32.57 17.80
C LYS F 76 -7.37 -32.26 16.70
N LEU F 77 -8.36 -31.43 17.00
CA LEU F 77 -9.33 -31.00 15.99
C LEU F 77 -8.79 -29.80 15.25
N VAL F 78 -7.98 -28.99 15.91
CA VAL F 78 -7.32 -27.88 15.20
C VAL F 78 -6.31 -28.47 14.21
N ALA F 79 -5.50 -29.42 14.66
CA ALA F 79 -4.59 -30.18 13.81
C ALA F 79 -5.33 -30.88 12.67
N LEU F 80 -6.49 -31.48 12.95
CA LEU F 80 -7.33 -32.03 11.87
C LEU F 80 -7.69 -30.96 10.82
N LEU F 81 -8.15 -29.80 11.27
CA LEU F 81 -8.44 -28.67 10.37
C LEU F 81 -7.22 -28.24 9.55
N ASN F 82 -6.03 -28.25 10.16
CA ASN F 82 -4.78 -27.89 9.46
C ASN F 82 -4.40 -28.85 8.32
N THR F 83 -4.58 -30.15 8.54
CA THR F 83 -4.46 -31.12 7.47
C THR F 83 -5.26 -30.65 6.25
N LEU F 84 -6.49 -30.22 6.48
CA LEU F 84 -7.39 -29.87 5.42
C LEU F 84 -6.90 -28.62 4.73
N ASP F 85 -6.49 -27.64 5.53
CA ASP F 85 -5.81 -26.47 4.99
C ASP F 85 -4.63 -26.88 4.09
N ARG F 86 -3.77 -27.77 4.59
CA ARG F 86 -2.56 -28.22 3.89
C ARG F 86 -2.90 -28.85 2.54
N TRP F 87 -3.91 -29.70 2.51
CA TRP F 87 -4.36 -30.30 1.25
C TRP F 87 -4.81 -29.27 0.22
N ILE F 88 -5.29 -28.12 0.68
CA ILE F 88 -5.69 -27.05 -0.26
C ILE F 88 -4.47 -26.61 -1.06
N ASP F 89 -3.37 -26.36 -0.34
CA ASP F 89 -2.07 -26.06 -0.96
C ASP F 89 -1.53 -27.23 -1.76
N GLU F 90 -1.83 -28.44 -1.36
CA GLU F 90 -1.41 -29.61 -2.12
C GLU F 90 -2.17 -29.77 -3.44
N THR F 91 -3.29 -29.08 -3.57
CA THR F 91 -4.15 -29.25 -4.72
C THR F 91 -4.46 -27.90 -5.35
N PRO F 92 -3.49 -27.34 -6.10
CA PRO F 92 -3.66 -26.01 -6.72
C PRO F 92 -4.78 -26.00 -7.79
N PRO F 93 -5.44 -24.84 -7.95
CA PRO F 93 -6.55 -24.73 -8.93
C PRO F 93 -6.06 -25.00 -10.34
N VAL F 94 -6.82 -25.76 -11.11
CA VAL F 94 -6.46 -26.08 -12.50
C VAL F 94 -6.54 -24.84 -13.38
N ASP F 95 -5.72 -24.83 -14.44
CA ASP F 95 -5.49 -23.65 -15.31
C ASP F 95 -6.28 -23.63 -16.63
N GLN F 96 -7.34 -24.43 -16.71
CA GLN F 96 -8.36 -24.30 -17.75
C GLN F 96 -8.85 -22.87 -17.73
N PRO F 97 -9.66 -22.49 -18.72
CA PRO F 97 -10.25 -21.18 -18.59
C PRO F 97 -11.27 -21.23 -17.45
N SER F 98 -12.30 -22.08 -17.57
CA SER F 98 -13.34 -22.32 -16.54
C SER F 98 -14.15 -21.09 -16.11
N ARG F 99 -15.20 -21.27 -15.30
CA ARG F 99 -15.98 -20.09 -14.88
C ARG F 99 -16.82 -20.10 -13.60
N PHE F 100 -17.07 -21.25 -13.03
CA PHE F 100 -17.66 -21.24 -11.70
C PHE F 100 -16.64 -21.87 -10.78
N GLY F 101 -17.06 -22.91 -10.07
CA GLY F 101 -16.19 -23.62 -9.19
C GLY F 101 -15.09 -24.23 -10.02
N ASN F 102 -13.86 -24.08 -9.52
CA ASN F 102 -12.69 -24.70 -10.13
C ASN F 102 -12.70 -26.18 -9.78
N LYS F 103 -12.43 -27.04 -10.75
CA LYS F 103 -12.58 -28.48 -10.55
C LYS F 103 -11.49 -29.13 -9.68
N ALA F 104 -10.49 -28.35 -9.30
CA ALA F 104 -9.49 -28.86 -8.34
C ALA F 104 -10.11 -29.11 -6.97
N TYR F 105 -11.26 -28.49 -6.72
CA TYR F 105 -12.07 -28.75 -5.52
C TYR F 105 -12.42 -30.23 -5.44
N ARG F 106 -12.73 -30.81 -6.60
CA ARG F 106 -13.16 -32.21 -6.70
C ARG F 106 -12.04 -33.10 -6.27
N THR F 107 -10.82 -32.72 -6.65
CA THR F 107 -9.63 -33.46 -6.27
C THR F 107 -9.44 -33.30 -4.79
N TRP F 108 -9.60 -32.08 -4.29
CA TRP F 108 -9.44 -31.81 -2.86
C TRP F 108 -10.42 -32.57 -2.01
N TYR F 109 -11.71 -32.44 -2.33
CA TYR F 109 -12.76 -33.09 -1.57
C TYR F 109 -12.66 -34.63 -1.53
N ALA F 110 -12.16 -35.21 -2.62
CA ALA F 110 -12.04 -36.65 -2.72
C ALA F 110 -10.92 -37.17 -1.84
N LYS F 111 -10.02 -36.27 -1.42
CA LYS F 111 -9.00 -36.61 -0.44
C LYS F 111 -9.67 -36.72 0.94
N LEU F 112 -10.42 -35.68 1.32
CA LEU F 112 -11.25 -35.76 2.52
C LEU F 112 -12.11 -37.03 2.54
N ASP F 113 -12.70 -37.40 1.40
CA ASP F 113 -13.54 -38.59 1.33
C ASP F 113 -12.78 -39.86 1.67
N GLU F 114 -11.56 -39.99 1.17
CA GLU F 114 -10.74 -41.17 1.48
C GLU F 114 -10.33 -41.12 2.94
N GLU F 115 -9.91 -39.94 3.38
CA GLU F 115 -9.23 -39.78 4.67
C GLU F 115 -10.08 -39.34 5.87
N ALA F 116 -11.38 -39.14 5.71
CA ALA F 116 -12.20 -38.65 6.82
C ALA F 116 -12.05 -39.53 8.07
N GLU F 117 -12.17 -40.85 7.87
CA GLU F 117 -12.05 -41.80 8.96
C GLU F 117 -10.66 -41.84 9.59
N ASN F 118 -9.61 -41.97 8.77
CA ASN F 118 -8.23 -41.92 9.27
C ASN F 118 -7.99 -40.63 10.06
N LEU F 119 -8.87 -39.65 9.90
CA LEU F 119 -8.67 -38.35 10.51
C LEU F 119 -9.37 -38.22 11.85
N VAL F 120 -10.67 -38.53 11.86
CA VAL F 120 -11.43 -38.61 13.09
C VAL F 120 -10.67 -39.51 14.06
N ALA F 121 -10.17 -40.63 13.57
CA ALA F 121 -9.41 -41.60 14.37
C ALA F 121 -8.33 -40.99 15.27
N THR F 122 -7.71 -39.89 14.85
CA THR F 122 -6.69 -39.20 15.65
C THR F 122 -7.26 -38.54 16.92
N VAL F 123 -8.58 -38.41 16.95
CA VAL F 123 -9.32 -37.71 18.00
C VAL F 123 -10.07 -38.67 18.94
N VAL F 124 -10.20 -39.93 18.54
CA VAL F 124 -11.07 -40.86 19.23
C VAL F 124 -10.26 -42.07 19.73
N PRO F 125 -10.30 -42.32 21.06
CA PRO F 125 -9.65 -43.48 21.63
C PRO F 125 -10.15 -44.80 21.04
N THR F 126 -9.25 -45.78 21.02
CA THR F 126 -9.50 -47.10 20.42
C THR F 126 -10.80 -47.77 20.88
N HIS F 127 -11.12 -47.63 22.17
CA HIS F 127 -12.31 -48.29 22.70
C HIS F 127 -13.61 -47.72 22.11
N LEU F 128 -13.57 -46.47 21.66
CA LEU F 128 -14.69 -45.92 20.92
C LEU F 128 -14.46 -45.97 19.41
N ALA F 129 -13.60 -46.89 18.96
CA ALA F 129 -13.22 -46.98 17.55
C ALA F 129 -14.40 -47.09 16.59
N ALA F 130 -15.43 -47.85 16.99
CA ALA F 130 -16.57 -48.13 16.11
C ALA F 130 -17.48 -46.92 15.87
N ALA F 131 -17.20 -45.81 16.55
CA ALA F 131 -17.94 -44.56 16.40
C ALA F 131 -17.39 -43.78 15.22
N VAL F 132 -16.10 -43.98 14.92
CA VAL F 132 -15.39 -43.24 13.89
C VAL F 132 -16.23 -43.15 12.63
N PRO F 133 -16.64 -44.30 12.04
CA PRO F 133 -17.42 -44.25 10.81
C PRO F 133 -18.70 -43.43 10.94
N GLU F 134 -19.36 -43.47 12.09
CA GLU F 134 -20.56 -42.64 12.29
C GLU F 134 -20.20 -41.17 12.39
N VAL F 135 -19.11 -40.87 13.06
CA VAL F 135 -18.69 -39.48 13.28
C VAL F 135 -18.14 -38.85 12.01
N ALA F 136 -17.34 -39.62 11.26
CA ALA F 136 -16.69 -39.14 10.03
C ALA F 136 -17.66 -38.61 8.98
N VAL F 137 -18.79 -39.30 8.80
CA VAL F 137 -19.80 -38.87 7.85
C VAL F 137 -20.10 -37.37 7.96
N TYR F 138 -20.33 -36.89 9.17
CA TYR F 138 -20.62 -35.47 9.36
C TYR F 138 -19.47 -34.59 8.88
N LEU F 139 -18.25 -35.04 9.12
CA LEU F 139 -17.06 -34.36 8.66
C LEU F 139 -17.09 -34.24 7.14
N LYS F 140 -17.45 -35.34 6.49
CA LYS F 140 -17.58 -35.39 5.04
C LYS F 140 -18.70 -34.52 4.50
N GLU F 141 -19.67 -34.18 5.36
CA GLU F 141 -20.84 -33.48 4.90
C GLU F 141 -20.68 -31.97 5.15
N SER F 142 -19.53 -31.56 5.68
CA SER F 142 -19.43 -30.23 6.25
C SER F 142 -18.58 -29.28 5.45
N VAL F 143 -18.16 -29.71 4.27
CA VAL F 143 -17.22 -28.92 3.47
C VAL F 143 -17.74 -28.54 2.06
N GLY F 144 -19.00 -28.85 1.76
CA GLY F 144 -19.58 -28.47 0.47
C GLY F 144 -19.73 -29.61 -0.51
N ASN F 145 -20.27 -29.31 -1.71
CA ASN F 145 -20.66 -30.33 -2.70
C ASN F 145 -19.70 -30.52 -3.87
N SER F 146 -19.03 -31.65 -3.90
CA SER F 146 -18.05 -31.99 -4.94
C SER F 146 -18.56 -31.87 -6.40
N THR F 147 -19.81 -32.27 -6.63
CA THR F 147 -20.36 -32.19 -7.98
C THR F 147 -20.66 -30.74 -8.41
N ARG F 148 -21.23 -29.96 -7.51
CA ARG F 148 -21.71 -28.63 -7.87
C ARG F 148 -20.69 -27.54 -7.43
N ILE F 149 -19.62 -27.96 -6.77
CA ILE F 149 -18.61 -27.06 -6.20
C ILE F 149 -19.24 -25.85 -5.51
N ASP F 150 -20.17 -26.14 -4.61
CA ASP F 150 -20.83 -25.11 -3.84
C ASP F 150 -20.77 -25.45 -2.37
N TYR F 151 -21.23 -24.53 -1.53
CA TYR F 151 -21.19 -24.67 -0.08
C TYR F 151 -22.28 -23.82 0.52
N GLY F 152 -22.86 -24.30 1.62
CA GLY F 152 -24.00 -23.62 2.22
C GLY F 152 -24.13 -23.91 3.70
N THR F 153 -25.17 -23.33 4.30
CA THR F 153 -25.51 -23.51 5.71
C THR F 153 -25.88 -24.95 6.03
N GLY F 154 -26.17 -25.73 4.99
CA GLY F 154 -26.48 -27.14 5.14
C GLY F 154 -25.23 -27.85 5.55
N HIS F 155 -24.11 -27.47 4.95
CA HIS F 155 -22.84 -28.08 5.27
C HIS F 155 -22.29 -27.54 6.58
N GLU F 156 -22.67 -26.32 6.94
CA GLU F 156 -22.23 -25.73 8.19
C GLU F 156 -22.93 -26.42 9.35
N ALA F 157 -24.15 -26.87 9.07
CA ALA F 157 -24.98 -27.51 10.09
C ALA F 157 -24.33 -28.85 10.39
N ALA F 158 -24.02 -29.61 9.34
CA ALA F 158 -23.26 -30.85 9.44
C ALA F 158 -21.97 -30.76 10.25
N PHE F 159 -21.31 -29.60 10.23
CA PHE F 159 -20.07 -29.46 11.01
C PHE F 159 -20.35 -29.21 12.49
N ALA F 160 -21.49 -28.58 12.77
CA ALA F 160 -21.94 -28.42 14.18
C ALA F 160 -22.40 -29.77 14.71
N ALA F 161 -23.04 -30.55 13.84
CA ALA F 161 -23.52 -31.89 14.18
C ALA F 161 -22.32 -32.79 14.40
N PHE F 162 -21.25 -32.53 13.64
CA PHE F 162 -19.97 -33.22 13.80
C PHE F 162 -19.46 -33.00 15.22
N LEU F 163 -19.43 -31.75 15.66
CA LEU F 163 -18.88 -31.37 16.97
C LEU F 163 -19.71 -31.87 18.14
N CYS F 164 -21.02 -31.82 17.95
CA CYS F 164 -22.00 -32.36 18.86
C CYS F 164 -21.80 -33.85 19.12
N CYS F 165 -21.68 -34.62 18.05
CA CYS F 165 -21.36 -36.05 18.13
C CYS F 165 -20.13 -36.32 19.01
N LEU F 166 -19.15 -35.41 18.98
CA LEU F 166 -17.94 -35.58 19.77
C LEU F 166 -18.14 -35.40 21.26
N CYS F 167 -19.21 -34.68 21.62
CA CYS F 167 -19.63 -34.55 23.03
C CYS F 167 -20.47 -35.74 23.45
N LYS F 168 -21.47 -36.10 22.63
CA LYS F 168 -22.26 -37.33 22.83
C LYS F 168 -21.39 -38.53 23.19
N ILE F 169 -20.13 -38.54 22.75
CA ILE F 169 -19.23 -39.65 23.08
C ILE F 169 -18.09 -39.28 24.04
N GLY F 170 -18.12 -38.05 24.54
CA GLY F 170 -17.26 -37.66 25.65
C GLY F 170 -15.82 -37.37 25.30
N VAL F 171 -15.52 -37.23 24.02
CA VAL F 171 -14.22 -36.72 23.60
C VAL F 171 -14.18 -35.21 23.88
N LEU F 172 -15.14 -34.49 23.31
CA LEU F 172 -15.32 -33.08 23.61
C LEU F 172 -16.12 -32.95 24.89
N ARG F 173 -15.59 -32.16 25.82
CA ARG F 173 -16.13 -32.03 27.17
C ARG F 173 -16.79 -30.67 27.43
N VAL F 174 -17.63 -30.61 28.46
CA VAL F 174 -18.27 -29.35 28.89
C VAL F 174 -17.30 -28.14 29.01
N ASP F 175 -16.09 -28.38 29.51
CA ASP F 175 -15.08 -27.33 29.71
C ASP F 175 -14.61 -26.69 28.41
N ASP F 176 -14.66 -27.48 27.34
CA ASP F 176 -14.22 -27.07 26.03
C ASP F 176 -15.23 -26.19 25.31
N GLN F 177 -16.44 -26.09 25.83
CA GLN F 177 -17.51 -25.52 25.02
C GLN F 177 -17.35 -24.02 24.68
N ILE F 178 -16.33 -23.40 25.24
CA ILE F 178 -15.88 -22.10 24.73
C ILE F 178 -14.91 -22.30 23.58
N ALA F 179 -13.90 -23.16 23.80
CA ALA F 179 -12.89 -23.47 22.78
C ALA F 179 -13.46 -24.20 21.56
N ILE F 180 -14.63 -24.81 21.70
CA ILE F 180 -15.34 -25.36 20.54
C ILE F 180 -15.65 -24.25 19.55
N VAL F 181 -16.09 -23.11 20.05
CA VAL F 181 -16.47 -21.99 19.19
C VAL F 181 -15.27 -21.11 18.82
N PHE F 182 -14.44 -20.80 19.82
CA PHE F 182 -13.36 -19.81 19.65
C PHE F 182 -12.10 -20.34 18.96
N LYS F 183 -11.77 -21.61 19.16
CA LYS F 183 -10.59 -22.18 18.50
C LYS F 183 -11.00 -23.03 17.28
N VAL F 184 -11.83 -24.05 17.51
CA VAL F 184 -12.15 -25.01 16.47
C VAL F 184 -13.06 -24.46 15.36
N PHE F 185 -14.24 -23.99 15.72
CA PHE F 185 -15.19 -23.55 14.72
C PHE F 185 -14.73 -22.24 14.13
N ASN F 186 -13.96 -21.47 14.88
CA ASN F 186 -13.32 -20.28 14.32
C ASN F 186 -12.29 -20.70 13.26
N ARG F 187 -11.49 -21.72 13.56
CA ARG F 187 -10.54 -22.24 12.58
C ARG F 187 -11.25 -22.86 11.36
N TYR F 188 -12.31 -23.62 11.64
CA TYR F 188 -13.11 -24.21 10.57
C TYR F 188 -13.56 -23.13 9.59
N LEU F 189 -13.98 -21.97 10.09
CA LEU F 189 -14.35 -20.84 9.22
C LEU F 189 -13.21 -20.34 8.34
N GLU F 190 -11.98 -20.33 8.87
CA GLU F 190 -10.80 -19.88 8.11
C GLU F 190 -10.51 -20.82 6.96
N VAL F 191 -10.56 -22.12 7.25
CA VAL F 191 -10.43 -23.16 6.23
C VAL F 191 -11.53 -23.07 5.18
N MET F 192 -12.73 -22.72 5.61
CA MET F 192 -13.86 -22.67 4.68
C MET F 192 -13.72 -21.48 3.72
N ARG F 193 -13.29 -20.34 4.26
CA ARG F 193 -13.03 -19.16 3.42
C ARG F 193 -11.98 -19.47 2.38
N LYS F 194 -10.89 -20.12 2.81
CA LYS F 194 -9.80 -20.48 1.95
C LYS F 194 -10.27 -21.35 0.79
N LEU F 195 -11.21 -22.27 1.05
CA LEU F 195 -11.77 -23.07 -0.05
C LEU F 195 -12.61 -22.21 -0.97
N GLN F 196 -13.25 -21.20 -0.40
CA GLN F 196 -14.16 -20.36 -1.16
C GLN F 196 -13.34 -19.43 -2.07
N LYS F 197 -12.18 -18.98 -1.57
CA LYS F 197 -11.28 -18.13 -2.37
C LYS F 197 -10.51 -18.94 -3.41
N THR F 198 -9.90 -20.05 -2.98
CA THR F 198 -8.95 -20.75 -3.82
C THR F 198 -9.68 -21.40 -4.97
N TYR F 199 -10.82 -22.03 -4.68
CA TYR F 199 -11.57 -22.77 -5.70
C TYR F 199 -12.77 -22.01 -6.24
N ARG F 200 -12.93 -20.77 -5.78
CA ARG F 200 -13.99 -19.88 -6.22
C ARG F 200 -15.36 -20.56 -6.25
N MET F 201 -15.62 -21.28 -5.16
CA MET F 201 -16.85 -22.00 -4.88
C MET F 201 -18.10 -21.16 -4.88
N GLU F 202 -19.19 -21.77 -5.31
CA GLU F 202 -20.48 -21.10 -5.41
C GLU F 202 -21.26 -21.14 -4.08
N PRO F 203 -22.12 -20.15 -3.84
CA PRO F 203 -23.08 -20.35 -2.75
C PRO F 203 -24.06 -21.45 -3.15
N ALA F 204 -24.46 -22.28 -2.19
CA ALA F 204 -25.41 -23.36 -2.42
C ALA F 204 -26.85 -22.87 -2.56
N GLY F 205 -27.47 -23.20 -3.69
CA GLY F 205 -28.83 -22.75 -4.01
C GLY F 205 -29.00 -21.26 -3.76
N SER F 206 -30.25 -20.88 -3.50
CA SER F 206 -30.62 -19.47 -3.46
C SER F 206 -30.21 -18.79 -2.13
N GLN F 207 -29.04 -19.19 -1.60
CA GLN F 207 -28.43 -18.58 -0.43
C GLN F 207 -27.88 -17.21 -0.75
N GLY F 208 -27.26 -17.08 -1.93
CA GLY F 208 -26.85 -15.79 -2.47
C GLY F 208 -28.04 -14.98 -2.99
N VAL F 209 -29.22 -15.21 -2.41
CA VAL F 209 -30.41 -14.42 -2.74
C VAL F 209 -30.98 -13.91 -1.42
N TRP F 210 -32.00 -14.58 -0.86
CA TRP F 210 -32.61 -14.11 0.41
C TRP F 210 -31.78 -14.42 1.69
N GLY F 211 -30.56 -14.91 1.50
CA GLY F 211 -29.72 -15.34 2.63
C GLY F 211 -29.06 -14.20 3.40
N LEU F 212 -28.93 -14.42 4.70
CA LEU F 212 -28.12 -13.57 5.55
C LEU F 212 -26.68 -13.49 5.03
N ASP F 213 -26.25 -14.53 4.32
CA ASP F 213 -24.86 -14.64 3.86
C ASP F 213 -24.73 -15.72 2.79
N ASP F 214 -23.82 -15.51 1.85
CA ASP F 214 -23.52 -16.50 0.80
C ASP F 214 -23.30 -17.88 1.39
N PHE F 215 -22.64 -17.95 2.55
CA PHE F 215 -22.06 -19.20 3.00
C PHE F 215 -22.36 -19.65 4.42
N GLN F 216 -22.23 -18.76 5.40
CA GLN F 216 -22.37 -19.15 6.81
C GLN F 216 -23.67 -18.64 7.43
N PHE F 217 -23.95 -19.12 8.63
CA PHE F 217 -24.99 -18.54 9.48
C PHE F 217 -24.57 -18.55 10.96
N LEU F 218 -24.19 -19.72 11.48
CA LEU F 218 -23.84 -19.88 12.90
C LEU F 218 -22.88 -18.82 13.48
N PRO F 219 -21.79 -18.47 12.76
CA PRO F 219 -20.90 -17.42 13.26
C PRO F 219 -21.54 -16.07 13.54
N PHE F 220 -22.69 -15.79 12.90
CA PHE F 220 -23.42 -14.56 13.19
C PHE F 220 -24.20 -14.68 14.50
N ILE F 221 -24.72 -15.88 14.73
CA ILE F 221 -25.37 -16.20 16.00
C ILE F 221 -24.34 -16.03 17.11
N TRP F 222 -23.24 -16.79 17.02
CA TRP F 222 -22.27 -16.78 18.09
C TRP F 222 -21.60 -15.41 18.20
N GLY F 223 -21.24 -14.85 17.06
CA GLY F 223 -20.60 -13.54 17.01
C GLY F 223 -21.40 -12.44 17.66
N SER F 224 -22.72 -12.41 17.44
CA SER F 224 -23.54 -11.32 18.00
C SER F 224 -23.88 -11.55 19.47
N SER F 225 -23.95 -12.83 19.84
CA SER F 225 -23.99 -13.25 21.24
C SER F 225 -22.71 -12.78 21.92
N GLN F 226 -21.59 -13.01 21.24
CA GLN F 226 -20.28 -12.60 21.69
C GLN F 226 -20.19 -11.10 22.00
N LEU F 227 -21.01 -10.28 21.35
CA LEU F 227 -20.95 -8.83 21.52
C LEU F 227 -21.91 -8.26 22.55
N ILE F 228 -22.61 -9.13 23.27
CA ILE F 228 -23.56 -8.67 24.27
C ILE F 228 -22.88 -7.78 25.31
N ASP F 229 -23.57 -6.69 25.66
CA ASP F 229 -23.10 -5.74 26.69
C ASP F 229 -21.76 -5.06 26.32
N HIS F 230 -21.53 -4.83 25.02
CA HIS F 230 -20.30 -4.17 24.57
C HIS F 230 -20.42 -2.66 24.71
N PRO F 231 -19.41 -2.01 25.33
CA PRO F 231 -19.38 -0.56 25.63
C PRO F 231 -19.49 0.38 24.41
N TYR F 232 -18.72 0.15 23.36
CA TYR F 232 -18.70 1.06 22.20
C TYR F 232 -19.39 0.50 20.94
N LEU F 233 -19.16 -0.79 20.66
CA LEU F 233 -19.62 -1.36 19.41
C LEU F 233 -21.09 -1.77 19.44
N GLU F 234 -21.86 -1.16 18.55
CA GLU F 234 -23.27 -1.44 18.41
C GLU F 234 -23.53 -2.08 17.06
N PRO F 235 -24.68 -2.76 16.90
CA PRO F 235 -25.07 -3.29 15.61
C PRO F 235 -24.83 -2.30 14.49
N ARG F 236 -25.27 -1.06 14.65
CA ARG F 236 -25.10 -0.01 13.66
C ARG F 236 -23.64 0.24 13.20
N HIS F 237 -22.66 -0.30 13.92
CA HIS F 237 -21.25 0.00 13.63
C HIS F 237 -20.57 -0.88 12.56
N PHE F 238 -21.07 -2.11 12.33
CA PHE F 238 -20.41 -3.05 11.40
C PHE F 238 -20.59 -2.81 9.90
N VAL F 239 -21.16 -1.67 9.52
CA VAL F 239 -21.23 -1.32 8.11
C VAL F 239 -20.24 -0.19 7.83
N ASP F 240 -19.52 0.20 8.88
CA ASP F 240 -18.41 1.14 8.79
C ASP F 240 -17.13 0.31 8.74
N GLU F 241 -16.33 0.59 7.72
CA GLU F 241 -15.21 -0.26 7.40
C GLU F 241 -14.01 -0.01 8.28
N LYS F 242 -13.83 1.25 8.68
CA LYS F 242 -12.78 1.57 9.61
C LYS F 242 -13.01 0.80 10.91
N ALA F 243 -14.23 0.90 11.44
CA ALA F 243 -14.61 0.20 12.66
C ALA F 243 -14.40 -1.32 12.53
N VAL F 244 -14.94 -1.93 11.47
CA VAL F 244 -14.73 -3.36 11.23
C VAL F 244 -13.24 -3.73 11.30
N ASN F 245 -12.37 -3.02 10.57
CA ASN F 245 -10.93 -3.31 10.56
C ASN F 245 -10.24 -3.21 11.94
N GLU F 246 -10.74 -2.30 12.78
CA GLU F 246 -10.20 -2.12 14.12
C GLU F 246 -10.44 -3.32 15.02
N ASN F 247 -11.57 -3.99 14.82
CA ASN F 247 -12.05 -4.92 15.82
C ASN F 247 -12.19 -6.39 15.47
N HIS F 248 -12.03 -6.73 14.19
CA HIS F 248 -12.24 -8.11 13.71
C HIS F 248 -11.47 -9.20 14.48
N LYS F 249 -10.35 -8.82 15.08
CA LYS F 249 -9.52 -9.74 15.86
C LYS F 249 -10.29 -10.43 16.99
N ASP F 250 -11.11 -9.67 17.70
CA ASP F 250 -11.82 -10.18 18.87
C ASP F 250 -13.21 -10.72 18.58
N TYR F 251 -13.77 -10.37 17.42
CA TYR F 251 -15.18 -10.68 17.18
C TYR F 251 -15.49 -11.45 15.90
N MET F 252 -15.89 -12.70 16.08
CA MET F 252 -16.33 -13.60 15.01
C MET F 252 -17.33 -12.96 14.03
N PHE F 253 -18.25 -12.16 14.55
CA PHE F 253 -19.25 -11.45 13.75
C PHE F 253 -18.61 -10.48 12.76
N LEU F 254 -17.64 -9.68 13.22
CA LEU F 254 -17.02 -8.66 12.38
C LEU F 254 -16.08 -9.25 11.35
N GLU F 255 -15.49 -10.40 11.66
CA GLU F 255 -14.59 -11.10 10.73
C GLU F 255 -15.39 -11.55 9.49
N CYS F 256 -16.58 -12.12 9.70
CA CYS F 256 -17.53 -12.42 8.63
C CYS F 256 -17.84 -11.20 7.77
N ILE F 257 -18.12 -10.07 8.39
CA ILE F 257 -18.32 -8.83 7.66
C ILE F 257 -17.10 -8.46 6.81
N LEU F 258 -15.90 -8.60 7.38
CA LEU F 258 -14.64 -8.31 6.66
C LEU F 258 -14.45 -9.25 5.46
N PHE F 259 -14.80 -10.51 5.66
CA PHE F 259 -14.84 -11.42 4.55
C PHE F 259 -15.82 -10.92 3.46
N ILE F 260 -17.04 -10.58 3.83
CA ILE F 260 -18.00 -10.13 2.82
C ILE F 260 -17.41 -8.96 2.03
N THR F 261 -16.95 -7.93 2.73
CA THR F 261 -16.41 -6.75 2.05
C THR F 261 -15.13 -7.00 1.26
N GLU F 262 -14.45 -8.12 1.50
CA GLU F 262 -13.34 -8.55 0.65
C GLU F 262 -13.87 -9.24 -0.59
N MET F 263 -15.04 -9.83 -0.50
CA MET F 263 -15.49 -10.72 -1.57
C MET F 263 -16.46 -10.10 -2.58
N LYS F 264 -17.13 -9.01 -2.21
CA LYS F 264 -18.20 -8.46 -3.05
C LYS F 264 -17.97 -7.04 -3.59
N THR F 265 -18.83 -6.61 -4.51
CA THR F 265 -18.65 -5.33 -5.20
C THR F 265 -19.86 -4.45 -5.00
N GLY F 266 -19.66 -3.15 -5.23
CA GLY F 266 -20.67 -2.16 -4.94
C GLY F 266 -20.85 -2.00 -3.44
N PRO F 267 -21.88 -1.24 -3.04
CA PRO F 267 -22.18 -0.93 -1.65
C PRO F 267 -22.80 -2.09 -0.88
N PHE F 268 -22.74 -1.99 0.44
CA PHE F 268 -23.26 -3.00 1.36
C PHE F 268 -24.76 -3.28 1.19
N ALA F 269 -25.57 -2.24 1.29
CA ALA F 269 -27.04 -2.35 1.31
C ALA F 269 -27.62 -3.12 0.12
N GLU F 270 -26.76 -3.33 -0.89
CA GLU F 270 -27.11 -3.99 -2.13
C GLU F 270 -26.68 -5.45 -2.10
N HIS F 271 -25.41 -5.71 -1.77
CA HIS F 271 -24.94 -7.08 -1.75
C HIS F 271 -25.33 -7.87 -0.50
N SER F 272 -25.56 -7.17 0.61
CA SER F 272 -25.99 -7.83 1.85
C SER F 272 -27.10 -7.05 2.57
N ASN F 273 -28.22 -6.83 1.87
CA ASN F 273 -29.39 -6.17 2.45
C ASN F 273 -29.86 -6.73 3.80
N GLN F 274 -29.83 -8.05 3.92
CA GLN F 274 -30.30 -8.72 5.14
C GLN F 274 -29.52 -8.27 6.40
N LEU F 275 -28.19 -8.36 6.35
CA LEU F 275 -27.32 -7.85 7.40
C LEU F 275 -27.39 -6.33 7.54
N TRP F 276 -27.46 -5.63 6.40
CA TRP F 276 -27.63 -4.19 6.39
C TRP F 276 -28.75 -3.78 7.33
N ASN F 277 -29.92 -4.42 7.20
CA ASN F 277 -31.07 -4.05 8.03
C ASN F 277 -30.88 -4.40 9.51
N ILE F 278 -30.07 -5.43 9.77
CA ILE F 278 -29.81 -5.90 11.11
C ILE F 278 -28.91 -4.94 11.88
N SER F 279 -28.04 -4.24 11.16
CA SER F 279 -27.21 -3.20 11.79
C SER F 279 -28.05 -2.15 12.53
N ALA F 280 -29.21 -1.81 11.96
CA ALA F 280 -30.07 -0.77 12.54
C ALA F 280 -30.81 -1.23 13.81
N VAL F 281 -30.78 -2.52 14.11
CA VAL F 281 -31.42 -3.08 15.31
C VAL F 281 -30.80 -2.51 16.60
N PRO F 282 -31.64 -2.04 17.56
CA PRO F 282 -31.13 -1.39 18.79
C PRO F 282 -29.86 -2.02 19.40
N SER F 283 -29.87 -3.32 19.69
CA SER F 283 -28.73 -3.94 20.39
C SER F 283 -28.34 -5.32 19.89
N TRP F 284 -27.15 -5.73 20.31
CA TRP F 284 -26.55 -7.02 20.01
C TRP F 284 -27.37 -8.20 20.53
N SER F 285 -27.91 -8.02 21.73
CA SER F 285 -28.77 -8.99 22.37
C SER F 285 -30.02 -9.26 21.53
N LYS F 286 -30.51 -8.20 20.86
CA LYS F 286 -31.71 -8.27 20.03
C LYS F 286 -31.38 -8.92 18.68
N VAL F 287 -30.21 -8.58 18.15
CA VAL F 287 -29.69 -9.20 16.93
C VAL F 287 -29.68 -10.70 17.17
N ASN F 288 -28.98 -11.11 18.23
CA ASN F 288 -28.79 -12.51 18.54
C ASN F 288 -30.10 -13.28 18.64
N GLN F 289 -31.13 -12.63 19.19
CA GLN F 289 -32.45 -13.23 19.25
C GLN F 289 -33.11 -13.32 17.86
N GLY F 290 -32.96 -12.29 17.04
CA GLY F 290 -33.47 -12.31 15.67
C GLY F 290 -32.68 -13.25 14.77
N LEU F 291 -31.49 -13.65 15.21
CA LEU F 291 -30.68 -14.56 14.45
C LEU F 291 -30.93 -16.01 14.82
N ILE F 292 -31.06 -16.29 16.12
CA ILE F 292 -31.48 -17.61 16.57
C ILE F 292 -32.80 -17.97 15.86
N ARG F 293 -33.76 -17.03 15.94
CA ARG F 293 -35.07 -17.10 15.28
C ARG F 293 -35.00 -17.30 13.77
N MET F 294 -34.10 -16.56 13.13
CA MET F 294 -33.92 -16.65 11.69
C MET F 294 -33.31 -18.00 11.33
N TYR F 295 -32.32 -18.42 12.10
CA TYR F 295 -31.67 -19.71 11.88
C TYR F 295 -32.70 -20.84 11.89
N LYS F 296 -33.65 -20.79 12.81
CA LYS F 296 -34.78 -21.71 12.82
C LYS F 296 -35.53 -21.66 11.48
N ALA F 297 -36.09 -20.50 11.16
CA ALA F 297 -36.98 -20.31 10.01
C ALA F 297 -36.31 -20.52 8.65
N GLU F 298 -35.06 -20.06 8.51
CA GLU F 298 -34.42 -19.92 7.20
C GLU F 298 -33.54 -21.10 6.84
N CYS F 299 -33.10 -21.81 7.86
CA CYS F 299 -32.12 -22.81 7.67
C CYS F 299 -32.70 -24.18 8.01
N LEU F 300 -32.84 -24.42 9.31
CA LEU F 300 -33.25 -25.73 9.83
C LEU F 300 -34.68 -26.08 9.44
N GLU F 301 -35.52 -25.06 9.28
CA GLU F 301 -36.92 -25.25 8.90
C GLU F 301 -37.18 -25.10 7.40
N LYS F 302 -36.12 -24.84 6.64
CA LYS F 302 -36.24 -24.73 5.18
C LYS F 302 -35.80 -26.02 4.50
N PHE F 303 -36.74 -26.67 3.82
CA PHE F 303 -36.51 -27.97 3.21
C PHE F 303 -35.20 -28.11 2.39
N PRO F 304 -34.98 -27.22 1.41
CA PRO F 304 -33.84 -27.39 0.50
C PRO F 304 -32.47 -27.27 1.17
N VAL F 305 -32.38 -26.44 2.21
CA VAL F 305 -31.12 -26.25 2.93
C VAL F 305 -30.79 -27.47 3.79
N ILE F 306 -31.82 -28.14 4.30
CA ILE F 306 -31.67 -29.06 5.44
C ILE F 306 -31.97 -30.54 5.15
N GLN F 307 -32.49 -30.84 3.95
CA GLN F 307 -32.89 -32.21 3.62
C GLN F 307 -31.74 -33.22 3.64
N HIS F 308 -30.52 -32.71 3.50
CA HIS F 308 -29.35 -33.57 3.43
C HIS F 308 -28.74 -33.85 4.80
N PHE F 309 -29.41 -33.37 5.85
CA PHE F 309 -28.99 -33.66 7.22
C PHE F 309 -29.07 -35.18 7.45
N LYS F 310 -27.99 -35.74 7.97
CA LYS F 310 -27.88 -37.18 8.08
C LYS F 310 -28.18 -37.63 9.50
N PHE F 311 -28.91 -38.74 9.63
CA PHE F 311 -29.41 -39.22 10.90
C PHE F 311 -28.88 -40.58 11.27
N GLY F 312 -28.35 -40.70 12.48
CA GLY F 312 -27.79 -41.95 12.97
C GLY F 312 -28.21 -42.27 14.39
N SER F 313 -27.30 -42.88 15.14
CA SER F 313 -27.54 -43.28 16.51
C SER F 313 -27.25 -42.10 17.43
N LEU F 314 -26.18 -41.36 17.16
CA LEU F 314 -25.83 -40.22 17.99
C LEU F 314 -26.82 -39.08 17.85
N LEU F 315 -27.40 -38.97 16.66
CA LEU F 315 -28.43 -37.96 16.40
C LEU F 315 -29.57 -38.59 15.62
N PRO F 316 -30.45 -39.32 16.31
CA PRO F 316 -31.46 -40.13 15.65
C PRO F 316 -32.68 -39.36 15.15
N ILE F 317 -33.44 -39.99 14.26
CA ILE F 317 -34.64 -39.40 13.70
C ILE F 317 -35.87 -39.73 14.57
N HIS F 318 -35.80 -40.84 15.30
CA HIS F 318 -36.90 -41.27 16.18
C HIS F 318 -37.35 -40.15 17.13
N PRO F 319 -38.65 -40.09 17.46
CA PRO F 319 -39.25 -39.01 18.24
C PRO F 319 -38.58 -38.69 19.58
N VAL F 320 -38.79 -37.47 20.05
CA VAL F 320 -38.23 -36.99 21.31
C VAL F 320 -38.74 -37.78 22.54
N THR F 321 -37.78 -38.44 23.20
CA THR F 321 -38.02 -39.34 24.35
C THR F 321 -37.90 -38.60 25.69
N SER F 322 -39.04 -38.21 26.27
CA SER F 322 -39.06 -37.47 27.53
C SER F 322 -40.23 -37.86 28.41
N ASN G 22 -22.48 13.35 -43.18
CA ASN G 22 -23.32 13.84 -42.04
C ASN G 22 -23.35 12.86 -40.88
N PHE G 23 -22.34 12.00 -40.80
CA PHE G 23 -22.18 11.05 -39.71
C PHE G 23 -22.03 11.76 -38.35
N ILE G 24 -22.57 11.13 -37.31
CA ILE G 24 -22.49 11.61 -35.93
C ILE G 24 -22.32 10.44 -34.98
N ILE G 25 -21.47 10.61 -33.97
CA ILE G 25 -21.27 9.61 -32.93
C ILE G 25 -22.62 9.12 -32.37
N PRO G 26 -22.84 7.79 -32.36
CA PRO G 26 -24.08 7.21 -31.84
C PRO G 26 -24.25 7.38 -30.33
N LYS G 27 -25.38 7.93 -29.91
CA LYS G 27 -25.65 8.22 -28.48
C LYS G 27 -26.96 7.60 -27.93
N LYS G 28 -27.05 7.49 -26.60
CA LYS G 28 -28.20 6.90 -25.90
C LYS G 28 -29.44 7.74 -26.07
N GLU G 29 -30.61 7.09 -26.13
CA GLU G 29 -31.88 7.78 -26.35
C GLU G 29 -33.09 7.16 -25.63
N ILE G 30 -32.87 6.01 -24.97
CA ILE G 30 -33.92 5.29 -24.23
C ILE G 30 -33.83 5.55 -22.72
N HIS G 31 -34.76 6.36 -22.20
CA HIS G 31 -34.74 6.80 -20.80
C HIS G 31 -35.98 6.42 -20.01
N THR G 32 -37.15 6.54 -20.63
CA THR G 32 -38.41 6.09 -20.01
C THR G 32 -39.17 5.19 -20.98
N VAL G 33 -40.31 4.66 -20.53
CA VAL G 33 -41.19 3.87 -21.38
C VAL G 33 -41.47 4.43 -22.77
N PRO G 34 -41.91 5.71 -22.86
CA PRO G 34 -42.29 6.22 -24.18
C PRO G 34 -41.20 6.05 -25.21
N ASP G 35 -39.95 6.18 -24.75
CA ASP G 35 -38.79 5.99 -25.59
C ASP G 35 -38.70 4.58 -26.17
N MET G 36 -39.19 3.56 -25.42
CA MET G 36 -39.29 2.20 -25.95
C MET G 36 -40.15 2.20 -27.20
N GLY G 37 -41.26 2.92 -27.14
CA GLY G 37 -42.16 3.03 -28.27
C GLY G 37 -41.45 3.68 -29.44
N LYS G 38 -40.70 4.75 -29.14
CA LYS G 38 -39.90 5.46 -30.15
C LYS G 38 -38.96 4.48 -30.85
N TRP G 39 -38.21 3.73 -30.04
CA TRP G 39 -37.29 2.65 -30.50
C TRP G 39 -37.93 1.64 -31.46
N LYS G 40 -39.17 1.21 -31.17
CA LYS G 40 -39.88 0.32 -32.08
C LYS G 40 -40.19 0.93 -33.43
N ARG G 41 -40.45 2.23 -33.44
CA ARG G 41 -40.79 2.93 -34.68
C ARG G 41 -39.54 3.24 -35.51
N SER G 42 -38.43 3.42 -34.80
CA SER G 42 -37.18 3.90 -35.39
C SER G 42 -36.71 3.10 -36.59
N GLN G 43 -36.14 3.83 -37.56
CA GLN G 43 -35.42 3.22 -38.67
C GLN G 43 -34.47 2.15 -38.13
N ALA G 44 -33.67 2.51 -37.13
CA ALA G 44 -32.75 1.56 -36.45
C ALA G 44 -33.39 0.21 -36.14
N TYR G 45 -34.65 0.21 -35.68
CA TYR G 45 -35.30 -1.04 -35.34
C TYR G 45 -35.52 -1.87 -36.59
N ALA G 46 -36.26 -1.30 -37.54
CA ALA G 46 -36.54 -1.97 -38.80
C ALA G 46 -35.22 -2.47 -39.40
N ASP G 47 -34.22 -1.59 -39.46
CA ASP G 47 -32.93 -1.94 -40.05
C ASP G 47 -32.27 -3.12 -39.32
N TYR G 48 -32.22 -3.04 -37.99
CA TYR G 48 -31.64 -4.12 -37.17
C TYR G 48 -32.36 -5.44 -37.41
N ILE G 49 -33.67 -5.46 -37.20
CA ILE G 49 -34.46 -6.69 -37.34
C ILE G 49 -34.52 -7.22 -38.79
N GLY G 50 -34.26 -6.35 -39.76
CA GLY G 50 -34.19 -6.76 -41.16
C GLY G 50 -32.90 -7.51 -41.40
N PHE G 51 -31.82 -6.98 -40.85
CA PHE G 51 -30.49 -7.57 -40.91
C PHE G 51 -30.51 -8.94 -40.25
N ILE G 52 -31.09 -8.99 -39.05
CA ILE G 52 -31.26 -10.21 -38.25
C ILE G 52 -32.06 -11.30 -38.98
N LEU G 53 -33.23 -10.92 -39.53
CA LEU G 53 -34.14 -11.85 -40.21
C LEU G 53 -33.66 -12.34 -41.58
N THR G 54 -32.81 -11.54 -42.22
CA THR G 54 -32.32 -11.85 -43.56
C THR G 54 -31.10 -12.76 -43.49
N LEU G 55 -30.17 -12.45 -42.58
CA LEU G 55 -29.07 -13.37 -42.28
C LEU G 55 -29.63 -14.70 -41.82
N ASN G 56 -30.71 -14.64 -41.04
CA ASN G 56 -31.47 -15.82 -40.62
C ASN G 56 -31.97 -16.69 -41.78
N GLU G 57 -32.36 -16.03 -42.85
CA GLU G 57 -32.85 -16.72 -44.05
C GLU G 57 -31.69 -17.27 -44.90
N GLY G 58 -30.57 -16.54 -44.91
CA GLY G 58 -29.41 -16.87 -45.72
C GLY G 58 -28.48 -17.91 -45.12
N VAL G 59 -28.83 -18.43 -43.94
CA VAL G 59 -28.09 -19.54 -43.34
C VAL G 59 -28.97 -20.78 -43.24
N LYS G 60 -30.25 -20.59 -43.56
CA LYS G 60 -31.27 -21.62 -43.37
C LYS G 60 -30.94 -22.96 -44.04
N GLY G 61 -30.78 -24.01 -43.22
CA GLY G 61 -30.60 -25.36 -43.73
C GLY G 61 -29.19 -25.66 -44.21
N LYS G 62 -28.24 -24.80 -43.83
CA LYS G 62 -26.86 -24.98 -44.24
C LYS G 62 -25.91 -25.24 -43.07
N LYS G 63 -24.87 -26.02 -43.32
CA LYS G 63 -23.87 -26.31 -42.30
C LYS G 63 -22.76 -25.28 -42.33
N LEU G 64 -22.15 -25.00 -41.18
CA LEU G 64 -20.96 -24.15 -41.10
C LEU G 64 -19.89 -24.45 -42.15
N THR G 65 -19.92 -25.67 -42.71
CA THR G 65 -18.93 -26.09 -43.73
C THR G 65 -19.43 -26.00 -45.17
N PHE G 66 -20.40 -25.12 -45.37
CA PHE G 66 -20.87 -24.68 -46.67
C PHE G 66 -19.70 -24.01 -47.41
N GLU G 67 -19.70 -24.13 -48.74
CA GLU G 67 -18.68 -23.45 -49.54
C GLU G 67 -19.18 -22.06 -49.92
N TYR G 68 -18.95 -21.10 -49.02
CA TYR G 68 -19.46 -19.73 -49.20
C TYR G 68 -18.42 -18.72 -49.71
N ARG G 69 -18.92 -17.61 -50.25
CA ARG G 69 -18.11 -16.50 -50.75
C ARG G 69 -17.50 -15.74 -49.57
N VAL G 70 -16.18 -15.85 -49.43
CA VAL G 70 -15.46 -15.13 -48.39
C VAL G 70 -14.93 -13.81 -48.98
N SER G 71 -15.47 -12.71 -48.48
CA SER G 71 -15.13 -11.38 -48.99
C SER G 71 -13.78 -10.90 -48.47
N GLU G 72 -13.20 -9.90 -49.14
CA GLU G 72 -11.96 -9.25 -48.70
C GLU G 72 -12.22 -8.40 -47.44
N ALA G 73 -13.50 -8.06 -47.22
CA ALA G 73 -13.94 -7.35 -46.02
C ALA G 73 -14.25 -8.32 -44.87
N ILE G 74 -14.51 -9.58 -45.23
CA ILE G 74 -14.81 -10.61 -44.24
C ILE G 74 -13.54 -11.03 -43.50
N GLU G 75 -12.49 -11.38 -44.25
CA GLU G 75 -11.24 -11.85 -43.64
C GLU G 75 -10.58 -10.82 -42.73
N LYS G 76 -10.89 -9.53 -42.95
CA LYS G 76 -10.32 -8.45 -42.14
C LYS G 76 -11.05 -8.24 -40.81
N LEU G 77 -12.34 -8.54 -40.77
CA LEU G 77 -13.04 -8.57 -39.50
C LEU G 77 -12.53 -9.73 -38.66
N VAL G 78 -12.26 -10.87 -39.31
CA VAL G 78 -11.77 -12.08 -38.65
C VAL G 78 -10.37 -11.81 -38.08
N ALA G 79 -9.65 -10.89 -38.70
CA ALA G 79 -8.34 -10.49 -38.22
C ALA G 79 -8.52 -9.46 -37.11
N LEU G 80 -9.58 -8.67 -37.19
CA LEU G 80 -9.87 -7.68 -36.16
C LEU G 80 -10.11 -8.40 -34.83
N LEU G 81 -10.95 -9.42 -34.88
CA LEU G 81 -11.24 -10.22 -33.69
C LEU G 81 -10.04 -11.05 -33.28
N ASN G 82 -9.19 -11.37 -34.25
CA ASN G 82 -7.92 -12.02 -33.97
C ASN G 82 -7.04 -11.10 -33.15
N THR G 83 -7.11 -9.80 -33.42
CA THR G 83 -6.35 -8.81 -32.66
C THR G 83 -6.86 -8.69 -31.23
N LEU G 84 -8.19 -8.73 -31.05
CA LEU G 84 -8.80 -8.71 -29.72
C LEU G 84 -8.44 -9.96 -28.94
N ASP G 85 -8.60 -11.11 -29.60
CA ASP G 85 -8.14 -12.43 -29.13
C ASP G 85 -6.72 -12.33 -28.60
N ARG G 86 -5.80 -11.95 -29.50
CA ARG G 86 -4.37 -11.88 -29.19
C ARG G 86 -4.10 -10.98 -27.97
N TRP G 87 -4.91 -9.93 -27.81
CA TRP G 87 -4.82 -8.99 -26.69
C TRP G 87 -5.19 -9.59 -25.35
N ILE G 88 -6.01 -10.64 -25.37
CA ILE G 88 -6.32 -11.39 -24.16
C ILE G 88 -5.03 -12.04 -23.64
N ASP G 89 -4.40 -12.86 -24.49
CA ASP G 89 -3.14 -13.55 -24.19
C ASP G 89 -2.10 -12.59 -23.61
N GLU G 90 -2.23 -11.32 -23.98
CA GLU G 90 -1.30 -10.27 -23.58
C GLU G 90 -1.60 -9.73 -22.18
N THR G 91 -2.84 -9.93 -21.73
CA THR G 91 -3.30 -9.42 -20.44
C THR G 91 -3.76 -10.59 -19.58
N PRO G 92 -2.87 -11.12 -18.72
CA PRO G 92 -3.34 -12.22 -17.87
C PRO G 92 -4.26 -11.71 -16.74
N PRO G 93 -5.14 -12.59 -16.25
CA PRO G 93 -5.99 -12.28 -15.08
C PRO G 93 -5.12 -12.01 -13.85
N VAL G 94 -5.60 -11.13 -12.99
CA VAL G 94 -4.86 -10.75 -11.80
C VAL G 94 -5.26 -11.56 -10.58
N ASP G 95 -4.33 -11.69 -9.62
CA ASP G 95 -4.62 -12.31 -8.33
C ASP G 95 -5.66 -11.48 -7.59
N GLN G 96 -6.79 -12.11 -7.27
CA GLN G 96 -7.84 -11.48 -6.47
C GLN G 96 -8.65 -12.53 -5.72
N PRO G 97 -9.20 -12.17 -4.55
CA PRO G 97 -9.94 -13.16 -3.80
C PRO G 97 -11.36 -13.35 -4.30
N SER G 98 -11.86 -12.39 -5.06
CA SER G 98 -13.25 -12.37 -5.50
C SER G 98 -13.56 -13.46 -6.51
N ARG G 99 -14.75 -14.02 -6.42
CA ARG G 99 -15.20 -15.05 -7.33
C ARG G 99 -15.70 -14.41 -8.63
N PHE G 100 -15.92 -13.11 -8.59
CA PHE G 100 -16.60 -12.43 -9.71
C PHE G 100 -15.67 -12.05 -10.86
N GLY G 101 -16.08 -11.11 -11.70
CA GLY G 101 -15.24 -10.65 -12.81
C GLY G 101 -13.85 -10.19 -12.39
N ASN G 102 -12.83 -10.76 -13.02
CA ASN G 102 -11.44 -10.38 -12.78
C ASN G 102 -11.11 -8.98 -13.30
N LYS G 103 -10.48 -8.18 -12.44
CA LYS G 103 -10.22 -6.77 -12.73
C LYS G 103 -9.18 -6.52 -13.82
N ALA G 104 -8.62 -7.58 -14.40
CA ALA G 104 -7.73 -7.44 -15.55
C ALA G 104 -8.53 -7.16 -16.81
N TYR G 105 -9.85 -7.38 -16.74
CA TYR G 105 -10.73 -7.07 -17.87
C TYR G 105 -10.67 -5.61 -18.26
N ARG G 106 -10.91 -4.75 -17.27
CA ARG G 106 -10.81 -3.29 -17.46
C ARG G 106 -9.55 -2.88 -18.22
N THR G 107 -8.45 -3.56 -17.94
CA THR G 107 -7.19 -3.27 -18.60
C THR G 107 -7.21 -3.73 -20.07
N TRP G 108 -7.84 -4.87 -20.33
CA TRP G 108 -8.14 -5.27 -21.72
C TRP G 108 -9.06 -4.26 -22.42
N TYR G 109 -10.19 -3.94 -21.78
CA TYR G 109 -11.17 -3.01 -22.33
C TYR G 109 -10.55 -1.64 -22.69
N ALA G 110 -9.64 -1.14 -21.84
CA ALA G 110 -8.97 0.16 -22.05
C ALA G 110 -8.18 0.23 -23.34
N LYS G 111 -7.43 -0.84 -23.62
CA LYS G 111 -6.73 -1.01 -24.89
C LYS G 111 -7.72 -0.88 -26.06
N LEU G 112 -8.72 -1.75 -26.08
CA LEU G 112 -9.78 -1.68 -27.11
C LEU G 112 -10.57 -0.36 -27.12
N ASP G 113 -10.56 0.37 -26.01
CA ASP G 113 -11.15 1.70 -25.98
C ASP G 113 -10.37 2.61 -26.94
N GLU G 114 -9.06 2.64 -26.76
CA GLU G 114 -8.14 3.43 -27.56
C GLU G 114 -8.07 2.99 -29.03
N GLU G 115 -8.07 1.69 -29.24
CA GLU G 115 -7.73 1.12 -30.55
C GLU G 115 -8.94 0.88 -31.46
N ALA G 116 -10.12 1.27 -31.00
CA ALA G 116 -11.38 1.04 -31.74
C ALA G 116 -11.42 1.70 -33.12
N GLU G 117 -11.39 3.03 -33.16
CA GLU G 117 -11.48 3.77 -34.43
C GLU G 117 -10.55 3.17 -35.49
N ASN G 118 -9.37 2.74 -35.05
CA ASN G 118 -8.32 2.26 -35.93
C ASN G 118 -8.54 0.82 -36.41
N LEU G 119 -9.11 -0.02 -35.54
CA LEU G 119 -9.50 -1.38 -35.93
C LEU G 119 -10.55 -1.40 -37.04
N VAL G 120 -11.52 -0.49 -36.94
CA VAL G 120 -12.51 -0.28 -37.99
C VAL G 120 -11.81 0.20 -39.25
N ALA G 121 -10.90 1.14 -39.07
CA ALA G 121 -10.13 1.71 -40.18
C ALA G 121 -9.46 0.64 -41.05
N THR G 122 -9.02 -0.46 -40.44
CA THR G 122 -8.40 -1.55 -41.20
C THR G 122 -9.42 -2.25 -42.12
N VAL G 123 -10.71 -2.10 -41.81
CA VAL G 123 -11.77 -2.69 -42.60
C VAL G 123 -12.38 -1.64 -43.52
N VAL G 124 -12.64 -0.45 -42.99
CA VAL G 124 -13.27 0.61 -43.74
C VAL G 124 -12.24 1.36 -44.59
N PRO G 125 -12.53 1.54 -45.90
CA PRO G 125 -11.64 2.27 -46.79
C PRO G 125 -11.48 3.74 -46.37
N THR G 126 -10.38 4.36 -46.78
CA THR G 126 -10.09 5.75 -46.41
C THR G 126 -11.05 6.75 -47.06
N HIS G 127 -11.60 6.40 -48.22
CA HIS G 127 -12.56 7.27 -48.90
C HIS G 127 -13.90 7.36 -48.17
N LEU G 128 -14.15 6.41 -47.27
CA LEU G 128 -15.34 6.41 -46.43
C LEU G 128 -14.97 6.65 -44.95
N ALA G 129 -13.71 6.96 -44.68
CA ALA G 129 -13.15 7.04 -43.32
C ALA G 129 -13.84 8.04 -42.37
N ALA G 130 -14.77 8.83 -42.90
CA ALA G 130 -15.54 9.78 -42.11
C ALA G 130 -16.51 9.08 -41.13
N ALA G 131 -16.89 7.84 -41.47
CA ALA G 131 -17.82 7.04 -40.69
C ALA G 131 -17.14 6.18 -39.62
N VAL G 132 -15.83 6.04 -39.73
CA VAL G 132 -15.05 5.28 -38.77
C VAL G 132 -15.35 5.65 -37.30
N PRO G 133 -15.41 6.97 -36.97
CA PRO G 133 -15.86 7.37 -35.63
C PRO G 133 -17.23 6.80 -35.24
N GLU G 134 -18.29 7.13 -36.00
CA GLU G 134 -19.63 6.60 -35.72
C GLU G 134 -19.60 5.07 -35.62
N VAL G 135 -19.16 4.43 -36.69
CA VAL G 135 -19.08 2.98 -36.75
C VAL G 135 -18.31 2.35 -35.58
N ALA G 136 -17.15 2.93 -35.23
CA ALA G 136 -16.33 2.42 -34.11
C ALA G 136 -17.08 2.26 -32.77
N VAL G 137 -17.89 3.24 -32.41
CA VAL G 137 -18.67 3.22 -31.17
C VAL G 137 -19.34 1.86 -30.87
N TYR G 138 -19.92 1.24 -31.90
CA TYR G 138 -20.57 -0.07 -31.77
C TYR G 138 -19.59 -1.17 -31.33
N LEU G 139 -18.36 -1.15 -31.88
CA LEU G 139 -17.32 -2.06 -31.41
C LEU G 139 -17.01 -1.84 -29.93
N LYS G 140 -16.98 -0.59 -29.49
CA LYS G 140 -16.77 -0.27 -28.08
C LYS G 140 -17.86 -0.81 -27.15
N GLU G 141 -19.07 -1.02 -27.67
CA GLU G 141 -20.21 -1.40 -26.84
C GLU G 141 -20.56 -2.88 -26.96
N SER G 142 -19.71 -3.66 -27.62
CA SER G 142 -20.12 -5.02 -27.97
C SER G 142 -19.31 -6.10 -27.28
N VAL G 143 -18.58 -5.73 -26.25
CA VAL G 143 -17.59 -6.62 -25.64
C VAL G 143 -17.74 -6.73 -24.12
N GLY G 144 -18.77 -6.08 -23.58
CA GLY G 144 -19.04 -6.16 -22.16
C GLY G 144 -18.95 -4.83 -21.48
N ASN G 145 -19.24 -4.82 -20.18
CA ASN G 145 -19.14 -3.63 -19.38
C ASN G 145 -17.89 -3.60 -18.49
N SER G 146 -17.08 -2.56 -18.65
CA SER G 146 -15.86 -2.37 -17.86
C SER G 146 -16.03 -2.31 -16.33
N THR G 147 -17.10 -1.65 -15.87
CA THR G 147 -17.32 -1.41 -14.43
C THR G 147 -17.95 -2.58 -13.63
N ARG G 148 -19.08 -3.15 -14.06
CA ARG G 148 -19.63 -4.33 -13.35
C ARG G 148 -18.99 -5.65 -13.80
N ILE G 149 -18.04 -5.56 -14.73
CA ILE G 149 -17.38 -6.73 -15.33
C ILE G 149 -18.39 -7.82 -15.66
N ASP G 150 -19.35 -7.46 -16.52
CA ASP G 150 -20.35 -8.38 -17.04
C ASP G 150 -20.50 -8.24 -18.56
N TYR G 151 -21.34 -9.08 -19.17
CA TYR G 151 -21.64 -9.04 -20.60
C TYR G 151 -23.01 -9.66 -20.79
N GLY G 152 -23.78 -9.11 -21.73
CA GLY G 152 -25.13 -9.59 -22.00
C GLY G 152 -25.50 -9.64 -23.47
N THR G 153 -26.78 -9.83 -23.73
CA THR G 153 -27.31 -9.84 -25.08
C THR G 153 -27.34 -8.42 -25.67
N GLY G 154 -27.45 -7.43 -24.78
CA GLY G 154 -27.28 -6.02 -25.17
C GLY G 154 -25.94 -5.75 -25.85
N HIS G 155 -24.86 -6.19 -25.22
CA HIS G 155 -23.54 -6.06 -25.82
C HIS G 155 -23.46 -6.87 -27.13
N GLU G 156 -24.07 -8.05 -27.13
CA GLU G 156 -24.17 -8.89 -28.33
C GLU G 156 -24.91 -8.19 -29.46
N ALA G 157 -26.03 -7.53 -29.13
CA ALA G 157 -26.80 -6.79 -30.12
C ALA G 157 -25.99 -5.63 -30.76
N ALA G 158 -25.13 -5.00 -29.96
CA ALA G 158 -24.30 -3.90 -30.43
C ALA G 158 -23.30 -4.37 -31.47
N PHE G 159 -22.87 -5.63 -31.36
CA PHE G 159 -22.00 -6.21 -32.38
C PHE G 159 -22.76 -6.46 -33.67
N ALA G 160 -23.97 -7.01 -33.58
CA ALA G 160 -24.83 -7.13 -34.76
C ALA G 160 -25.02 -5.74 -35.39
N ALA G 161 -25.22 -4.75 -34.54
CA ALA G 161 -25.34 -3.36 -34.95
C ALA G 161 -24.10 -2.91 -35.73
N PHE G 162 -22.93 -3.01 -35.08
CA PHE G 162 -21.63 -2.75 -35.71
C PHE G 162 -21.51 -3.45 -37.06
N LEU G 163 -21.87 -4.72 -37.15
CA LEU G 163 -21.93 -5.46 -38.41
C LEU G 163 -22.99 -4.95 -39.39
N CYS G 164 -24.11 -4.45 -38.86
CA CYS G 164 -25.18 -3.93 -39.72
C CYS G 164 -24.83 -2.55 -40.31
N CYS G 165 -24.06 -1.77 -39.55
CA CYS G 165 -23.50 -0.52 -40.06
C CYS G 165 -22.55 -0.73 -41.25
N LEU G 166 -22.05 -1.96 -41.43
CA LEU G 166 -21.20 -2.32 -42.56
C LEU G 166 -22.01 -2.78 -43.78
N CYS G 167 -23.32 -2.95 -43.57
CA CYS G 167 -24.24 -3.20 -44.66
C CYS G 167 -24.75 -1.91 -45.23
N LYS G 168 -24.79 -0.88 -44.39
CA LYS G 168 -25.30 0.41 -44.80
C LYS G 168 -24.29 1.27 -45.59
N ILE G 169 -23.02 1.26 -45.17
CA ILE G 169 -21.97 1.95 -45.91
C ILE G 169 -21.46 1.13 -47.09
N GLY G 170 -21.79 -0.16 -47.09
CA GLY G 170 -21.55 -1.03 -48.25
C GLY G 170 -20.21 -1.74 -48.32
N VAL G 171 -19.55 -1.90 -47.18
CA VAL G 171 -18.29 -2.63 -47.13
C VAL G 171 -18.60 -4.13 -47.25
N LEU G 172 -19.73 -4.55 -46.70
CA LEU G 172 -20.18 -5.94 -46.78
C LEU G 172 -21.34 -6.12 -47.75
N ARG G 173 -21.19 -7.10 -48.62
CA ARG G 173 -22.09 -7.29 -49.76
C ARG G 173 -23.25 -8.22 -49.43
N VAL G 174 -24.28 -8.18 -50.26
CA VAL G 174 -25.38 -9.15 -50.20
C VAL G 174 -24.85 -10.61 -50.30
N ASP G 175 -23.91 -10.83 -51.23
CA ASP G 175 -23.29 -12.14 -51.46
C ASP G 175 -22.63 -12.80 -50.24
N ASP G 176 -22.34 -12.01 -49.21
CA ASP G 176 -21.60 -12.52 -48.04
C ASP G 176 -22.38 -12.55 -46.72
N GLN G 177 -23.70 -12.44 -46.80
CA GLN G 177 -24.53 -12.54 -45.60
C GLN G 177 -24.35 -13.90 -44.91
N ILE G 178 -24.03 -14.91 -45.70
CA ILE G 178 -23.79 -16.25 -45.23
C ILE G 178 -22.46 -16.30 -44.48
N ALA G 179 -21.50 -15.50 -44.92
CA ALA G 179 -20.17 -15.47 -44.32
C ALA G 179 -20.13 -14.65 -43.04
N ILE G 180 -21.03 -13.68 -42.95
CA ILE G 180 -21.14 -12.75 -41.82
C ILE G 180 -21.46 -13.51 -40.52
N VAL G 181 -22.29 -14.54 -40.66
CA VAL G 181 -22.70 -15.37 -39.54
C VAL G 181 -21.73 -16.54 -39.37
N PHE G 182 -21.51 -17.27 -40.46
CA PHE G 182 -20.83 -18.54 -40.38
C PHE G 182 -19.36 -18.37 -40.05
N LYS G 183 -18.80 -17.24 -40.47
CA LYS G 183 -17.38 -16.99 -40.24
C LYS G 183 -17.12 -15.86 -39.26
N VAL G 184 -17.75 -14.70 -39.45
CA VAL G 184 -17.45 -13.55 -38.60
C VAL G 184 -18.15 -13.70 -37.24
N PHE G 185 -19.47 -13.89 -37.26
CA PHE G 185 -20.15 -14.10 -35.99
C PHE G 185 -19.59 -15.31 -35.26
N ASN G 186 -19.53 -16.45 -35.94
CA ASN G 186 -18.98 -17.67 -35.35
C ASN G 186 -17.50 -17.53 -34.97
N ARG G 187 -16.91 -16.39 -35.24
CA ARG G 187 -15.57 -16.10 -34.73
C ARG G 187 -15.64 -15.18 -33.52
N TYR G 188 -16.66 -14.31 -33.51
CA TYR G 188 -16.90 -13.35 -32.42
C TYR G 188 -17.22 -14.05 -31.13
N LEU G 189 -18.09 -15.05 -31.23
CA LEU G 189 -18.49 -15.85 -30.09
C LEU G 189 -17.24 -16.46 -29.48
N GLU G 190 -16.51 -17.24 -30.30
CA GLU G 190 -15.23 -17.82 -29.92
C GLU G 190 -14.43 -16.89 -29.00
N VAL G 191 -14.22 -15.66 -29.44
CA VAL G 191 -13.50 -14.67 -28.64
C VAL G 191 -14.25 -14.38 -27.33
N MET G 192 -15.52 -13.97 -27.41
CA MET G 192 -16.37 -13.71 -26.21
C MET G 192 -16.34 -14.80 -25.15
N ARG G 193 -16.52 -16.04 -25.58
CA ARG G 193 -16.39 -17.18 -24.69
C ARG G 193 -15.03 -17.07 -24.01
N LYS G 194 -13.95 -17.09 -24.80
CA LYS G 194 -12.60 -16.99 -24.27
C LYS G 194 -12.46 -15.83 -23.28
N LEU G 195 -13.22 -14.77 -23.55
CA LEU G 195 -13.25 -13.56 -22.73
C LEU G 195 -13.97 -13.82 -21.41
N GLN G 196 -15.09 -14.54 -21.50
CA GLN G 196 -15.95 -14.83 -20.34
C GLN G 196 -15.29 -15.87 -19.43
N LYS G 197 -14.63 -16.84 -20.06
CA LYS G 197 -13.86 -17.82 -19.34
C LYS G 197 -12.70 -17.14 -18.66
N THR G 198 -11.88 -16.44 -19.43
CA THR G 198 -10.62 -15.94 -18.90
C THR G 198 -10.85 -14.88 -17.81
N TYR G 199 -11.95 -14.14 -17.91
CA TYR G 199 -12.14 -13.01 -17.00
C TYR G 199 -13.26 -13.21 -15.96
N ARG G 200 -13.89 -14.39 -16.02
CA ARG G 200 -14.92 -14.79 -15.06
C ARG G 200 -16.07 -13.81 -15.00
N MET G 201 -16.45 -13.33 -16.18
CA MET G 201 -17.40 -12.24 -16.29
C MET G 201 -18.79 -12.67 -15.85
N GLU G 202 -19.42 -11.83 -15.03
CA GLU G 202 -20.77 -12.08 -14.58
C GLU G 202 -21.74 -11.99 -15.76
N PRO G 203 -22.80 -12.79 -15.77
CA PRO G 203 -23.85 -12.41 -16.73
C PRO G 203 -24.45 -11.08 -16.33
N ALA G 204 -24.57 -10.17 -17.30
CA ALA G 204 -25.24 -8.88 -17.08
C ALA G 204 -26.72 -9.09 -16.78
N GLY G 205 -27.15 -8.57 -15.64
CA GLY G 205 -28.55 -8.65 -15.22
C GLY G 205 -28.93 -9.87 -14.39
N SER G 206 -30.09 -9.78 -13.75
CA SER G 206 -30.61 -10.85 -12.89
C SER G 206 -31.45 -11.82 -13.72
N GLN G 207 -30.76 -12.63 -14.52
CA GLN G 207 -31.39 -13.49 -15.52
C GLN G 207 -30.61 -14.84 -15.67
N GLY G 208 -29.36 -14.86 -15.17
CA GLY G 208 -28.50 -16.07 -15.10
C GLY G 208 -29.17 -17.37 -14.66
N VAL G 209 -30.44 -17.28 -14.24
CA VAL G 209 -31.32 -18.45 -14.08
C VAL G 209 -32.63 -18.36 -14.92
N TRP G 210 -33.25 -17.18 -14.99
CA TRP G 210 -34.51 -16.99 -15.74
C TRP G 210 -34.27 -16.62 -17.22
N GLY G 211 -33.08 -16.91 -17.72
CA GLY G 211 -32.72 -16.59 -19.11
C GLY G 211 -32.51 -17.81 -19.98
N LEU G 212 -32.46 -17.60 -21.28
CA LEU G 212 -32.13 -18.63 -22.23
C LEU G 212 -30.66 -19.04 -22.04
N ASP G 213 -29.80 -18.03 -22.06
CA ASP G 213 -28.40 -18.20 -21.90
C ASP G 213 -27.86 -17.10 -21.04
N ASP G 214 -26.67 -17.36 -20.50
CA ASP G 214 -26.03 -16.42 -19.59
C ASP G 214 -25.71 -15.12 -20.30
N PHE G 215 -25.33 -15.20 -21.58
CA PHE G 215 -24.67 -14.11 -22.28
C PHE G 215 -25.23 -13.79 -23.68
N GLN G 216 -25.39 -14.80 -24.54
CA GLN G 216 -25.86 -14.56 -25.93
C GLN G 216 -27.28 -15.00 -26.21
N PHE G 217 -27.81 -14.52 -27.33
CA PHE G 217 -29.14 -14.91 -27.83
C PHE G 217 -29.08 -15.22 -29.34
N LEU G 218 -28.51 -14.28 -30.09
CA LEU G 218 -28.50 -14.36 -31.55
C LEU G 218 -28.13 -15.71 -32.18
N PRO G 219 -27.00 -16.33 -31.75
CA PRO G 219 -26.54 -17.58 -32.38
C PRO G 219 -27.49 -18.74 -32.14
N PHE G 220 -28.42 -18.60 -31.21
CA PHE G 220 -29.42 -19.64 -31.00
C PHE G 220 -30.49 -19.48 -32.05
N ILE G 221 -30.63 -18.27 -32.59
CA ILE G 221 -31.57 -18.02 -33.67
C ILE G 221 -30.94 -18.48 -34.99
N TRP G 222 -29.75 -17.96 -35.27
CA TRP G 222 -29.02 -18.34 -36.46
C TRP G 222 -28.50 -19.78 -36.45
N GLY G 223 -28.52 -20.41 -35.26
CA GLY G 223 -28.14 -21.82 -35.15
C GLY G 223 -29.32 -22.72 -35.46
N SER G 224 -30.46 -22.44 -34.81
CA SER G 224 -31.73 -23.13 -35.08
C SER G 224 -32.07 -23.15 -36.57
N SER G 225 -31.75 -22.05 -37.27
CA SER G 225 -32.00 -21.96 -38.70
C SER G 225 -31.23 -23.02 -39.45
N GLN G 226 -29.95 -23.15 -39.11
CA GLN G 226 -29.06 -24.11 -39.72
C GLN G 226 -29.73 -25.47 -39.88
N LEU G 227 -30.57 -25.82 -38.92
CA LEU G 227 -30.98 -27.21 -38.72
C LEU G 227 -32.36 -27.56 -39.25
N ILE G 228 -33.07 -26.57 -39.80
CA ILE G 228 -34.44 -26.81 -40.29
C ILE G 228 -34.43 -27.84 -41.43
N ASP G 229 -35.32 -28.84 -41.32
CA ASP G 229 -35.50 -29.94 -42.28
C ASP G 229 -34.38 -30.97 -42.28
N HIS G 230 -33.49 -30.87 -41.30
CA HIS G 230 -32.36 -31.80 -41.13
C HIS G 230 -32.88 -33.24 -41.00
N PRO G 231 -32.32 -34.15 -41.83
CA PRO G 231 -32.91 -35.49 -41.99
C PRO G 231 -32.88 -36.39 -40.73
N TYR G 232 -32.19 -35.95 -39.67
CA TYR G 232 -32.11 -36.75 -38.44
C TYR G 232 -32.14 -35.90 -37.16
N LEU G 233 -31.26 -34.90 -37.07
CA LEU G 233 -31.10 -34.14 -35.82
C LEU G 233 -32.30 -33.28 -35.46
N GLU G 234 -32.96 -33.66 -34.36
CA GLU G 234 -34.13 -32.93 -33.86
C GLU G 234 -33.80 -32.19 -32.56
N PRO G 235 -34.71 -31.31 -32.09
CA PRO G 235 -34.33 -30.53 -30.92
C PRO G 235 -33.97 -31.44 -29.77
N ARG G 236 -34.71 -32.55 -29.63
CA ARG G 236 -34.48 -33.54 -28.59
C ARG G 236 -33.04 -34.12 -28.58
N HIS G 237 -32.27 -33.85 -29.64
CA HIS G 237 -30.89 -34.35 -29.71
C HIS G 237 -29.86 -33.40 -29.10
N PHE G 238 -30.20 -32.12 -28.95
CA PHE G 238 -29.16 -31.20 -28.43
C PHE G 238 -28.86 -31.35 -26.97
N VAL G 239 -29.64 -32.15 -26.26
CA VAL G 239 -29.35 -32.52 -24.87
C VAL G 239 -28.66 -33.88 -24.77
N ASP G 240 -28.47 -34.54 -25.91
CA ASP G 240 -27.70 -35.77 -25.95
C ASP G 240 -26.23 -35.39 -26.06
N GLU G 241 -25.45 -35.76 -25.06
CA GLU G 241 -24.02 -35.46 -25.07
C GLU G 241 -23.36 -35.79 -26.44
N LYS G 242 -23.48 -37.06 -26.86
CA LYS G 242 -22.89 -37.56 -28.13
C LYS G 242 -23.24 -36.74 -29.38
N ALA G 243 -24.53 -36.49 -29.58
CA ALA G 243 -25.00 -35.66 -30.69
C ALA G 243 -24.31 -34.29 -30.76
N VAL G 244 -24.25 -33.58 -29.63
CA VAL G 244 -23.48 -32.35 -29.54
C VAL G 244 -22.01 -32.54 -29.91
N ASN G 245 -21.34 -33.55 -29.32
CA ASN G 245 -19.93 -33.86 -29.57
C ASN G 245 -19.60 -34.14 -31.03
N GLU G 246 -20.42 -34.97 -31.67
CA GLU G 246 -20.19 -35.45 -33.03
C GLU G 246 -20.69 -34.47 -34.10
N ASN G 247 -21.20 -33.31 -33.71
CA ASN G 247 -21.79 -32.40 -34.69
C ASN G 247 -21.43 -30.92 -34.51
N HIS G 248 -20.89 -30.57 -33.34
CA HIS G 248 -20.79 -29.16 -32.92
C HIS G 248 -19.98 -28.26 -33.86
N LYS G 249 -19.16 -28.88 -34.70
CA LYS G 249 -18.37 -28.12 -35.65
C LYS G 249 -19.20 -27.72 -36.87
N ASP G 250 -20.32 -28.40 -37.06
CA ASP G 250 -21.22 -28.18 -38.19
C ASP G 250 -22.38 -27.23 -37.88
N TYR G 251 -22.69 -27.05 -36.59
CA TYR G 251 -23.88 -26.30 -36.17
C TYR G 251 -23.64 -25.38 -34.94
N MET G 252 -23.95 -24.09 -35.11
CA MET G 252 -23.67 -23.04 -34.12
C MET G 252 -24.49 -23.21 -32.84
N PHE G 253 -25.76 -23.53 -32.98
CA PHE G 253 -26.62 -23.84 -31.85
C PHE G 253 -25.94 -24.86 -30.94
N LEU G 254 -25.31 -25.87 -31.54
CA LEU G 254 -24.67 -26.94 -30.79
C LEU G 254 -23.36 -26.50 -30.13
N GLU G 255 -22.61 -25.64 -30.82
CA GLU G 255 -21.42 -25.05 -30.23
C GLU G 255 -21.76 -24.38 -28.89
N CYS G 256 -22.84 -23.60 -28.89
CA CYS G 256 -23.30 -22.92 -27.69
C CYS G 256 -23.70 -23.89 -26.57
N ILE G 257 -24.53 -24.88 -26.90
CA ILE G 257 -24.82 -25.95 -25.95
C ILE G 257 -23.52 -26.50 -25.35
N LEU G 258 -22.53 -26.75 -26.21
CA LEU G 258 -21.26 -27.34 -25.73
C LEU G 258 -20.61 -26.42 -24.75
N PHE G 259 -20.61 -25.12 -25.04
CA PHE G 259 -20.00 -24.16 -24.15
C PHE G 259 -20.73 -24.18 -22.80
N ILE G 260 -22.05 -24.20 -22.85
CA ILE G 260 -22.82 -24.40 -21.64
C ILE G 260 -22.38 -25.67 -20.88
N THR G 261 -22.52 -26.86 -21.49
CA THR G 261 -22.40 -28.15 -20.75
C THR G 261 -20.99 -28.39 -20.22
N GLU G 262 -20.05 -27.64 -20.76
CA GLU G 262 -18.68 -27.71 -20.33
C GLU G 262 -18.41 -26.84 -19.12
N MET G 263 -19.21 -25.81 -18.93
CA MET G 263 -18.96 -24.87 -17.85
C MET G 263 -19.92 -25.07 -16.69
N LYS G 264 -21.14 -25.51 -16.99
CA LYS G 264 -22.18 -25.74 -15.98
C LYS G 264 -22.21 -27.19 -15.53
N THR G 265 -22.54 -27.44 -14.28
CA THR G 265 -22.48 -28.78 -13.73
C THR G 265 -23.84 -29.16 -13.21
N GLY G 266 -24.09 -30.47 -13.10
CA GLY G 266 -25.39 -30.98 -12.67
C GLY G 266 -26.28 -31.24 -13.88
N PRO G 267 -27.47 -31.82 -13.65
CA PRO G 267 -28.40 -32.13 -14.75
C PRO G 267 -28.72 -30.89 -15.57
N PHE G 268 -28.81 -31.09 -16.88
CA PHE G 268 -29.14 -30.04 -17.82
C PHE G 268 -30.44 -29.30 -17.45
N ALA G 269 -31.52 -30.07 -17.28
CA ALA G 269 -32.79 -29.54 -16.79
C ALA G 269 -32.60 -28.59 -15.62
N GLU G 270 -31.58 -28.86 -14.80
CA GLU G 270 -31.32 -28.07 -13.60
C GLU G 270 -30.73 -26.72 -13.95
N HIS G 271 -29.69 -26.70 -14.78
CA HIS G 271 -28.90 -25.48 -14.96
C HIS G 271 -29.25 -24.70 -16.21
N SER G 272 -30.05 -25.34 -17.08
CA SER G 272 -30.51 -24.71 -18.30
C SER G 272 -31.95 -25.11 -18.58
N ASN G 273 -32.82 -24.90 -17.61
CA ASN G 273 -34.22 -25.29 -17.72
C ASN G 273 -34.95 -24.81 -18.98
N GLN G 274 -34.73 -23.58 -19.40
CA GLN G 274 -35.40 -23.06 -20.59
C GLN G 274 -35.01 -23.85 -21.83
N LEU G 275 -33.70 -24.05 -22.00
CA LEU G 275 -33.14 -24.81 -23.10
C LEU G 275 -33.54 -26.25 -22.98
N TRP G 276 -33.61 -26.76 -21.76
CA TRP G 276 -34.19 -28.07 -21.52
C TRP G 276 -35.62 -28.13 -22.14
N ASN G 277 -36.47 -27.15 -21.82
CA ASN G 277 -37.83 -27.13 -22.31
C ASN G 277 -37.94 -27.03 -23.82
N ILE G 278 -37.04 -26.26 -24.41
CA ILE G 278 -36.99 -26.05 -25.85
C ILE G 278 -36.56 -27.33 -26.57
N SER G 279 -35.79 -28.17 -25.90
CA SER G 279 -35.38 -29.42 -26.49
C SER G 279 -36.56 -30.35 -26.81
N ALA G 280 -37.68 -30.13 -26.14
CA ALA G 280 -38.86 -30.94 -26.32
C ALA G 280 -39.78 -30.41 -27.40
N VAL G 281 -39.34 -29.34 -28.07
CA VAL G 281 -40.09 -28.78 -29.19
C VAL G 281 -39.79 -29.66 -30.40
N PRO G 282 -40.82 -30.29 -31.01
CA PRO G 282 -40.57 -31.34 -31.99
C PRO G 282 -39.83 -30.91 -33.27
N SER G 283 -40.01 -29.67 -33.71
CA SER G 283 -39.34 -29.21 -34.94
C SER G 283 -38.39 -28.04 -34.68
N TRP G 284 -37.31 -27.98 -35.45
CA TRP G 284 -36.40 -26.82 -35.45
C TRP G 284 -37.08 -25.60 -36.05
N SER G 285 -37.98 -25.85 -37.01
CA SER G 285 -38.82 -24.83 -37.63
C SER G 285 -39.50 -23.91 -36.60
N LYS G 286 -40.06 -24.53 -35.56
CA LYS G 286 -40.75 -23.81 -34.50
C LYS G 286 -39.76 -23.14 -33.56
N VAL G 287 -38.76 -23.89 -33.11
CA VAL G 287 -37.66 -23.33 -32.33
C VAL G 287 -37.15 -22.03 -32.95
N ASN G 288 -36.79 -22.09 -34.23
CA ASN G 288 -36.34 -20.88 -34.89
C ASN G 288 -37.36 -19.73 -34.73
N GLN G 289 -38.60 -19.97 -35.16
CA GLN G 289 -39.67 -18.96 -35.09
C GLN G 289 -39.95 -18.44 -33.68
N GLY G 290 -39.95 -19.35 -32.72
CA GLY G 290 -40.20 -18.99 -31.34
C GLY G 290 -39.10 -18.12 -30.76
N LEU G 291 -37.86 -18.46 -31.06
CA LEU G 291 -36.71 -17.72 -30.54
C LEU G 291 -36.70 -16.30 -31.02
N ILE G 292 -37.28 -16.09 -32.21
CA ILE G 292 -37.38 -14.78 -32.81
C ILE G 292 -38.41 -13.95 -32.07
N ARG G 293 -39.51 -14.58 -31.66
CA ARG G 293 -40.48 -13.88 -30.84
C ARG G 293 -39.81 -13.59 -29.51
N MET G 294 -39.07 -14.58 -29.03
CA MET G 294 -38.43 -14.51 -27.74
C MET G 294 -37.40 -13.39 -27.70
N TYR G 295 -36.69 -13.22 -28.80
CA TYR G 295 -35.60 -12.25 -28.88
C TYR G 295 -36.08 -10.79 -28.81
N LYS G 296 -37.23 -10.51 -29.41
CA LYS G 296 -37.89 -9.22 -29.27
C LYS G 296 -38.36 -9.05 -27.81
N ALA G 297 -39.30 -9.92 -27.44
CA ALA G 297 -39.92 -9.96 -26.11
C ALA G 297 -38.90 -9.89 -24.96
N GLU G 298 -37.91 -10.79 -24.96
CA GLU G 298 -37.03 -11.04 -23.81
C GLU G 298 -35.75 -10.21 -23.92
N CYS G 299 -35.60 -9.46 -25.00
CA CYS G 299 -34.36 -8.70 -25.20
C CYS G 299 -34.55 -7.31 -25.81
N LEU G 300 -34.98 -7.25 -27.06
CA LEU G 300 -35.18 -5.95 -27.72
C LEU G 300 -36.30 -5.10 -27.12
N GLU G 301 -37.32 -5.74 -26.54
CA GLU G 301 -38.41 -5.00 -25.87
C GLU G 301 -38.15 -4.84 -24.36
N LYS G 302 -36.95 -5.19 -23.92
CA LYS G 302 -36.63 -5.22 -22.49
C LYS G 302 -35.75 -4.04 -22.11
N PHE G 303 -36.34 -3.09 -21.39
CA PHE G 303 -35.66 -1.84 -21.06
C PHE G 303 -34.26 -2.09 -20.49
N PRO G 304 -34.12 -2.91 -19.43
CA PRO G 304 -32.80 -3.11 -18.84
C PRO G 304 -31.81 -3.78 -19.79
N VAL G 305 -32.27 -4.28 -20.92
CA VAL G 305 -31.38 -5.03 -21.80
C VAL G 305 -30.90 -4.19 -22.96
N ILE G 306 -31.80 -3.40 -23.56
CA ILE G 306 -31.45 -2.61 -24.74
C ILE G 306 -31.32 -1.10 -24.53
N GLN G 307 -31.69 -0.59 -23.36
CA GLN G 307 -31.52 0.83 -23.06
C GLN G 307 -30.10 1.35 -23.36
N HIS G 308 -29.12 0.46 -23.49
CA HIS G 308 -27.78 0.87 -23.86
C HIS G 308 -27.49 0.65 -25.36
N PHE G 309 -28.47 1.03 -26.17
CA PHE G 309 -28.34 1.03 -27.63
C PHE G 309 -28.13 2.47 -28.08
N LYS G 310 -27.09 2.68 -28.86
CA LYS G 310 -26.69 4.02 -29.27
C LYS G 310 -27.23 4.33 -30.66
N PHE G 311 -27.73 5.54 -30.84
CA PHE G 311 -28.44 5.92 -32.07
C PHE G 311 -27.71 6.99 -32.86
N GLY G 312 -27.43 6.68 -34.13
CA GLY G 312 -26.67 7.56 -35.01
C GLY G 312 -27.34 7.83 -36.35
N SER G 313 -26.52 7.99 -37.40
CA SER G 313 -27.04 8.33 -38.72
C SER G 313 -27.41 7.06 -39.49
N LEU G 314 -26.59 6.03 -39.36
CA LEU G 314 -26.87 4.73 -39.98
C LEU G 314 -27.97 3.96 -39.24
N LEU G 315 -28.03 4.12 -37.92
CA LEU G 315 -29.10 3.49 -37.10
C LEU G 315 -29.86 4.57 -36.30
N PRO G 316 -30.73 5.31 -36.99
CA PRO G 316 -31.32 6.52 -36.38
C PRO G 316 -32.55 6.29 -35.50
N ILE G 317 -32.72 7.23 -34.57
CA ILE G 317 -33.82 7.24 -33.62
C ILE G 317 -35.13 7.78 -34.24
N HIS G 318 -35.01 8.50 -35.36
CA HIS G 318 -36.20 9.02 -36.02
C HIS G 318 -37.01 7.86 -36.60
N PRO G 319 -38.34 8.03 -36.72
CA PRO G 319 -39.22 6.97 -37.20
C PRO G 319 -38.86 6.41 -38.58
N VAL G 320 -39.24 5.16 -38.82
CA VAL G 320 -39.07 4.52 -40.12
C VAL G 320 -39.93 5.22 -41.16
N THR G 321 -39.33 6.22 -41.79
CA THR G 321 -39.98 6.98 -42.86
C THR G 321 -39.93 6.20 -44.17
N SER G 322 -40.98 6.32 -44.97
CA SER G 322 -41.04 5.67 -46.28
C SER G 322 -41.19 6.72 -47.39
N ASN H 22 7.00 -26.05 -70.25
CA ASN H 22 8.20 -26.85 -69.85
C ASN H 22 8.29 -27.25 -68.36
N PHE H 23 7.14 -27.52 -67.73
CA PHE H 23 7.10 -27.98 -66.35
C PHE H 23 7.12 -29.50 -66.28
N ILE H 24 7.67 -30.04 -65.19
CA ILE H 24 7.78 -31.48 -64.97
C ILE H 24 7.58 -31.83 -63.50
N ILE H 25 7.07 -33.03 -63.20
CA ILE H 25 6.93 -33.46 -61.80
C ILE H 25 8.32 -33.58 -61.15
N PRO H 26 8.58 -32.83 -60.08
CA PRO H 26 9.90 -32.92 -59.49
C PRO H 26 10.18 -34.35 -59.05
N LYS H 27 11.46 -34.72 -58.94
CA LYS H 27 11.89 -36.06 -58.53
C LYS H 27 13.25 -36.06 -57.82
N LYS H 28 13.48 -37.10 -57.02
CA LYS H 28 14.71 -37.29 -56.26
C LYS H 28 15.93 -37.49 -57.18
N GLU H 29 17.06 -36.87 -56.82
CA GLU H 29 18.27 -36.95 -57.63
C GLU H 29 19.51 -37.29 -56.82
N ILE H 30 19.37 -37.15 -55.50
CA ILE H 30 20.46 -37.47 -54.58
C ILE H 30 20.23 -38.89 -54.04
N HIS H 31 21.00 -39.85 -54.53
CA HIS H 31 20.79 -41.25 -54.16
C HIS H 31 21.91 -41.78 -53.29
N THR H 32 23.12 -41.33 -53.58
CA THR H 32 24.28 -41.69 -52.78
C THR H 32 25.02 -40.42 -52.39
N VAL H 33 25.92 -40.57 -51.42
CA VAL H 33 26.76 -39.48 -50.94
C VAL H 33 27.54 -38.72 -52.03
N PRO H 34 28.20 -39.43 -52.96
CA PRO H 34 28.80 -38.69 -54.08
C PRO H 34 27.86 -37.84 -54.95
N ASP H 35 26.53 -37.96 -54.75
CA ASP H 35 25.54 -37.17 -55.48
C ASP H 35 25.44 -35.75 -54.95
N MET H 36 25.74 -35.58 -53.66
CA MET H 36 25.76 -34.28 -52.99
C MET H 36 26.59 -33.23 -53.73
N GLY H 37 27.70 -33.70 -54.31
CA GLY H 37 28.53 -32.88 -55.19
C GLY H 37 27.71 -32.15 -56.25
N LYS H 38 26.91 -32.90 -57.01
CA LYS H 38 26.13 -32.32 -58.12
C LYS H 38 25.01 -31.40 -57.62
N TRP H 39 24.56 -31.66 -56.40
CA TRP H 39 23.58 -30.81 -55.74
C TRP H 39 24.21 -29.44 -55.48
N LYS H 40 25.41 -29.41 -54.89
CA LYS H 40 26.12 -28.14 -54.68
C LYS H 40 26.38 -27.35 -55.98
N ARG H 41 26.40 -28.06 -57.11
CA ARG H 41 26.70 -27.45 -58.40
C ARG H 41 25.41 -27.26 -59.20
N SER H 42 24.29 -27.59 -58.55
CA SER H 42 22.99 -27.53 -59.22
C SER H 42 22.47 -26.10 -59.33
N GLN H 43 21.74 -25.85 -60.41
CA GLN H 43 20.94 -24.64 -60.58
C GLN H 43 20.07 -24.39 -59.35
N ALA H 44 19.38 -25.45 -58.92
CA ALA H 44 18.52 -25.47 -57.74
C ALA H 44 19.20 -24.94 -56.47
N TYR H 45 20.42 -25.39 -56.20
CA TYR H 45 21.10 -25.09 -54.94
C TYR H 45 21.37 -23.61 -54.84
N ALA H 46 21.78 -23.01 -55.95
CA ALA H 46 22.09 -21.60 -55.98
C ALA H 46 20.81 -20.80 -55.89
N ASP H 47 19.82 -21.18 -56.70
CA ASP H 47 18.49 -20.59 -56.63
C ASP H 47 18.04 -20.61 -55.19
N TYR H 48 17.96 -21.80 -54.59
CA TYR H 48 17.58 -21.96 -53.18
C TYR H 48 18.44 -21.10 -52.24
N ILE H 49 19.73 -21.46 -52.09
CA ILE H 49 20.54 -20.80 -51.07
C ILE H 49 20.33 -19.30 -51.17
N GLY H 50 20.36 -18.79 -52.41
CA GLY H 50 20.21 -17.35 -52.69
C GLY H 50 18.84 -16.78 -52.39
N PHE H 51 17.80 -17.59 -52.60
CA PHE H 51 16.44 -17.21 -52.23
C PHE H 51 16.34 -16.97 -50.73
N ILE H 52 17.08 -17.76 -49.94
CA ILE H 52 17.09 -17.64 -48.48
C ILE H 52 17.72 -16.31 -48.08
N LEU H 53 18.98 -16.16 -48.46
CA LEU H 53 19.71 -14.90 -48.28
C LEU H 53 18.90 -13.67 -48.67
N THR H 54 18.11 -13.78 -49.73
CA THR H 54 17.31 -12.66 -50.24
C THR H 54 16.23 -12.22 -49.24
N LEU H 55 15.47 -13.19 -48.76
CA LEU H 55 14.46 -12.97 -47.74
C LEU H 55 15.11 -12.49 -46.45
N ASN H 56 16.21 -13.14 -46.08
CA ASN H 56 16.97 -12.80 -44.89
C ASN H 56 17.33 -11.33 -44.87
N GLU H 57 17.96 -10.86 -45.94
CA GLU H 57 18.33 -9.45 -46.11
C GLU H 57 17.14 -8.52 -45.86
N GLY H 58 16.00 -8.84 -46.48
CA GLY H 58 14.82 -7.98 -46.45
C GLY H 58 14.04 -7.96 -45.14
N VAL H 59 14.38 -8.83 -44.19
CA VAL H 59 13.75 -8.79 -42.84
C VAL H 59 14.57 -8.05 -41.74
N LYS H 60 15.80 -7.66 -42.07
CA LYS H 60 16.74 -7.03 -41.13
C LYS H 60 16.19 -5.89 -40.25
N GLY H 61 16.42 -6.00 -38.94
CA GLY H 61 16.06 -4.95 -37.96
C GLY H 61 14.58 -4.69 -37.71
N LYS H 62 13.69 -5.43 -38.38
CA LYS H 62 12.27 -5.11 -38.36
C LYS H 62 11.41 -6.09 -37.57
N LYS H 63 10.53 -5.55 -36.72
CA LYS H 63 9.60 -6.33 -35.92
C LYS H 63 8.54 -6.96 -36.81
N LEU H 64 7.94 -8.05 -36.33
CA LEU H 64 6.84 -8.69 -37.04
C LEU H 64 5.74 -7.67 -37.39
N THR H 65 5.49 -6.75 -36.47
CA THR H 65 4.48 -5.70 -36.65
C THR H 65 5.01 -4.51 -37.48
N PHE H 66 5.92 -4.81 -38.40
CA PHE H 66 6.37 -3.84 -39.38
C PHE H 66 5.28 -3.66 -40.43
N GLU H 67 5.24 -2.49 -41.07
CA GLU H 67 4.23 -2.23 -42.08
C GLU H 67 4.77 -2.55 -43.46
N TYR H 68 4.26 -3.63 -44.07
CA TYR H 68 4.78 -4.12 -45.35
C TYR H 68 3.71 -4.37 -46.40
N ARG H 69 4.17 -4.57 -47.63
CA ARG H 69 3.33 -4.94 -48.77
C ARG H 69 2.67 -6.30 -48.52
N VAL H 70 1.35 -6.29 -48.45
CA VAL H 70 0.58 -7.51 -48.45
C VAL H 70 -0.15 -7.61 -49.79
N SER H 71 0.20 -8.63 -50.56
CA SER H 71 -0.35 -8.86 -51.90
C SER H 71 -1.50 -9.87 -51.93
N GLU H 72 -2.38 -9.73 -52.93
CA GLU H 72 -3.45 -10.69 -53.27
C GLU H 72 -2.94 -12.11 -53.16
N ALA H 73 -1.70 -12.31 -53.60
CA ALA H 73 -1.03 -13.60 -53.54
C ALA H 73 -0.76 -14.06 -52.11
N ILE H 74 -0.42 -13.12 -51.23
CA ILE H 74 -0.15 -13.46 -49.83
C ILE H 74 -1.41 -13.96 -49.12
N GLU H 75 -2.49 -13.20 -49.22
CA GLU H 75 -3.75 -13.56 -48.58
C GLU H 75 -4.24 -14.90 -49.13
N LYS H 76 -4.01 -15.15 -50.42
CA LYS H 76 -4.39 -16.44 -50.99
C LYS H 76 -3.53 -17.63 -50.49
N LEU H 77 -2.28 -17.35 -50.08
CA LEU H 77 -1.43 -18.38 -49.45
C LEU H 77 -1.81 -18.58 -48.00
N VAL H 78 -2.15 -17.50 -47.32
CA VAL H 78 -2.65 -17.63 -45.97
C VAL H 78 -3.93 -18.45 -46.02
N ALA H 79 -4.85 -18.09 -46.91
CA ALA H 79 -6.10 -18.86 -47.07
C ALA H 79 -5.77 -20.33 -47.30
N LEU H 80 -4.76 -20.60 -48.11
CA LEU H 80 -4.30 -21.97 -48.32
C LEU H 80 -3.90 -22.61 -46.97
N LEU H 81 -3.00 -21.99 -46.22
CA LEU H 81 -2.56 -22.53 -44.94
C LEU H 81 -3.69 -22.66 -43.90
N ASN H 82 -4.65 -21.72 -43.90
CA ASN H 82 -5.84 -21.84 -43.04
C ASN H 82 -6.74 -23.05 -43.36
N THR H 83 -6.92 -23.35 -44.65
CA THR H 83 -7.56 -24.62 -45.06
C THR H 83 -6.89 -25.77 -44.32
N LEU H 84 -5.55 -25.80 -44.39
CA LEU H 84 -4.76 -26.87 -43.78
C LEU H 84 -4.98 -26.91 -42.27
N ASP H 85 -4.95 -25.75 -41.63
CA ASP H 85 -5.25 -25.64 -40.22
C ASP H 85 -6.62 -26.23 -39.92
N ARG H 86 -7.64 -25.72 -40.59
CA ARG H 86 -9.02 -26.20 -40.47
C ARG H 86 -9.15 -27.72 -40.57
N TRP H 87 -8.43 -28.33 -41.50
CA TRP H 87 -8.43 -29.79 -41.57
C TRP H 87 -7.94 -30.50 -40.29
N ILE H 88 -6.97 -29.93 -39.56
CA ILE H 88 -6.54 -30.52 -38.29
C ILE H 88 -7.74 -30.62 -37.33
N ASP H 89 -8.43 -29.50 -37.12
CA ASP H 89 -9.66 -29.50 -36.31
C ASP H 89 -10.64 -30.55 -36.83
N GLU H 90 -10.73 -30.67 -38.15
CA GLU H 90 -11.63 -31.64 -38.76
C GLU H 90 -11.15 -33.09 -38.63
N THR H 91 -9.85 -33.29 -38.41
CA THR H 91 -9.29 -34.62 -38.29
C THR H 91 -8.75 -34.85 -36.87
N PRO H 92 -9.64 -35.27 -35.95
CA PRO H 92 -9.28 -35.40 -34.54
C PRO H 92 -8.39 -36.60 -34.31
N PRO H 93 -7.44 -36.49 -33.36
CA PRO H 93 -6.53 -37.56 -32.95
C PRO H 93 -7.29 -38.76 -32.43
N VAL H 94 -6.96 -39.94 -32.94
CA VAL H 94 -7.67 -41.16 -32.55
C VAL H 94 -7.44 -41.47 -31.06
N ASP H 95 -8.40 -42.22 -30.50
CA ASP H 95 -8.48 -42.52 -29.06
C ASP H 95 -7.79 -43.82 -28.63
N GLN H 96 -7.17 -44.53 -29.57
CA GLN H 96 -6.24 -45.61 -29.25
C GLN H 96 -5.41 -45.20 -28.04
N PRO H 97 -5.08 -46.17 -27.18
CA PRO H 97 -4.01 -46.00 -26.23
C PRO H 97 -2.74 -45.39 -26.89
N SER H 98 -2.08 -46.13 -27.79
CA SER H 98 -0.86 -45.69 -28.58
C SER H 98 0.21 -44.65 -28.10
N ARG H 99 1.45 -44.82 -28.55
CA ARG H 99 2.57 -44.11 -27.93
C ARG H 99 3.57 -43.27 -28.73
N PHE H 100 3.45 -43.14 -30.04
CA PHE H 100 4.34 -42.18 -30.72
C PHE H 100 3.55 -41.11 -31.44
N GLY H 101 3.81 -40.94 -32.72
CA GLY H 101 3.01 -40.02 -33.49
C GLY H 101 1.64 -40.62 -33.67
N ASN H 102 0.62 -39.78 -33.62
CA ASN H 102 -0.76 -40.21 -33.69
C ASN H 102 -1.19 -40.55 -35.13
N LYS H 103 -1.73 -41.74 -35.35
CA LYS H 103 -2.07 -42.23 -36.72
C LYS H 103 -3.17 -41.41 -37.41
N ALA H 104 -3.70 -40.39 -36.72
CA ALA H 104 -4.64 -39.47 -37.35
C ALA H 104 -3.90 -38.45 -38.20
N TYR H 105 -2.59 -38.39 -38.03
CA TYR H 105 -1.77 -37.59 -38.93
C TYR H 105 -1.96 -38.11 -40.34
N ARG H 106 -1.95 -39.44 -40.49
CA ARG H 106 -2.08 -40.11 -41.79
C ARG H 106 -3.36 -39.71 -42.49
N THR H 107 -4.45 -39.57 -41.73
CA THR H 107 -5.72 -39.16 -42.27
C THR H 107 -5.60 -37.72 -42.77
N TRP H 108 -4.93 -36.87 -42.01
CA TRP H 108 -4.73 -35.48 -42.40
C TRP H 108 -3.83 -35.39 -43.61
N TYR H 109 -2.73 -36.13 -43.61
CA TYR H 109 -1.83 -36.12 -44.76
C TYR H 109 -2.52 -36.55 -46.07
N ALA H 110 -3.28 -37.63 -46.05
CA ALA H 110 -3.99 -38.09 -47.25
C ALA H 110 -4.87 -36.97 -47.85
N LYS H 111 -5.36 -36.07 -47.00
CA LYS H 111 -6.21 -35.01 -47.48
C LYS H 111 -5.37 -33.98 -48.27
N LEU H 112 -4.22 -33.61 -47.73
CA LEU H 112 -3.29 -32.79 -48.46
C LEU H 112 -2.90 -33.45 -49.79
N ASP H 113 -2.54 -34.73 -49.75
CA ASP H 113 -2.16 -35.45 -50.96
C ASP H 113 -3.26 -35.38 -52.02
N GLU H 114 -4.51 -35.57 -51.59
CA GLU H 114 -5.66 -35.43 -52.48
C GLU H 114 -5.68 -34.02 -53.09
N GLU H 115 -5.45 -33.03 -52.23
CA GLU H 115 -5.88 -31.66 -52.50
C GLU H 115 -4.84 -30.63 -52.95
N ALA H 116 -3.56 -30.89 -52.64
CA ALA H 116 -2.48 -29.92 -52.85
C ALA H 116 -2.67 -29.14 -54.14
N GLU H 117 -2.84 -29.88 -55.23
CA GLU H 117 -3.08 -29.27 -56.53
C GLU H 117 -4.28 -28.31 -56.51
N ASN H 118 -5.43 -28.77 -56.02
CA ASN H 118 -6.64 -27.92 -56.02
C ASN H 118 -6.44 -26.68 -55.20
N LEU H 119 -5.46 -26.73 -54.31
CA LEU H 119 -5.13 -25.59 -53.48
C LEU H 119 -4.17 -24.62 -54.19
N VAL H 120 -3.13 -25.17 -54.81
CA VAL H 120 -2.17 -24.37 -55.56
C VAL H 120 -2.90 -23.74 -56.74
N ALA H 121 -4.02 -24.35 -57.12
CA ALA H 121 -4.85 -23.84 -58.21
C ALA H 121 -5.53 -22.54 -57.85
N THR H 122 -5.81 -22.34 -56.56
CA THR H 122 -6.41 -21.07 -56.11
C THR H 122 -5.38 -19.95 -56.12
N VAL H 123 -4.12 -20.31 -56.32
CA VAL H 123 -2.99 -19.36 -56.28
C VAL H 123 -2.41 -19.01 -57.67
N VAL H 124 -2.33 -20.00 -58.55
CA VAL H 124 -1.71 -19.84 -59.87
C VAL H 124 -2.77 -19.45 -60.90
N PRO H 125 -2.48 -18.42 -61.72
CA PRO H 125 -3.38 -18.05 -62.78
C PRO H 125 -3.46 -19.14 -63.85
N THR H 126 -4.61 -19.19 -64.53
CA THR H 126 -4.88 -20.20 -65.53
C THR H 126 -3.79 -20.33 -66.60
N HIS H 127 -3.15 -19.22 -67.00
CA HIS H 127 -2.12 -19.28 -68.05
C HIS H 127 -0.86 -20.06 -67.63
N LEU H 128 -0.71 -20.23 -66.32
CA LEU H 128 0.32 -21.10 -65.78
C LEU H 128 -0.27 -22.37 -65.17
N ALA H 129 -1.42 -22.82 -65.69
CA ALA H 129 -2.11 -24.02 -65.15
C ALA H 129 -1.18 -25.22 -65.07
N ALA H 130 -0.50 -25.52 -66.18
CA ALA H 130 0.48 -26.59 -66.26
C ALA H 130 1.61 -26.55 -65.21
N ALA H 131 1.69 -25.49 -64.43
CA ALA H 131 2.73 -25.37 -63.40
C ALA H 131 2.28 -25.98 -62.07
N VAL H 132 0.96 -26.02 -61.88
CA VAL H 132 0.34 -26.54 -60.66
C VAL H 132 0.98 -27.87 -60.17
N PRO H 133 0.98 -28.92 -61.01
CA PRO H 133 1.51 -30.20 -60.56
C PRO H 133 2.97 -30.17 -60.11
N GLU H 134 3.80 -29.32 -60.71
CA GLU H 134 5.20 -29.20 -60.32
C GLU H 134 5.34 -28.46 -58.99
N VAL H 135 4.62 -27.34 -58.86
CA VAL H 135 4.68 -26.49 -57.67
C VAL H 135 4.12 -27.19 -56.43
N ALA H 136 3.06 -27.98 -56.63
CA ALA H 136 2.35 -28.63 -55.52
C ALA H 136 3.16 -29.75 -54.87
N VAL H 137 3.96 -30.44 -55.66
CA VAL H 137 4.86 -31.47 -55.14
C VAL H 137 5.65 -30.96 -53.91
N TYR H 138 6.02 -29.68 -53.92
CA TYR H 138 6.78 -29.09 -52.82
C TYR H 138 5.92 -28.86 -51.59
N LEU H 139 4.69 -28.42 -51.83
CA LEU H 139 3.71 -28.32 -50.76
C LEU H 139 3.55 -29.71 -50.13
N LYS H 140 3.47 -30.74 -50.95
CA LYS H 140 3.28 -32.09 -50.44
C LYS H 140 4.48 -32.60 -49.66
N GLU H 141 5.63 -31.97 -49.83
CA GLU H 141 6.82 -32.45 -49.17
C GLU H 141 7.14 -31.59 -47.96
N SER H 142 6.24 -30.71 -47.58
CA SER H 142 6.66 -29.69 -46.63
C SER H 142 6.03 -29.78 -45.23
N VAL H 143 5.22 -30.82 -45.04
CA VAL H 143 4.40 -30.92 -43.85
C VAL H 143 4.75 -32.16 -43.05
N GLY H 144 5.83 -32.84 -43.42
CA GLY H 144 6.26 -34.04 -42.69
C GLY H 144 6.03 -35.37 -43.40
N ASN H 145 6.42 -36.46 -42.74
CA ASN H 145 6.35 -37.81 -43.31
C ASN H 145 5.15 -38.54 -42.80
N SER H 146 4.44 -39.21 -43.69
CA SER H 146 3.15 -39.80 -43.33
C SER H 146 3.29 -41.15 -42.69
N THR H 147 4.31 -41.87 -43.10
CA THR H 147 4.50 -43.21 -42.59
C THR H 147 5.17 -43.19 -41.22
N ARG H 148 6.05 -42.22 -41.00
CA ARG H 148 6.81 -42.23 -39.76
C ARG H 148 6.21 -41.22 -38.75
N ILE H 149 5.22 -40.47 -39.18
CA ILE H 149 4.66 -39.35 -38.40
C ILE H 149 5.73 -38.43 -37.79
N ASP H 150 6.57 -37.87 -38.66
CA ASP H 150 7.66 -37.04 -38.24
C ASP H 150 7.88 -35.86 -39.15
N TYR H 151 8.81 -35.00 -38.77
CA TYR H 151 9.01 -33.71 -39.43
C TYR H 151 10.40 -33.19 -39.14
N GLY H 152 11.02 -32.56 -40.14
CA GLY H 152 12.36 -32.07 -39.99
C GLY H 152 12.67 -30.95 -40.96
N THR H 153 13.91 -30.50 -40.92
CA THR H 153 14.36 -29.35 -41.69
C THR H 153 14.21 -29.56 -43.19
N GLY H 154 14.29 -30.82 -43.62
CA GLY H 154 14.12 -31.17 -45.02
C GLY H 154 12.72 -30.82 -45.48
N HIS H 155 11.75 -30.94 -44.58
CA HIS H 155 10.37 -30.56 -44.90
C HIS H 155 10.16 -29.07 -44.92
N GLU H 156 10.89 -28.38 -44.04
CA GLU H 156 10.86 -26.94 -43.99
C GLU H 156 11.49 -26.39 -45.27
N ALA H 157 12.60 -27.02 -45.65
CA ALA H 157 13.33 -26.66 -46.84
C ALA H 157 12.40 -26.79 -48.04
N ALA H 158 11.60 -27.85 -48.09
CA ALA H 158 10.55 -27.97 -49.13
C ALA H 158 9.61 -26.79 -49.17
N PHE H 159 9.23 -26.24 -48.01
CA PHE H 159 8.26 -25.16 -48.04
C PHE H 159 8.88 -23.86 -48.56
N ALA H 160 10.16 -23.70 -48.24
CA ALA H 160 10.94 -22.59 -48.74
C ALA H 160 10.99 -22.73 -50.26
N ALA H 161 11.18 -23.98 -50.70
CA ALA H 161 11.33 -24.30 -52.11
C ALA H 161 10.00 -24.12 -52.79
N PHE H 162 8.93 -24.50 -52.09
CA PHE H 162 7.57 -24.25 -52.56
C PHE H 162 7.44 -22.79 -53.00
N LEU H 163 7.80 -21.87 -52.10
CA LEU H 163 7.62 -20.44 -52.34
C LEU H 163 8.55 -19.93 -53.46
N CYS H 164 9.78 -20.42 -53.47
CA CYS H 164 10.78 -20.11 -54.49
C CYS H 164 10.20 -20.24 -55.89
N CYS H 165 9.51 -21.34 -56.12
CA CYS H 165 8.81 -21.59 -57.38
C CYS H 165 7.75 -20.55 -57.69
N LEU H 166 7.00 -20.16 -56.66
CA LEU H 166 5.98 -19.15 -56.81
C LEU H 166 6.60 -17.80 -57.23
N CYS H 167 7.84 -17.58 -56.80
CA CYS H 167 8.63 -16.45 -57.27
C CYS H 167 9.11 -16.66 -58.70
N LYS H 168 9.69 -17.85 -58.96
CA LYS H 168 10.21 -18.18 -60.30
C LYS H 168 9.19 -17.99 -61.44
N ILE H 169 7.96 -18.43 -61.23
CA ILE H 169 6.89 -18.27 -62.23
C ILE H 169 6.17 -16.94 -62.11
N GLY H 170 6.58 -16.12 -61.15
CA GLY H 170 6.09 -14.75 -61.04
C GLY H 170 4.70 -14.60 -60.45
N VAL H 171 4.36 -15.49 -59.52
CA VAL H 171 3.13 -15.38 -58.75
C VAL H 171 3.44 -14.59 -57.47
N LEU H 172 4.57 -14.90 -56.85
CA LEU H 172 5.12 -14.07 -55.78
C LEU H 172 6.13 -13.14 -56.40
N ARG H 173 6.01 -11.84 -56.14
CA ARG H 173 6.91 -10.84 -56.73
C ARG H 173 7.88 -10.26 -55.70
N VAL H 174 8.93 -9.58 -56.18
CA VAL H 174 9.93 -8.95 -55.31
C VAL H 174 9.33 -8.23 -54.09
N ASP H 175 8.30 -7.43 -54.33
CA ASP H 175 7.63 -6.60 -53.32
C ASP H 175 7.22 -7.36 -52.05
N ASP H 176 7.03 -8.67 -52.21
CA ASP H 176 6.45 -9.56 -51.19
C ASP H 176 7.44 -10.26 -50.30
N GLN H 177 8.73 -10.08 -50.54
CA GLN H 177 9.71 -10.91 -49.83
C GLN H 177 9.80 -10.59 -48.33
N ILE H 178 9.12 -9.53 -47.93
CA ILE H 178 8.99 -9.23 -46.53
C ILE H 178 7.81 -10.02 -46.00
N ALA H 179 6.75 -10.12 -46.79
CA ALA H 179 5.50 -10.77 -46.37
C ALA H 179 5.57 -12.30 -46.52
N ILE H 180 6.48 -12.77 -47.37
CA ILE H 180 6.75 -14.18 -47.54
C ILE H 180 7.27 -14.76 -46.21
N VAL H 181 7.98 -13.93 -45.46
CA VAL H 181 8.54 -14.40 -44.21
C VAL H 181 7.62 -14.06 -43.03
N PHE H 182 7.11 -12.83 -43.01
CA PHE H 182 6.43 -12.29 -41.82
C PHE H 182 4.97 -12.74 -41.71
N LYS H 183 4.37 -13.06 -42.85
CA LYS H 183 2.97 -13.47 -42.88
C LYS H 183 2.77 -14.93 -43.31
N VAL H 184 3.43 -15.36 -44.38
CA VAL H 184 3.19 -16.69 -44.94
C VAL H 184 3.96 -17.77 -44.18
N PHE H 185 5.27 -17.58 -44.10
CA PHE H 185 6.13 -18.53 -43.46
C PHE H 185 5.88 -18.45 -41.98
N ASN H 186 5.48 -17.30 -41.49
CA ASN H 186 5.10 -17.25 -40.08
C ASN H 186 3.85 -18.09 -39.79
N ARG H 187 2.87 -18.04 -40.69
CA ARG H 187 1.63 -18.79 -40.54
C ARG H 187 1.87 -20.29 -40.66
N TYR H 188 2.79 -20.65 -41.54
CA TYR H 188 3.15 -22.03 -41.78
C TYR H 188 3.70 -22.62 -40.48
N LEU H 189 4.56 -21.85 -39.80
CA LEU H 189 5.09 -22.28 -38.51
C LEU H 189 4.01 -22.37 -37.45
N GLU H 190 2.96 -21.58 -37.58
CA GLU H 190 1.83 -21.75 -36.67
C GLU H 190 1.07 -23.03 -36.94
N VAL H 191 0.97 -23.43 -38.20
CA VAL H 191 0.34 -24.72 -38.53
C VAL H 191 1.26 -25.92 -38.20
N MET H 192 2.56 -25.77 -38.42
CA MET H 192 3.47 -26.87 -38.13
C MET H 192 3.47 -27.23 -36.65
N ARG H 193 3.54 -26.19 -35.79
CA ARG H 193 3.52 -26.34 -34.33
C ARG H 193 2.23 -27.04 -33.95
N LYS H 194 1.14 -26.61 -34.58
CA LYS H 194 -0.14 -27.21 -34.36
C LYS H 194 -0.13 -28.69 -34.73
N LEU H 195 0.44 -29.04 -35.88
CA LEU H 195 0.56 -30.47 -36.22
C LEU H 195 1.38 -31.19 -35.18
N GLN H 196 2.52 -30.60 -34.83
CA GLN H 196 3.48 -31.20 -33.89
C GLN H 196 2.87 -31.45 -32.51
N LYS H 197 1.98 -30.56 -32.07
CA LYS H 197 1.20 -30.76 -30.83
C LYS H 197 0.12 -31.82 -31.00
N THR H 198 -0.82 -31.53 -31.91
CA THR H 198 -2.06 -32.30 -32.00
C THR H 198 -1.82 -33.78 -32.25
N TYR H 199 -0.89 -34.08 -33.16
CA TYR H 199 -0.57 -35.46 -33.52
C TYR H 199 0.70 -35.97 -32.89
N ARG H 200 1.29 -35.18 -31.97
CA ARG H 200 2.48 -35.61 -31.22
C ARG H 200 3.56 -36.11 -32.15
N MET H 201 3.87 -35.33 -33.16
CA MET H 201 4.84 -35.71 -34.17
C MET H 201 6.25 -35.88 -33.61
N GLU H 202 6.97 -36.83 -34.19
CA GLU H 202 8.35 -37.09 -33.87
C GLU H 202 9.22 -36.14 -34.70
N PRO H 203 10.43 -35.87 -34.24
CA PRO H 203 11.41 -35.19 -35.06
C PRO H 203 12.03 -36.17 -36.06
N ALA H 204 12.19 -35.73 -37.31
CA ALA H 204 12.69 -36.60 -38.39
C ALA H 204 14.13 -37.05 -38.15
N GLY H 205 14.29 -38.33 -37.82
CA GLY H 205 15.58 -38.87 -37.39
C GLY H 205 16.22 -38.02 -36.30
N SER H 206 17.54 -37.94 -36.32
CA SER H 206 18.30 -37.23 -35.27
C SER H 206 18.25 -35.70 -35.37
N GLN H 207 17.13 -35.19 -35.87
CA GLN H 207 16.75 -33.78 -35.68
C GLN H 207 16.77 -33.48 -34.17
N GLY H 208 16.32 -34.45 -33.35
CA GLY H 208 16.38 -34.37 -31.88
C GLY H 208 17.56 -35.09 -31.21
N VAL H 209 18.79 -34.80 -31.65
CA VAL H 209 19.99 -35.31 -30.97
C VAL H 209 21.05 -34.19 -30.92
N TRP H 210 21.65 -33.88 -32.07
CA TRP H 210 22.63 -32.78 -32.16
C TRP H 210 22.12 -31.59 -32.99
N GLY H 211 20.83 -31.61 -33.32
CA GLY H 211 20.20 -30.52 -34.06
C GLY H 211 20.06 -29.22 -33.27
N LEU H 212 20.14 -28.10 -33.98
CA LEU H 212 19.72 -26.83 -33.42
C LEU H 212 18.36 -26.99 -32.77
N ASP H 213 17.37 -27.44 -33.55
CA ASP H 213 16.01 -27.55 -33.04
C ASP H 213 15.42 -28.91 -33.40
N ASP H 214 14.35 -29.30 -32.71
CA ASP H 214 13.59 -30.52 -33.07
C ASP H 214 13.02 -30.51 -34.47
N PHE H 215 12.71 -29.33 -35.01
CA PHE H 215 11.96 -29.26 -36.26
C PHE H 215 12.45 -28.26 -37.28
N GLN H 216 12.77 -27.06 -36.82
CA GLN H 216 12.91 -25.93 -37.71
C GLN H 216 14.36 -25.45 -37.74
N PHE H 217 14.72 -24.74 -38.80
CA PHE H 217 16.00 -24.05 -38.83
C PHE H 217 15.82 -22.62 -39.33
N LEU H 218 15.25 -22.48 -40.53
CA LEU H 218 15.05 -21.16 -41.16
C LEU H 218 14.56 -20.02 -40.25
N PRO H 219 13.59 -20.27 -39.34
CA PRO H 219 13.13 -19.13 -38.52
C PRO H 219 14.17 -18.58 -37.54
N PHE H 220 15.22 -19.33 -37.29
CA PHE H 220 16.29 -18.85 -36.44
C PHE H 220 17.24 -17.97 -37.28
N ILE H 221 17.34 -18.30 -38.56
CA ILE H 221 18.13 -17.47 -39.46
C ILE H 221 17.43 -16.10 -39.57
N TRP H 222 16.23 -16.12 -40.18
CA TRP H 222 15.47 -14.92 -40.44
C TRP H 222 15.15 -14.21 -39.13
N GLY H 223 14.81 -15.01 -38.12
CA GLY H 223 14.44 -14.49 -36.81
C GLY H 223 15.49 -13.63 -36.17
N SER H 224 16.76 -14.03 -36.31
CA SER H 224 17.85 -13.26 -35.71
C SER H 224 18.25 -12.11 -36.64
N SER H 225 17.91 -12.26 -37.92
CA SER H 225 18.07 -11.17 -38.89
C SER H 225 17.23 -9.99 -38.41
N GLN H 226 16.01 -10.31 -37.96
CA GLN H 226 15.14 -9.34 -37.30
C GLN H 226 15.89 -8.56 -36.23
N LEU H 227 16.59 -9.27 -35.34
CA LEU H 227 17.13 -8.68 -34.13
C LEU H 227 18.48 -8.00 -34.29
N ILE H 228 18.96 -7.87 -35.53
CA ILE H 228 20.18 -7.11 -35.79
C ILE H 228 19.94 -5.66 -35.40
N ASP H 229 20.88 -5.11 -34.61
CA ASP H 229 20.85 -3.73 -34.12
C ASP H 229 19.78 -3.43 -33.06
N HIS H 230 19.57 -4.34 -32.10
CA HIS H 230 18.56 -4.13 -31.05
C HIS H 230 19.13 -3.40 -29.81
N PRO H 231 18.35 -2.45 -29.23
CA PRO H 231 18.77 -1.69 -28.04
C PRO H 231 18.90 -2.51 -26.76
N TYR H 232 17.87 -3.28 -26.40
CA TYR H 232 17.84 -4.02 -25.14
C TYR H 232 18.07 -5.55 -25.29
N LEU H 233 17.44 -6.15 -26.28
CA LEU H 233 17.52 -7.59 -26.47
C LEU H 233 18.80 -7.97 -27.18
N GLU H 234 19.58 -8.82 -26.53
CA GLU H 234 20.82 -9.32 -27.08
C GLU H 234 20.86 -10.85 -26.99
N PRO H 235 21.64 -11.50 -27.88
CA PRO H 235 21.49 -12.97 -28.00
C PRO H 235 21.38 -13.67 -26.66
N ARG H 236 22.21 -13.27 -25.70
CA ARG H 236 22.27 -13.90 -24.38
C ARG H 236 20.98 -13.82 -23.55
N HIS H 237 20.00 -13.06 -24.02
CA HIS H 237 18.75 -12.90 -23.27
C HIS H 237 17.72 -13.98 -23.59
N PHE H 238 17.87 -14.68 -24.73
CA PHE H 238 16.81 -15.59 -25.20
C PHE H 238 16.59 -16.86 -24.36
N VAL H 239 17.42 -17.02 -23.34
CA VAL H 239 17.30 -18.15 -22.41
C VAL H 239 16.69 -17.76 -21.04
N ASP H 240 16.12 -16.56 -20.95
CA ASP H 240 15.39 -16.13 -19.75
C ASP H 240 13.90 -16.04 -20.09
N GLU H 241 13.10 -16.85 -19.39
CA GLU H 241 11.69 -17.05 -19.73
C GLU H 241 10.84 -15.80 -19.69
N LYS H 242 10.94 -15.07 -18.57
CA LYS H 242 10.31 -13.74 -18.41
C LYS H 242 10.62 -12.84 -19.62
N ALA H 243 11.91 -12.67 -19.89
CA ALA H 243 12.38 -11.89 -21.03
C ALA H 243 11.80 -12.35 -22.37
N VAL H 244 11.68 -13.66 -22.59
CA VAL H 244 11.02 -14.17 -23.80
C VAL H 244 9.53 -13.78 -23.83
N ASN H 245 8.79 -14.16 -22.77
CA ASN H 245 7.37 -13.80 -22.64
C ASN H 245 7.06 -12.36 -23.01
N GLU H 246 8.04 -11.49 -22.77
CA GLU H 246 7.94 -10.06 -23.06
C GLU H 246 7.87 -9.72 -24.55
N ASN H 247 8.62 -10.45 -25.37
CA ASN H 247 8.90 -9.97 -26.72
C ASN H 247 8.50 -10.84 -27.91
N HIS H 248 8.06 -12.08 -27.63
CA HIS H 248 7.78 -13.07 -28.70
C HIS H 248 6.75 -12.61 -29.75
N LYS H 249 5.80 -11.78 -29.35
CA LYS H 249 4.78 -11.28 -30.28
C LYS H 249 5.42 -10.54 -31.46
N ASP H 250 6.52 -9.83 -31.17
CA ASP H 250 7.22 -9.03 -32.18
C ASP H 250 8.29 -9.80 -32.99
N TYR H 251 8.77 -10.94 -32.46
CA TYR H 251 9.98 -11.58 -33.03
C TYR H 251 9.91 -13.09 -33.27
N MET H 252 10.25 -13.50 -34.49
CA MET H 252 10.16 -14.89 -34.93
C MET H 252 11.11 -15.77 -34.11
N PHE H 253 12.36 -15.34 -33.97
CA PHE H 253 13.35 -16.08 -33.19
C PHE H 253 12.82 -16.44 -31.80
N LEU H 254 12.28 -15.45 -31.09
CA LEU H 254 11.79 -15.67 -29.74
C LEU H 254 10.56 -16.58 -29.71
N GLU H 255 9.64 -16.38 -30.65
CA GLU H 255 8.48 -17.27 -30.78
C GLU H 255 8.93 -18.73 -30.78
N CYS H 256 10.00 -19.04 -31.52
CA CYS H 256 10.54 -20.39 -31.56
C CYS H 256 11.01 -20.90 -30.21
N ILE H 257 11.75 -20.05 -29.49
CA ILE H 257 12.20 -20.37 -28.15
C ILE H 257 11.01 -20.71 -27.27
N LEU H 258 9.97 -19.87 -27.37
CA LEU H 258 8.75 -20.02 -26.57
C LEU H 258 8.16 -21.41 -26.74
N PHE H 259 8.10 -21.85 -27.99
CA PHE H 259 7.60 -23.15 -28.32
C PHE H 259 8.44 -24.23 -27.64
N ILE H 260 9.75 -24.18 -27.83
CA ILE H 260 10.67 -25.14 -27.23
C ILE H 260 10.40 -25.28 -25.72
N THR H 261 10.37 -24.17 -25.00
CA THR H 261 10.14 -24.21 -23.55
C THR H 261 8.77 -24.77 -23.17
N GLU H 262 7.75 -24.51 -24.00
CA GLU H 262 6.47 -25.20 -23.88
C GLU H 262 6.60 -26.71 -24.08
N MET H 263 7.59 -27.13 -24.86
CA MET H 263 7.61 -28.50 -25.36
C MET H 263 8.72 -29.40 -24.83
N LYS H 264 9.58 -28.86 -23.97
CA LYS H 264 10.75 -29.61 -23.56
C LYS H 264 10.90 -29.69 -22.06
N THR H 265 11.39 -30.85 -21.61
CA THR H 265 11.60 -31.19 -20.21
C THR H 265 12.97 -30.70 -19.74
N GLY H 266 13.06 -30.36 -18.47
CA GLY H 266 14.34 -30.04 -17.84
C GLY H 266 14.99 -28.76 -18.34
N PRO H 267 16.28 -28.58 -18.01
CA PRO H 267 16.98 -27.32 -18.24
C PRO H 267 17.25 -27.07 -19.71
N PHE H 268 17.35 -25.80 -20.07
CA PHE H 268 17.60 -25.37 -21.43
C PHE H 268 18.87 -26.01 -22.01
N ALA H 269 20.00 -25.77 -21.33
CA ALA H 269 21.30 -26.30 -21.73
C ALA H 269 21.25 -27.80 -22.08
N GLU H 270 20.42 -28.53 -21.36
CA GLU H 270 20.22 -29.95 -21.59
C GLU H 270 19.42 -30.21 -22.88
N HIS H 271 18.28 -29.54 -23.05
CA HIS H 271 17.44 -29.90 -24.18
C HIS H 271 17.74 -29.23 -25.54
N SER H 272 18.28 -28.01 -25.50
CA SER H 272 18.68 -27.30 -26.70
C SER H 272 20.08 -26.71 -26.50
N ASN H 273 21.07 -27.61 -26.42
CA ASN H 273 22.44 -27.24 -26.12
C ASN H 273 23.08 -26.32 -27.15
N GLN H 274 22.74 -26.55 -28.42
CA GLN H 274 23.22 -25.70 -29.52
C GLN H 274 22.76 -24.23 -29.40
N LEU H 275 21.54 -24.01 -28.93
CA LEU H 275 21.02 -22.66 -28.74
C LEU H 275 21.57 -22.03 -27.46
N TRP H 276 21.70 -22.86 -26.42
CA TRP H 276 22.20 -22.41 -25.13
C TRP H 276 23.50 -21.67 -25.35
N ASN H 277 24.42 -22.28 -26.09
CA ASN H 277 25.73 -21.68 -26.29
C ASN H 277 25.71 -20.55 -27.31
N ILE H 278 24.79 -20.65 -28.26
CA ILE H 278 24.56 -19.57 -29.22
C ILE H 278 24.05 -18.28 -28.57
N SER H 279 23.52 -18.38 -27.35
CA SER H 279 23.10 -17.19 -26.62
C SER H 279 24.30 -16.37 -26.14
N ALA H 280 25.31 -17.04 -25.61
CA ALA H 280 26.54 -16.38 -25.15
C ALA H 280 27.21 -15.49 -26.20
N VAL H 281 26.98 -15.81 -27.47
CA VAL H 281 27.53 -15.09 -28.63
C VAL H 281 27.26 -13.59 -28.54
N PRO H 282 28.31 -12.77 -28.71
CA PRO H 282 28.15 -11.32 -28.55
C PRO H 282 26.87 -10.71 -29.17
N SER H 283 26.70 -10.79 -30.50
CA SER H 283 25.62 -10.02 -31.16
C SER H 283 24.72 -10.82 -32.11
N TRP H 284 23.49 -10.34 -32.29
CA TRP H 284 22.52 -10.93 -33.23
C TRP H 284 23.08 -10.95 -34.64
N SER H 285 24.04 -10.06 -34.89
CA SER H 285 24.75 -9.99 -36.16
C SER H 285 25.57 -11.27 -36.36
N LYS H 286 26.49 -11.54 -35.44
CA LYS H 286 27.28 -12.78 -35.40
C LYS H 286 26.40 -14.03 -35.40
N VAL H 287 25.33 -13.99 -34.61
CA VAL H 287 24.35 -15.08 -34.47
C VAL H 287 23.68 -15.39 -35.82
N ASN H 288 23.64 -14.39 -36.70
CA ASN H 288 23.04 -14.54 -38.02
C ASN H 288 23.98 -15.13 -39.08
N GLN H 289 25.28 -14.85 -38.97
CA GLN H 289 26.27 -15.47 -39.85
C GLN H 289 26.54 -16.91 -39.43
N GLY H 290 26.56 -17.15 -38.11
CA GLY H 290 26.72 -18.49 -37.56
C GLY H 290 25.55 -19.41 -37.87
N LEU H 291 24.35 -18.86 -37.91
CA LEU H 291 23.20 -19.70 -38.25
C LEU H 291 23.16 -20.00 -39.75
N ILE H 292 23.47 -19.01 -40.57
CA ILE H 292 23.58 -19.20 -42.02
C ILE H 292 24.58 -20.30 -42.35
N ARG H 293 25.77 -20.22 -41.75
CA ARG H 293 26.87 -21.19 -41.91
C ARG H 293 26.42 -22.60 -41.53
N MET H 294 25.87 -22.70 -40.33
CA MET H 294 25.40 -23.98 -39.82
C MET H 294 24.34 -24.61 -40.75
N TYR H 295 23.40 -23.79 -41.24
CA TYR H 295 22.33 -24.28 -42.10
C TYR H 295 22.88 -25.04 -43.33
N LYS H 296 23.91 -24.49 -43.94
CA LYS H 296 24.65 -25.17 -45.00
C LYS H 296 25.16 -26.54 -44.51
N ALA H 297 26.00 -26.53 -43.47
CA ALA H 297 26.64 -27.76 -42.98
C ALA H 297 25.62 -28.78 -42.49
N GLU H 298 24.83 -28.41 -41.48
CA GLU H 298 23.95 -29.34 -40.78
C GLU H 298 22.65 -29.71 -41.49
N CYS H 299 22.33 -29.03 -42.58
CA CYS H 299 21.08 -29.29 -43.27
C CYS H 299 21.31 -29.50 -44.77
N LEU H 300 21.78 -28.47 -45.48
CA LEU H 300 21.91 -28.52 -46.94
C LEU H 300 23.00 -29.46 -47.44
N GLU H 301 24.10 -29.56 -46.68
CA GLU H 301 25.24 -30.43 -47.00
C GLU H 301 25.22 -31.75 -46.23
N LYS H 302 24.15 -32.02 -45.49
CA LYS H 302 24.05 -33.27 -44.76
C LYS H 302 23.07 -34.24 -45.44
N PHE H 303 23.65 -35.11 -46.27
CA PHE H 303 22.93 -36.15 -47.01
C PHE H 303 21.61 -36.69 -46.40
N PRO H 304 21.65 -37.22 -45.15
CA PRO H 304 20.44 -37.72 -44.50
C PRO H 304 19.26 -36.74 -44.51
N VAL H 305 19.55 -35.45 -44.28
CA VAL H 305 18.51 -34.42 -44.17
C VAL H 305 17.95 -33.94 -45.52
N ILE H 306 18.81 -33.92 -46.54
CA ILE H 306 18.55 -33.21 -47.80
C ILE H 306 18.25 -34.11 -49.02
N GLN H 307 18.54 -35.41 -48.91
CA GLN H 307 18.39 -36.32 -50.05
C GLN H 307 16.94 -36.41 -50.60
N HIS H 308 15.98 -35.91 -49.82
CA HIS H 308 14.60 -35.89 -50.28
C HIS H 308 14.24 -34.57 -50.94
N PHE H 309 15.27 -33.83 -51.35
CA PHE H 309 14.99 -32.68 -52.17
C PHE H 309 14.49 -33.15 -53.53
N LYS H 310 13.47 -32.47 -54.04
CA LYS H 310 12.89 -32.82 -55.33
C LYS H 310 13.33 -31.83 -56.41
N PHE H 311 13.68 -32.36 -57.58
CA PHE H 311 14.26 -31.57 -58.65
C PHE H 311 13.42 -31.62 -59.93
N GLY H 312 13.23 -30.47 -60.57
CA GLY H 312 12.36 -30.36 -61.74
C GLY H 312 12.82 -29.35 -62.79
N SER H 313 11.88 -28.54 -63.27
CA SER H 313 12.23 -27.47 -64.21
C SER H 313 12.49 -26.16 -63.48
N LEU H 314 11.72 -25.89 -62.43
CA LEU H 314 11.85 -24.62 -61.72
C LEU H 314 13.03 -24.57 -60.76
N LEU H 315 13.34 -25.73 -60.16
CA LEU H 315 14.54 -25.89 -59.35
C LEU H 315 15.22 -27.17 -59.81
N PRO H 316 16.02 -27.06 -60.88
CA PRO H 316 16.63 -28.15 -61.64
C PRO H 316 18.02 -28.64 -61.21
N ILE H 317 18.25 -29.92 -61.48
CA ILE H 317 19.51 -30.57 -61.15
C ILE H 317 20.69 -30.17 -62.08
N HIS H 318 20.38 -29.77 -63.31
CA HIS H 318 21.41 -29.40 -64.29
C HIS H 318 22.37 -28.33 -63.74
N PRO H 319 23.68 -28.53 -63.94
CA PRO H 319 24.74 -27.62 -63.48
C PRO H 319 24.46 -26.13 -63.71
N VAL H 320 25.12 -25.30 -62.90
CA VAL H 320 24.97 -23.83 -63.01
C VAL H 320 25.76 -23.30 -64.22
N THR H 321 25.08 -22.50 -65.05
CA THR H 321 25.55 -22.12 -66.39
C THR H 321 26.05 -20.68 -66.60
N SER H 322 26.01 -19.87 -65.53
CA SER H 322 26.25 -18.41 -65.64
C SER H 322 27.70 -18.01 -65.97
#